data_5XSU
#
_entry.id   5XSU
#
_cell.length_a   103.670
_cell.length_b   107.270
_cell.length_c   142.540
_cell.angle_alpha   90.000
_cell.angle_beta   90.000
_cell.angle_gamma   90.000
#
_symmetry.space_group_name_H-M   'P 21 21 21'
#
loop_
_entity.id
_entity.type
_entity.pdbx_description
1 polymer 'Poly [ADP-ribose] polymerase 1'
2 non-polymer 'SULFATE ION'
3 non-polymer 6-fluoranyl-2-(4,5,6,7-tetrahydrofuro[2,3-c]pyridin-2-yl)-1~{H}-benzimidazole-4-carboxamide
4 water water
#
_entity_poly.entity_id   1
_entity_poly.type   'polypeptide(L)'
_entity_poly.pdbx_seq_one_letter_code
;GPLGSKSKLPKPVQDLIKMIFDVESMKKAMVEYEIDLQKMPLGKLSKRQIQAAYSILSEVQQAVSQGSSDSQILDLSNRF
YTLIPHDFGMKKPPLLNNADSVQAKAEMLDNLLDIEVAYSLLRGGSDDSSKDPIDVNYEKLKTDIKVVDRDSEEAEIIRK
YVKNTHATTHNAYDLEVIDIFKIEREGECQRYKPFKQLHNRRLLWHGSRTTNFAGILSQGLRIAPPEAPVTGYMFGKGIY
FADMVSKSANYCHTSQGDPIGLILLGEVALGNMYELKHASHISKLPKGKHSVKGLGKTTPDPSANISLDGVDVPLGTGIS
SGVNDTSLLYNEYIVYDIAQVNLKYLLKLKFNFKT
;
_entity_poly.pdbx_strand_id   A,B,C,D
#
# COMPACT_ATOMS: atom_id res chain seq x y z
N LYS A 6 -9.95 19.84 -11.06
CA LYS A 6 -9.87 21.28 -10.82
C LYS A 6 -10.39 21.64 -9.43
N SER A 7 -9.53 21.53 -8.42
CA SER A 7 -9.90 21.73 -7.02
C SER A 7 -9.53 23.12 -6.54
N LYS A 8 -10.40 23.72 -5.72
CA LYS A 8 -10.24 25.10 -5.27
C LYS A 8 -9.55 25.25 -3.92
N LEU A 9 -9.35 24.16 -3.15
CA LEU A 9 -8.72 24.22 -1.83
C LEU A 9 -7.22 24.48 -1.94
N PRO A 10 -6.63 25.13 -0.94
CA PRO A 10 -5.16 25.27 -0.97
C PRO A 10 -4.52 23.90 -1.02
N LYS A 11 -3.36 23.84 -1.68
CA LYS A 11 -2.66 22.58 -1.80
C LYS A 11 -2.42 21.90 -0.46
N PRO A 12 -1.97 22.58 0.59
CA PRO A 12 -1.80 21.88 1.87
C PRO A 12 -3.09 21.22 2.35
N VAL A 13 -4.25 21.86 2.16
CA VAL A 13 -5.50 21.20 2.56
C VAL A 13 -5.73 19.98 1.70
N GLN A 14 -5.44 20.08 0.40
CA GLN A 14 -5.59 18.93 -0.49
C GLN A 14 -4.65 17.81 -0.06
N ASP A 15 -3.41 18.14 0.28
CA ASP A 15 -2.49 17.13 0.75
C ASP A 15 -2.96 16.49 2.04
N LEU A 16 -3.62 17.27 2.91
CA LEU A 16 -4.19 16.70 4.12
C LEU A 16 -5.29 15.72 3.78
N ILE A 17 -6.18 16.09 2.85
CA ILE A 17 -7.27 15.20 2.48
C ILE A 17 -6.71 13.91 1.89
N LYS A 18 -5.65 14.03 1.09
CA LYS A 18 -5.05 12.83 0.49
C LYS A 18 -4.47 11.92 1.55
N MET A 19 -3.76 12.48 2.54
CA MET A 19 -3.13 11.58 3.50
C MET A 19 -4.17 10.87 4.38
N ILE A 20 -5.26 11.54 4.72
CA ILE A 20 -6.21 10.91 5.64
C ILE A 20 -7.14 9.92 4.96
N PHE A 21 -7.35 10.04 3.64
CA PHE A 21 -8.17 9.09 2.88
C PHE A 21 -7.31 8.13 2.05
N ASP A 22 -6.08 7.86 2.48
CA ASP A 22 -5.14 6.99 1.78
C ASP A 22 -5.50 5.52 2.00
N VAL A 23 -6.00 4.84 0.96
CA VAL A 23 -6.39 3.45 1.14
C VAL A 23 -5.18 2.53 1.36
N GLU A 24 -4.02 2.86 0.77
CA GLU A 24 -2.84 2.03 1.00
C GLU A 24 -2.42 2.07 2.47
N SER A 25 -2.48 3.24 3.10
CA SER A 25 -2.18 3.35 4.52
C SER A 25 -3.14 2.50 5.37
N MET A 26 -4.41 2.46 5.00
CA MET A 26 -5.36 1.62 5.73
C MET A 26 -4.94 0.17 5.69
N LYS A 27 -4.66 -0.35 4.49
CA LYS A 27 -4.26 -1.74 4.38
C LYS A 27 -2.94 -2.01 5.08
N LYS A 28 -2.00 -1.06 5.00
CA LYS A 28 -0.72 -1.24 5.69
C LYS A 28 -0.92 -1.33 7.20
N ALA A 29 -1.84 -0.53 7.74
CA ALA A 29 -2.08 -0.59 9.18
C ALA A 29 -2.67 -1.94 9.57
N MET A 30 -3.57 -2.48 8.75
CA MET A 30 -4.09 -3.82 9.02
C MET A 30 -2.99 -4.86 8.94
N VAL A 31 -2.08 -4.72 7.97
CA VAL A 31 -0.97 -5.66 7.85
C VAL A 31 -0.09 -5.58 9.09
N GLU A 32 0.18 -4.37 9.58
CA GLU A 32 0.99 -4.23 10.79
C GLU A 32 0.33 -4.88 11.99
N TYR A 33 -1.02 -4.85 12.06
CA TYR A 33 -1.74 -5.54 13.12
C TYR A 33 -1.77 -7.04 12.91
N GLU A 34 -1.22 -7.51 11.78
CA GLU A 34 -1.17 -8.92 11.42
C GLU A 34 -2.58 -9.49 11.23
N ILE A 35 -3.45 -8.67 10.68
CA ILE A 35 -4.78 -9.11 10.29
C ILE A 35 -4.65 -9.90 8.99
N ASP A 36 -5.49 -10.92 8.84
CA ASP A 36 -5.51 -11.67 7.60
C ASP A 36 -6.43 -10.93 6.63
N LEU A 37 -5.83 -10.26 5.65
CA LEU A 37 -6.61 -9.48 4.69
C LEU A 37 -7.32 -10.35 3.66
N GLN A 38 -6.79 -11.55 3.42
CA GLN A 38 -7.49 -12.52 2.59
C GLN A 38 -8.80 -12.96 3.25
N LYS A 39 -8.79 -13.15 4.56
CA LYS A 39 -10.03 -13.58 5.20
C LYS A 39 -10.89 -12.40 5.65
N MET A 40 -10.32 -11.24 5.91
CA MET A 40 -11.08 -10.05 6.29
C MET A 40 -10.57 -8.81 5.57
N PRO A 41 -10.92 -8.64 4.30
CA PRO A 41 -10.46 -7.44 3.57
C PRO A 41 -10.97 -6.16 4.22
N LEU A 42 -10.25 -5.08 3.92
CA LEU A 42 -10.68 -3.74 4.28
C LEU A 42 -12.15 -3.49 3.95
N GLY A 43 -12.56 -3.88 2.75
CA GLY A 43 -13.94 -3.69 2.36
C GLY A 43 -14.98 -4.47 3.13
N LYS A 44 -14.58 -5.37 4.02
CA LYS A 44 -15.54 -6.17 4.78
C LYS A 44 -15.55 -5.83 6.26
N LEU A 45 -14.69 -4.89 6.70
CA LEU A 45 -14.72 -4.44 8.08
C LEU A 45 -16.13 -4.03 8.46
N SER A 46 -16.60 -4.54 9.59
CA SER A 46 -17.97 -4.35 10.07
C SER A 46 -17.96 -3.69 11.44
N LYS A 47 -18.73 -2.63 11.61
CA LYS A 47 -18.90 -2.05 12.95
C LYS A 47 -19.51 -3.07 13.91
N ARG A 48 -20.44 -3.91 13.42
CA ARG A 48 -21.06 -4.91 14.28
C ARG A 48 -20.08 -6.02 14.64
N GLN A 49 -19.28 -6.49 13.68
CA GLN A 49 -18.28 -7.48 14.02
C GLN A 49 -17.31 -6.91 15.03
N ILE A 50 -16.88 -5.67 14.81
CA ILE A 50 -15.92 -5.05 15.72
C ILE A 50 -16.55 -4.86 17.10
N GLN A 51 -17.83 -4.46 17.14
CA GLN A 51 -18.48 -4.31 18.42
C GLN A 51 -18.50 -5.64 19.17
N ALA A 52 -18.80 -6.72 18.46
CA ALA A 52 -18.81 -8.04 19.10
C ALA A 52 -17.40 -8.42 19.55
N ALA A 53 -16.38 -8.05 18.78
CA ALA A 53 -15.01 -8.32 19.21
C ALA A 53 -14.67 -7.63 20.52
N TYR A 54 -15.10 -6.37 20.69
CA TYR A 54 -14.93 -5.68 21.96
C TYR A 54 -15.56 -6.48 23.10
N SER A 55 -16.80 -6.94 22.88
CA SER A 55 -17.51 -7.65 23.92
C SER A 55 -16.77 -8.90 24.35
N ILE A 56 -16.23 -9.66 23.39
CA ILE A 56 -15.43 -10.83 23.72
C ILE A 56 -14.20 -10.44 24.52
N LEU A 57 -13.53 -9.34 24.14
CA LEU A 57 -12.38 -8.90 24.93
C LEU A 57 -12.80 -8.57 26.35
N SER A 58 -14.02 -8.08 26.55
CA SER A 58 -14.55 -7.80 27.89
C SER A 58 -14.76 -9.08 28.68
N GLU A 59 -15.36 -10.10 28.06
CA GLU A 59 -15.45 -11.42 28.68
C GLU A 59 -14.08 -11.97 29.03
N VAL A 60 -13.11 -11.86 28.12
CA VAL A 60 -11.76 -12.29 28.43
C VAL A 60 -11.24 -11.57 29.66
N GLN A 61 -11.45 -10.25 29.70
CA GLN A 61 -10.90 -9.43 30.78
C GLN A 61 -11.49 -9.85 32.12
N GLN A 62 -12.81 -10.10 32.14
CA GLN A 62 -13.50 -10.54 33.34
C GLN A 62 -13.09 -11.94 33.77
N ALA A 63 -12.60 -12.76 32.84
CA ALA A 63 -12.22 -14.12 33.14
C ALA A 63 -10.77 -14.24 33.59
N VAL A 64 -9.88 -13.33 33.18
CA VAL A 64 -8.58 -13.27 33.85
C VAL A 64 -8.79 -12.93 35.33
N SER A 65 -9.57 -11.87 35.60
CA SER A 65 -9.80 -11.41 36.97
C SER A 65 -10.60 -12.42 37.79
N GLN A 66 -11.55 -13.12 37.15
CA GLN A 66 -12.29 -14.16 37.86
C GLN A 66 -11.41 -15.36 38.21
N GLY A 67 -10.27 -15.51 37.55
CA GLY A 67 -9.48 -16.73 37.63
C GLY A 67 -10.15 -17.93 37.00
N SER A 68 -10.84 -17.74 35.88
CA SER A 68 -11.52 -18.82 35.18
C SER A 68 -10.55 -19.87 34.66
N SER A 69 -11.12 -21.05 34.35
CA SER A 69 -10.35 -22.14 33.76
C SER A 69 -9.66 -21.68 32.48
N ASP A 70 -8.50 -22.30 32.20
CA ASP A 70 -7.77 -21.96 30.98
C ASP A 70 -8.51 -22.40 29.74
N SER A 71 -9.36 -23.42 29.87
CA SER A 71 -10.16 -23.84 28.73
C SER A 71 -11.20 -22.78 28.40
N GLN A 72 -11.81 -22.18 29.43
CA GLN A 72 -12.79 -21.12 29.18
C GLN A 72 -12.11 -19.89 28.59
N ILE A 73 -10.91 -19.57 29.07
CA ILE A 73 -10.18 -18.42 28.56
C ILE A 73 -9.68 -18.66 27.13
N LEU A 74 -9.06 -19.81 26.87
CA LEU A 74 -8.62 -20.13 25.51
C LEU A 74 -9.79 -20.08 24.55
N ASP A 75 -10.93 -20.63 24.95
CA ASP A 75 -12.09 -20.62 24.06
C ASP A 75 -12.52 -19.18 23.74
N LEU A 76 -12.53 -18.30 24.75
CA LEU A 76 -12.90 -16.91 24.49
C LEU A 76 -11.86 -16.23 23.62
N SER A 77 -10.57 -16.49 23.89
CA SER A 77 -9.52 -15.93 23.06
C SER A 77 -9.61 -16.41 21.62
N ASN A 78 -10.15 -17.62 21.40
CA ASN A 78 -10.26 -18.12 20.04
C ASN A 78 -11.48 -17.56 19.34
N ARG A 79 -12.55 -17.32 20.10
CA ARG A 79 -13.70 -16.64 19.52
C ARG A 79 -13.30 -15.27 19.00
N PHE A 80 -12.49 -14.52 19.77
CA PHE A 80 -12.00 -13.22 19.29
C PHE A 80 -11.24 -13.38 17.97
N TYR A 81 -10.40 -14.41 17.86
CA TYR A 81 -9.57 -14.55 16.66
C TYR A 81 -10.39 -15.03 15.48
N THR A 82 -11.55 -15.60 15.76
CA THR A 82 -12.52 -15.94 14.74
C THR A 82 -13.25 -14.70 14.26
N LEU A 83 -13.56 -13.78 15.17
CA LEU A 83 -14.19 -12.53 14.77
C LEU A 83 -13.23 -11.67 13.97
N ILE A 84 -11.99 -11.53 14.42
CA ILE A 84 -11.02 -10.72 13.71
C ILE A 84 -9.87 -11.63 13.30
N PRO A 85 -9.89 -12.20 12.10
CA PRO A 85 -8.88 -13.19 11.73
C PRO A 85 -7.50 -12.56 11.58
N HIS A 86 -6.48 -13.27 12.08
CA HIS A 86 -5.09 -12.85 12.01
C HIS A 86 -4.26 -13.87 11.22
N ASP A 87 -3.05 -13.47 10.87
CA ASP A 87 -2.11 -14.34 10.17
C ASP A 87 -0.74 -14.06 10.77
N PHE A 88 -0.31 -14.89 11.70
CA PHE A 88 0.94 -14.67 12.39
C PHE A 88 2.13 -15.39 11.75
N GLY A 89 1.97 -16.08 10.64
CA GLY A 89 3.12 -16.72 10.05
C GLY A 89 3.71 -17.83 10.89
N MET A 90 4.81 -17.54 11.60
CA MET A 90 5.58 -18.57 12.31
C MET A 90 5.11 -18.75 13.75
N LYS A 91 4.84 -17.64 14.44
CA LYS A 91 4.39 -17.65 15.82
C LYS A 91 2.90 -18.00 15.90
N LYS A 92 2.47 -18.35 17.10
CA LYS A 92 1.04 -18.54 17.31
C LYS A 92 0.39 -17.22 17.65
N PRO A 93 -0.90 -17.06 17.34
CA PRO A 93 -1.65 -15.94 17.92
C PRO A 93 -1.57 -15.99 19.43
N PRO A 94 -1.06 -14.93 20.04
CA PRO A 94 -0.92 -14.89 21.50
C PRO A 94 -2.23 -15.21 22.19
N LEU A 95 -2.17 -16.05 23.22
CA LEU A 95 -3.37 -16.29 24.00
C LEU A 95 -3.76 -14.98 24.67
N LEU A 96 -5.04 -14.65 24.58
CA LEU A 96 -5.55 -13.46 25.25
C LEU A 96 -5.89 -13.82 26.69
N ASN A 97 -4.87 -13.88 27.53
CA ASN A 97 -5.08 -14.29 28.92
C ASN A 97 -4.59 -13.25 29.91
N ASN A 98 -4.32 -12.02 29.48
CA ASN A 98 -3.72 -11.05 30.38
C ASN A 98 -4.08 -9.63 29.97
N ALA A 99 -3.91 -8.71 30.93
CA ALA A 99 -4.27 -7.33 30.70
C ALA A 99 -3.54 -6.75 29.48
N ASP A 100 -2.25 -7.06 29.31
CA ASP A 100 -1.51 -6.39 28.25
C ASP A 100 -1.90 -6.91 26.87
N SER A 101 -2.28 -8.18 26.78
CA SER A 101 -2.75 -8.72 25.50
C SER A 101 -4.13 -8.16 25.18
N VAL A 102 -5.00 -8.05 26.19
CA VAL A 102 -6.35 -7.51 25.98
C VAL A 102 -6.30 -6.06 25.57
N GLN A 103 -5.47 -5.26 26.23
CA GLN A 103 -5.36 -3.85 25.91
C GLN A 103 -4.81 -3.63 24.49
N ALA A 104 -3.84 -4.45 24.07
CA ALA A 104 -3.29 -4.33 22.73
C ALA A 104 -4.36 -4.59 21.68
N LYS A 105 -5.17 -5.65 21.84
CA LYS A 105 -6.25 -5.94 20.89
C LYS A 105 -7.34 -4.88 20.94
N ALA A 106 -7.58 -4.31 22.12
CA ALA A 106 -8.59 -3.25 22.24
C ALA A 106 -8.13 -1.97 21.55
N GLU A 107 -6.87 -1.58 21.75
CA GLU A 107 -6.33 -0.40 21.07
C GLU A 107 -6.36 -0.60 19.57
N MET A 108 -6.06 -1.82 19.12
CA MET A 108 -6.17 -2.15 17.70
C MET A 108 -7.62 -2.09 17.22
N LEU A 109 -8.56 -2.61 18.01
CA LEU A 109 -9.95 -2.50 17.57
C LEU A 109 -10.37 -1.04 17.43
N ASP A 110 -9.89 -0.17 18.32
CA ASP A 110 -10.27 1.24 18.21
C ASP A 110 -9.77 1.80 16.89
N ASN A 111 -8.51 1.52 16.56
CA ASN A 111 -7.96 1.92 15.28
C ASN A 111 -8.73 1.32 14.11
N LEU A 112 -9.14 0.06 14.23
CA LEU A 112 -9.88 -0.57 13.15
C LEU A 112 -11.20 0.14 12.91
N LEU A 113 -11.90 0.53 13.98
CA LEU A 113 -13.18 1.20 13.82
C LEU A 113 -13.04 2.48 13.01
N ASP A 114 -12.04 3.29 13.31
CA ASP A 114 -11.89 4.54 12.56
C ASP A 114 -11.50 4.28 11.12
N ILE A 115 -10.74 3.19 10.88
CA ILE A 115 -10.42 2.82 9.50
C ILE A 115 -11.69 2.47 8.73
N GLU A 116 -12.59 1.74 9.37
CA GLU A 116 -13.90 1.45 8.78
C GLU A 116 -14.66 2.75 8.48
N VAL A 117 -14.59 3.72 9.40
CA VAL A 117 -15.27 5.00 9.15
C VAL A 117 -14.67 5.69 7.93
N ALA A 118 -13.35 5.71 7.82
CA ALA A 118 -12.70 6.38 6.69
C ALA A 118 -13.04 5.69 5.36
N TYR A 119 -12.96 4.38 5.33
CA TYR A 119 -13.15 3.68 4.06
C TYR A 119 -14.61 3.69 3.63
N SER A 120 -15.53 3.56 4.59
CA SER A 120 -16.95 3.61 4.22
C SER A 120 -17.35 5.04 3.85
N LEU A 121 -16.68 6.05 4.40
CA LEU A 121 -16.86 7.43 3.94
C LEU A 121 -16.35 7.59 2.51
N LEU A 122 -15.14 7.13 2.25
CA LEU A 122 -14.55 7.26 0.91
C LEU A 122 -15.40 6.55 -0.13
N ARG A 123 -16.06 5.47 0.24
CA ARG A 123 -16.87 4.68 -0.67
C ARG A 123 -18.35 5.09 -0.64
N GLY A 124 -18.67 6.26 -0.12
CA GLY A 124 -20.06 6.70 -0.01
C GLY A 124 -20.42 7.80 -1.01
N GLY A 125 -21.74 8.02 -1.14
CA GLY A 125 -22.32 8.86 -2.18
C GLY A 125 -21.58 10.13 -2.57
N SER A 129 -21.83 14.04 -9.39
CA SER A 129 -20.57 13.36 -9.72
C SER A 129 -19.72 14.21 -10.66
N SER A 130 -19.62 15.51 -10.37
CA SER A 130 -18.92 16.45 -11.24
C SER A 130 -18.16 17.52 -10.45
N LYS A 131 -17.64 17.17 -9.27
CA LYS A 131 -16.75 18.05 -8.52
C LYS A 131 -15.33 17.48 -8.53
N ASP A 132 -14.35 18.33 -8.19
CA ASP A 132 -12.95 17.92 -8.20
C ASP A 132 -12.71 16.78 -7.21
N PRO A 133 -11.65 15.99 -7.44
CA PRO A 133 -11.43 14.82 -6.58
C PRO A 133 -11.24 15.12 -5.09
N ILE A 134 -10.23 15.93 -4.76
CA ILE A 134 -9.96 16.24 -3.36
C ILE A 134 -11.16 16.92 -2.72
N ASP A 135 -11.96 17.65 -3.51
CA ASP A 135 -13.03 18.42 -2.92
C ASP A 135 -14.24 17.58 -2.49
N VAL A 136 -14.58 16.49 -3.20
CA VAL A 136 -15.74 15.70 -2.75
C VAL A 136 -15.44 15.00 -1.43
N ASN A 137 -14.20 14.55 -1.23
CA ASN A 137 -13.88 13.86 0.01
C ASN A 137 -13.70 14.85 1.16
N TYR A 138 -13.17 16.03 0.85
CA TYR A 138 -13.10 17.10 1.83
C TYR A 138 -14.48 17.38 2.42
N GLU A 139 -15.52 17.36 1.58
CA GLU A 139 -16.87 17.64 2.08
C GLU A 139 -17.35 16.56 3.03
N LYS A 140 -16.89 15.32 2.86
CA LYS A 140 -17.32 14.23 3.73
C LYS A 140 -16.80 14.40 5.14
N LEU A 141 -15.72 15.14 5.34
CA LEU A 141 -15.22 15.33 6.68
C LEU A 141 -16.08 16.25 7.52
N LYS A 142 -17.02 16.98 6.89
CA LYS A 142 -17.92 17.95 7.56
C LYS A 142 -17.12 18.89 8.45
N THR A 143 -15.96 19.31 7.97
CA THR A 143 -15.07 20.13 8.76
C THR A 143 -14.61 21.26 7.87
N ASP A 144 -14.74 22.49 8.34
CA ASP A 144 -14.11 23.61 7.65
C ASP A 144 -12.63 23.59 7.97
N ILE A 145 -11.79 23.54 6.93
CA ILE A 145 -10.34 23.48 7.12
C ILE A 145 -9.72 24.65 6.38
N LYS A 146 -8.96 25.46 7.10
CA LYS A 146 -8.28 26.60 6.50
C LYS A 146 -6.81 26.52 6.87
N VAL A 147 -5.95 27.00 5.98
CA VAL A 147 -4.53 27.04 6.29
C VAL A 147 -4.23 28.31 7.07
N VAL A 148 -3.42 28.18 8.11
CA VAL A 148 -2.99 29.32 8.92
C VAL A 148 -1.73 29.87 8.28
N ASP A 149 -1.75 31.15 7.93
CA ASP A 149 -0.58 31.73 7.28
C ASP A 149 0.62 31.56 8.20
N ARG A 150 1.72 31.06 7.63
CA ARG A 150 2.91 30.81 8.44
C ARG A 150 3.45 32.09 9.04
N ASP A 151 3.23 33.23 8.37
CA ASP A 151 3.74 34.52 8.81
C ASP A 151 2.89 35.17 9.89
N SER A 152 1.83 34.50 10.35
CA SER A 152 0.91 35.07 11.33
C SER A 152 1.46 34.91 12.74
N GLU A 153 0.97 35.77 13.65
CA GLU A 153 1.26 35.58 15.06
C GLU A 153 0.58 34.34 15.61
N GLU A 154 -0.58 33.99 15.03
CA GLU A 154 -1.24 32.72 15.33
C GLU A 154 -0.23 31.58 15.19
N ALA A 155 0.40 31.48 14.01
CA ALA A 155 1.41 30.45 13.78
C ALA A 155 2.57 30.55 14.76
N GLU A 156 2.98 31.78 15.09
CA GLU A 156 4.14 31.95 15.96
C GLU A 156 3.88 31.39 17.36
N ILE A 157 2.67 31.61 17.90
CA ILE A 157 2.34 31.04 19.22
C ILE A 157 2.40 29.51 19.15
N ILE A 158 1.82 28.93 18.10
CA ILE A 158 1.75 27.47 18.00
C ILE A 158 3.14 26.86 17.89
N ARG A 159 4.04 27.46 17.09
CA ARG A 159 5.39 26.93 16.99
C ARG A 159 6.14 27.06 18.33
N LYS A 160 5.91 28.12 19.09
CA LYS A 160 6.55 28.17 20.40
C LYS A 160 6.00 27.08 21.32
N TYR A 161 4.68 26.82 21.26
CA TYR A 161 4.10 25.73 22.05
C TYR A 161 4.79 24.41 21.71
N VAL A 162 4.88 24.08 20.42
CA VAL A 162 5.54 22.85 19.99
C VAL A 162 7.02 22.85 20.40
N LYS A 163 7.72 23.97 20.16
CA LYS A 163 9.15 24.01 20.47
C LYS A 163 9.41 23.88 21.96
N ASN A 164 8.61 24.56 22.78
CA ASN A 164 8.92 24.65 24.21
C ASN A 164 8.47 23.45 25.03
N THR A 165 7.52 22.64 24.55
CA THR A 165 6.95 21.61 25.39
C THR A 165 7.35 20.21 24.93
N HIS A 166 8.41 20.10 24.16
CA HIS A 166 9.00 18.80 23.88
C HIS A 166 9.71 18.26 25.12
N ALA A 167 9.40 17.03 25.49
CA ALA A 167 9.91 16.47 26.74
C ALA A 167 11.36 16.02 26.57
N THR A 168 12.12 16.14 27.67
CA THR A 168 13.51 15.68 27.68
C THR A 168 13.60 14.17 27.55
N THR A 169 12.65 13.44 28.15
CA THR A 169 12.64 11.98 28.06
C THR A 169 12.31 11.47 26.67
N HIS A 170 11.62 12.26 25.85
CA HIS A 170 11.23 11.81 24.51
C HIS A 170 12.29 12.25 23.52
N ASN A 171 13.46 11.61 23.62
CA ASN A 171 14.66 12.02 22.89
C ASN A 171 14.74 11.43 21.48
N ALA A 172 13.78 10.59 21.10
CA ALA A 172 13.87 9.83 19.85
C ALA A 172 13.65 10.67 18.59
N TYR A 173 13.12 11.89 18.70
CA TYR A 173 12.86 12.66 17.49
C TYR A 173 12.79 14.15 17.83
N ASP A 174 12.92 14.98 16.79
CA ASP A 174 12.64 16.41 16.85
C ASP A 174 11.38 16.66 16.03
N LEU A 175 10.75 17.81 16.25
CA LEU A 175 9.51 18.11 15.55
C LEU A 175 9.63 19.41 14.78
N GLU A 176 9.03 19.44 13.59
CA GLU A 176 8.98 20.64 12.77
C GLU A 176 7.56 20.83 12.25
N VAL A 177 6.98 21.99 12.52
CA VAL A 177 5.63 22.25 12.01
C VAL A 177 5.73 22.42 10.51
N ILE A 178 4.99 21.59 9.77
CA ILE A 178 4.96 21.70 8.32
C ILE A 178 3.79 22.61 7.95
N ASP A 179 2.59 22.24 8.37
CA ASP A 179 1.38 23.02 8.16
C ASP A 179 0.65 23.18 9.47
N ILE A 180 0.02 24.34 9.63
CA ILE A 180 -0.92 24.61 10.70
C ILE A 180 -2.27 24.87 10.06
N PHE A 181 -3.26 24.04 10.39
CA PHE A 181 -4.63 24.23 9.92
C PHE A 181 -5.52 24.67 11.07
N LYS A 182 -6.46 25.57 10.78
CA LYS A 182 -7.54 25.90 11.69
C LYS A 182 -8.77 25.14 11.22
N ILE A 183 -9.43 24.45 12.14
CA ILE A 183 -10.52 23.55 11.77
C ILE A 183 -11.76 23.93 12.56
N GLU A 184 -12.92 23.74 11.93
CA GLU A 184 -14.20 23.98 12.59
C GLU A 184 -15.08 22.81 12.17
N ARG A 185 -15.26 21.86 13.09
CA ARG A 185 -16.13 20.72 12.83
C ARG A 185 -17.57 21.19 12.83
N GLU A 186 -18.34 20.73 11.87
CA GLU A 186 -19.74 21.10 11.83
C GLU A 186 -20.45 20.67 13.10
N GLY A 187 -21.20 21.59 13.70
CA GLY A 187 -21.98 21.33 14.88
C GLY A 187 -21.22 21.35 16.18
N GLU A 188 -19.89 21.47 16.14
CA GLU A 188 -19.13 21.39 17.38
C GLU A 188 -19.25 22.68 18.18
N CYS A 189 -19.37 23.82 17.51
CA CYS A 189 -19.59 25.07 18.23
C CYS A 189 -20.84 24.97 19.09
N GLN A 190 -21.96 24.57 18.48
CA GLN A 190 -23.20 24.45 19.22
C GLN A 190 -23.07 23.42 20.34
N ARG A 191 -22.45 22.27 20.03
CA ARG A 191 -22.29 21.21 21.02
C ARG A 191 -21.39 21.69 22.17
N TYR A 192 -20.37 22.50 21.86
CA TYR A 192 -19.45 22.99 22.88
C TYR A 192 -20.03 24.14 23.69
N LYS A 193 -21.04 24.84 23.16
CA LYS A 193 -21.56 26.08 23.78
C LYS A 193 -21.82 25.98 25.27
N PRO A 194 -22.55 24.99 25.79
CA PRO A 194 -22.80 24.96 27.25
C PRO A 194 -21.55 24.97 28.09
N PHE A 195 -20.45 24.40 27.63
CA PHE A 195 -19.25 24.28 28.44
C PHE A 195 -18.30 25.44 28.28
N LYS A 196 -18.60 26.40 27.40
CA LYS A 196 -17.75 27.58 27.37
C LYS A 196 -17.86 28.34 28.68
N GLN A 197 -18.92 28.09 29.46
CA GLN A 197 -19.12 28.77 30.73
C GLN A 197 -18.37 28.09 31.85
N LEU A 198 -17.84 26.90 31.60
CA LEU A 198 -16.89 26.28 32.51
C LEU A 198 -15.64 27.13 32.59
N HIS A 199 -15.06 27.24 33.76
CA HIS A 199 -13.82 27.96 33.85
C HIS A 199 -12.67 27.05 33.39
N ASN A 200 -11.47 27.62 33.30
CA ASN A 200 -10.28 26.81 33.09
C ASN A 200 -10.24 26.14 31.71
N ARG A 201 -10.41 26.94 30.69
CA ARG A 201 -10.39 26.43 29.32
C ARG A 201 -8.96 26.49 28.80
N ARG A 202 -8.49 25.35 28.27
CA ARG A 202 -7.08 25.15 27.98
C ARG A 202 -6.93 24.60 26.56
N LEU A 203 -5.87 25.02 25.89
CA LEU A 203 -5.55 24.53 24.55
C LEU A 203 -4.51 23.42 24.71
N LEU A 204 -4.90 22.19 24.34
CA LEU A 204 -4.13 21.02 24.70
C LEU A 204 -3.91 20.14 23.48
N TRP A 205 -2.85 19.31 23.58
CA TRP A 205 -2.45 18.40 22.51
C TRP A 205 -3.23 17.10 22.63
N HIS A 206 -3.60 16.56 21.49
CA HIS A 206 -4.07 15.19 21.40
C HIS A 206 -3.51 14.60 20.10
N GLY A 207 -2.66 13.57 20.24
CA GLY A 207 -2.11 12.88 19.11
C GLY A 207 -2.91 11.62 18.84
N SER A 208 -2.84 11.15 17.60
CA SER A 208 -3.49 9.94 17.14
C SER A 208 -2.87 9.53 15.81
N ARG A 209 -3.07 8.26 15.44
CA ARG A 209 -2.60 7.74 14.16
C ARG A 209 -3.33 8.41 13.01
N THR A 210 -2.58 8.60 11.92
CA THR A 210 -3.13 9.27 10.74
C THR A 210 -4.39 8.57 10.22
N THR A 211 -4.41 7.23 10.26
CA THR A 211 -5.59 6.52 9.77
C THR A 211 -6.83 6.78 10.62
N ASN A 212 -6.69 7.48 11.75
CA ASN A 212 -7.84 7.83 12.57
C ASN A 212 -8.49 9.17 12.22
N PHE A 213 -7.84 10.04 11.42
CA PHE A 213 -8.30 11.42 11.36
C PHE A 213 -9.57 11.63 10.53
N ALA A 214 -9.90 10.76 9.56
CA ALA A 214 -11.20 10.91 8.92
C ALA A 214 -12.33 10.72 9.92
N GLY A 215 -12.19 9.72 10.80
CA GLY A 215 -13.18 9.54 11.85
C GLY A 215 -13.14 10.66 12.87
N ILE A 216 -11.93 11.08 13.27
CA ILE A 216 -11.82 12.16 14.25
C ILE A 216 -12.48 13.41 13.72
N LEU A 217 -12.20 13.76 12.46
CA LEU A 217 -12.76 14.99 11.91
C LEU A 217 -14.26 14.86 11.65
N SER A 218 -14.72 13.72 11.14
CA SER A 218 -16.16 13.69 10.89
C SER A 218 -16.97 13.46 12.17
N GLN A 219 -16.40 12.82 13.18
CA GLN A 219 -17.16 12.50 14.37
C GLN A 219 -16.63 13.15 15.64
N GLY A 220 -15.47 13.81 15.60
CA GLY A 220 -14.88 14.38 16.80
C GLY A 220 -14.13 13.34 17.62
N LEU A 221 -13.34 13.82 18.58
CA LEU A 221 -12.73 12.93 19.55
C LEU A 221 -13.83 12.18 20.29
N ARG A 222 -13.67 10.86 20.42
CA ARG A 222 -14.68 10.02 21.03
C ARG A 222 -14.08 9.23 22.19
N ILE A 223 -14.98 8.71 22.99
CA ILE A 223 -14.67 7.88 24.15
C ILE A 223 -14.83 6.41 23.76
N ALA A 224 -13.99 5.54 24.32
CA ALA A 224 -14.14 4.11 24.05
C ALA A 224 -15.55 3.66 24.43
N PRO A 225 -16.18 2.80 23.62
CA PRO A 225 -17.56 2.39 23.88
C PRO A 225 -17.66 1.51 25.11
N PRO A 226 -18.86 1.39 25.71
CA PRO A 226 -19.01 0.56 26.92
C PRO A 226 -18.70 -0.92 26.71
N GLU A 227 -18.82 -1.43 25.49
CA GLU A 227 -18.51 -2.82 25.22
C GLU A 227 -17.03 -3.10 25.40
N ALA A 228 -16.20 -2.05 25.42
CA ALA A 228 -14.76 -2.21 25.45
C ALA A 228 -14.29 -2.59 26.86
N PRO A 229 -13.18 -3.32 26.96
CA PRO A 229 -12.62 -3.70 28.28
C PRO A 229 -12.31 -2.49 29.16
N VAL A 230 -12.60 -2.62 30.46
CA VAL A 230 -12.30 -1.55 31.42
C VAL A 230 -10.81 -1.48 31.78
N THR A 231 -10.05 -2.51 31.46
CA THR A 231 -8.60 -2.54 31.64
C THR A 231 -7.89 -1.60 30.65
N GLY A 232 -6.74 -1.08 31.07
CA GLY A 232 -5.85 -0.32 30.19
C GLY A 232 -5.90 1.20 30.21
N TYR A 233 -6.80 1.81 30.95
CA TYR A 233 -6.88 3.26 31.04
C TYR A 233 -6.35 3.74 32.40
N MET A 234 -5.35 4.63 32.40
CA MET A 234 -4.89 5.17 33.68
C MET A 234 -6.01 5.89 34.43
N PHE A 235 -6.86 6.62 33.70
CA PHE A 235 -7.95 7.36 34.30
C PHE A 235 -9.30 7.04 33.66
N GLY A 236 -9.49 5.79 33.20
CA GLY A 236 -10.77 5.36 32.70
C GLY A 236 -11.06 5.74 31.28
N LYS A 237 -12.30 5.48 30.89
CA LYS A 237 -12.67 5.73 29.51
C LYS A 237 -13.01 7.21 29.37
N GLY A 238 -12.08 7.99 28.82
CA GLY A 238 -12.32 9.39 28.53
C GLY A 238 -11.54 9.90 27.33
N ILE A 239 -11.48 11.21 27.15
CA ILE A 239 -10.62 11.82 26.14
C ILE A 239 -9.41 12.41 26.86
N TYR A 240 -8.23 12.01 26.40
CA TYR A 240 -6.96 12.34 27.05
C TYR A 240 -6.22 13.43 26.27
N PHE A 241 -5.56 14.32 26.99
CA PHE A 241 -4.78 15.41 26.42
C PHE A 241 -3.47 15.58 27.18
N ALA A 242 -2.49 16.17 26.50
CA ALA A 242 -1.22 16.56 27.12
C ALA A 242 -1.02 18.08 27.02
N ASP A 243 -0.19 18.61 27.89
CA ASP A 243 0.32 19.95 27.67
C ASP A 243 1.77 19.94 27.21
N MET A 244 2.35 18.74 27.03
CA MET A 244 3.66 18.56 26.41
C MET A 244 3.44 17.90 25.06
N VAL A 245 3.84 18.57 23.98
CA VAL A 245 3.51 18.13 22.62
C VAL A 245 4.03 16.72 22.36
N SER A 246 5.20 16.37 22.88
CA SER A 246 5.77 15.07 22.55
C SER A 246 5.01 13.94 23.22
N LYS A 247 4.41 14.18 24.39
CA LYS A 247 3.60 13.14 25.00
C LYS A 247 2.43 12.79 24.10
N SER A 248 1.83 13.79 23.45
CA SER A 248 0.76 13.49 22.51
C SER A 248 1.32 12.99 21.18
N ALA A 249 2.45 13.53 20.74
CA ALA A 249 3.00 13.12 19.44
C ALA A 249 3.44 11.66 19.45
N ASN A 250 3.85 11.13 20.62
CA ASN A 250 4.14 9.70 20.69
C ASN A 250 2.94 8.88 20.23
N TYR A 251 1.71 9.41 20.37
CA TYR A 251 0.52 8.67 19.99
C TYR A 251 0.21 8.75 18.51
N CYS A 252 1.06 9.43 17.73
CA CYS A 252 0.92 9.38 16.28
C CYS A 252 1.42 8.06 15.72
N HIS A 253 2.26 7.33 16.44
CA HIS A 253 2.90 6.09 15.96
C HIS A 253 3.55 6.31 14.60
N THR A 254 4.31 7.41 14.47
CA THR A 254 5.04 7.62 13.24
C THR A 254 6.40 6.90 13.30
N SER A 255 6.94 6.60 12.12
CA SER A 255 8.20 5.86 12.00
C SER A 255 9.07 6.53 10.94
N GLN A 256 10.27 5.98 10.75
CA GLN A 256 11.13 6.49 9.68
C GLN A 256 10.53 6.22 8.30
N GLY A 257 9.74 5.16 8.18
CA GLY A 257 9.12 4.89 6.89
C GLY A 257 8.07 5.93 6.52
N ASP A 258 7.22 6.30 7.48
CA ASP A 258 6.25 7.38 7.32
C ASP A 258 6.51 8.31 8.50
N PRO A 259 7.32 9.36 8.30
CA PRO A 259 7.71 10.21 9.42
C PRO A 259 6.85 11.46 9.56
N ILE A 260 5.66 11.47 8.94
CA ILE A 260 4.75 12.60 9.00
C ILE A 260 3.55 12.23 9.87
N GLY A 261 3.24 13.12 10.82
CA GLY A 261 2.16 12.87 11.75
C GLY A 261 1.23 14.06 11.87
N LEU A 262 0.04 13.77 12.39
CA LEU A 262 -1.00 14.78 12.61
C LEU A 262 -1.35 14.85 14.09
N ILE A 263 -1.40 16.07 14.62
CA ILE A 263 -1.69 16.27 16.03
C ILE A 263 -2.70 17.41 16.16
N LEU A 264 -3.61 17.27 17.09
CA LEU A 264 -4.67 18.24 17.25
C LEU A 264 -4.35 19.19 18.39
N LEU A 265 -4.78 20.44 18.23
CA LEU A 265 -4.93 21.37 19.35
C LEU A 265 -6.41 21.53 19.61
N GLY A 266 -6.85 21.12 20.79
CA GLY A 266 -8.25 21.22 21.18
C GLY A 266 -8.40 22.17 22.37
N GLU A 267 -9.43 23.00 22.31
CA GLU A 267 -9.82 23.75 23.50
C GLU A 267 -10.64 22.83 24.38
N VAL A 268 -10.17 22.59 25.60
CA VAL A 268 -10.79 21.68 26.53
C VAL A 268 -11.27 22.47 27.75
N ALA A 269 -12.55 22.38 28.03
CA ALA A 269 -13.16 23.05 29.18
C ALA A 269 -12.97 22.17 30.39
N LEU A 270 -11.91 22.43 31.14
CA LEU A 270 -11.53 21.56 32.24
C LEU A 270 -12.34 21.81 33.50
N GLY A 271 -12.79 23.06 33.73
CA GLY A 271 -13.51 23.39 34.96
C GLY A 271 -12.64 23.11 36.18
N ASN A 272 -13.26 22.58 37.24
CA ASN A 272 -12.53 22.20 38.45
C ASN A 272 -11.93 20.82 38.22
N MET A 273 -10.60 20.76 38.16
CA MET A 273 -9.87 19.57 37.80
C MET A 273 -9.70 18.70 39.04
N TYR A 274 -10.09 17.43 38.91
CA TYR A 274 -9.82 16.40 39.92
C TYR A 274 -8.36 15.99 39.78
N GLU A 275 -7.50 16.48 40.67
CA GLU A 275 -6.06 16.31 40.52
C GLU A 275 -5.62 14.99 41.15
N LEU A 276 -4.96 14.15 40.36
CA LEU A 276 -4.59 12.81 40.82
C LEU A 276 -3.15 12.53 40.43
N LYS A 277 -2.44 11.84 41.31
CA LYS A 277 -1.04 11.49 41.08
C LYS A 277 -0.86 10.02 40.71
N HIS A 278 -1.90 9.21 40.82
CA HIS A 278 -1.83 7.78 40.52
C HIS A 278 -3.13 7.32 39.88
N ALA A 279 -3.05 6.15 39.24
CA ALA A 279 -4.20 5.56 38.58
C ALA A 279 -5.40 5.49 39.53
N SER A 280 -6.52 6.00 39.06
CA SER A 280 -7.76 5.94 39.83
C SER A 280 -8.85 5.39 38.93
N HIS A 281 -9.67 4.51 39.48
CA HIS A 281 -10.67 3.97 38.58
C HIS A 281 -12.10 4.34 38.95
N ILE A 282 -12.36 5.64 38.97
CA ILE A 282 -13.65 6.17 38.63
C ILE A 282 -13.55 6.75 37.21
N SER A 283 -14.43 6.30 36.31
CA SER A 283 -14.82 7.14 35.18
C SER A 283 -15.85 8.19 35.60
N LYS A 284 -16.60 7.90 36.67
CA LYS A 284 -17.41 8.88 37.40
C LYS A 284 -16.51 9.96 38.01
N LEU A 285 -17.09 11.15 38.20
CA LEU A 285 -16.34 12.27 38.73
C LEU A 285 -17.01 12.77 40.02
N PRO A 286 -16.23 13.24 41.00
CA PRO A 286 -16.83 13.88 42.19
C PRO A 286 -17.70 15.07 41.80
N LYS A 287 -18.72 15.33 42.64
CA LYS A 287 -19.55 16.52 42.46
C LYS A 287 -18.70 17.78 42.45
N GLY A 288 -18.92 18.65 41.47
CA GLY A 288 -18.13 19.86 41.36
C GLY A 288 -16.86 19.73 40.56
N LYS A 289 -16.46 18.52 40.18
CA LYS A 289 -15.30 18.31 39.33
C LYS A 289 -15.75 18.01 37.90
N HIS A 290 -14.99 18.53 36.94
CA HIS A 290 -15.33 18.41 35.53
C HIS A 290 -14.28 17.72 34.69
N SER A 291 -13.11 17.43 35.26
CA SER A 291 -12.05 16.79 34.49
C SER A 291 -11.09 16.13 35.48
N VAL A 292 -10.19 15.32 34.96
CA VAL A 292 -9.09 14.81 35.77
C VAL A 292 -7.81 15.42 35.24
N LYS A 293 -6.98 15.90 36.15
CA LYS A 293 -5.61 16.26 35.82
C LYS A 293 -4.69 15.28 36.49
N GLY A 294 -3.97 14.50 35.69
CA GLY A 294 -2.88 13.68 36.19
C GLY A 294 -1.65 14.54 36.35
N LEU A 295 -1.08 14.55 37.55
CA LEU A 295 0.02 15.46 37.89
C LEU A 295 1.35 14.80 37.54
N GLY A 296 2.10 15.41 36.65
CA GLY A 296 3.41 14.92 36.30
C GLY A 296 4.51 15.53 37.16
N LYS A 297 5.69 14.90 37.14
CA LYS A 297 6.83 15.50 37.81
C LYS A 297 7.32 16.75 37.08
N THR A 298 7.06 16.87 35.79
CA THR A 298 7.43 18.02 34.99
C THR A 298 6.20 18.69 34.39
N THR A 299 6.13 20.00 34.52
CA THR A 299 4.98 20.76 34.03
C THR A 299 5.51 21.99 33.31
N PRO A 300 4.82 22.48 32.28
CA PRO A 300 5.28 23.71 31.63
C PRO A 300 5.32 24.85 32.63
N ASP A 301 6.32 25.69 32.50
CA ASP A 301 6.58 26.77 33.43
C ASP A 301 5.35 27.67 33.51
N PRO A 302 4.67 27.70 34.67
CA PRO A 302 3.41 28.46 34.76
C PRO A 302 3.57 29.94 34.43
N SER A 303 4.75 30.51 34.66
CA SER A 303 5.00 31.91 34.34
C SER A 303 4.82 32.19 32.84
N ALA A 304 5.07 31.21 31.99
CA ALA A 304 5.01 31.44 30.55
C ALA A 304 3.65 31.13 29.95
N ASN A 305 2.64 30.80 30.76
CA ASN A 305 1.29 30.60 30.23
C ASN A 305 0.75 31.91 29.68
N ILE A 306 0.03 31.85 28.56
CA ILE A 306 -0.64 33.02 28.01
C ILE A 306 -2.11 32.70 27.77
N SER A 307 -2.93 33.76 27.77
CA SER A 307 -4.36 33.63 27.57
C SER A 307 -4.71 34.19 26.19
N LEU A 308 -5.39 33.38 25.40
CA LEU A 308 -5.64 33.70 24.01
C LEU A 308 -7.12 33.45 23.75
N ASP A 309 -7.90 34.51 23.59
CA ASP A 309 -9.36 34.40 23.43
C ASP A 309 -9.96 33.63 24.61
N GLY A 310 -9.52 33.98 25.82
CA GLY A 310 -10.00 33.38 27.03
C GLY A 310 -9.58 31.95 27.26
N VAL A 311 -8.59 31.45 26.52
CA VAL A 311 -8.08 30.09 26.68
C VAL A 311 -6.63 30.14 27.09
N ASP A 312 -6.28 29.39 28.13
CA ASP A 312 -4.90 29.26 28.56
C ASP A 312 -4.13 28.42 27.54
N VAL A 313 -2.95 28.89 27.14
CA VAL A 313 -2.02 28.15 26.29
C VAL A 313 -0.73 27.96 27.08
N PRO A 314 -0.52 26.77 27.69
CA PRO A 314 0.68 26.57 28.52
C PRO A 314 1.94 26.25 27.70
N LEU A 315 2.51 27.28 27.09
CA LEU A 315 3.62 27.10 26.16
C LEU A 315 4.98 27.14 26.85
N GLY A 316 5.02 27.17 28.16
CA GLY A 316 6.28 27.26 28.85
C GLY A 316 7.12 26.01 28.72
N THR A 317 8.43 26.19 28.89
CA THR A 317 9.34 25.07 28.97
C THR A 317 8.99 24.20 30.17
N GLY A 318 9.26 22.90 30.04
CA GLY A 318 9.02 21.98 31.14
C GLY A 318 9.95 22.28 32.29
N ILE A 319 9.37 22.50 33.47
CA ILE A 319 10.14 22.66 34.69
C ILE A 319 9.60 21.68 35.73
N SER A 320 10.39 21.46 36.79
CA SER A 320 9.92 20.61 37.89
C SER A 320 8.63 21.18 38.45
N SER A 321 7.71 20.28 38.81
CA SER A 321 6.42 20.66 39.35
C SER A 321 6.40 20.63 40.87
N GLY A 322 7.43 20.04 41.49
CA GLY A 322 7.43 19.79 42.90
C GLY A 322 6.50 18.67 43.33
N VAL A 323 5.79 18.06 42.40
CA VAL A 323 4.88 16.97 42.70
C VAL A 323 5.71 15.71 42.84
N ASN A 324 5.87 15.25 44.07
CA ASN A 324 6.54 13.99 44.35
C ASN A 324 5.50 12.89 44.53
N ASP A 325 5.93 11.65 44.31
CA ASP A 325 5.08 10.47 44.43
C ASP A 325 3.95 10.48 43.41
N THR A 326 4.30 10.50 42.12
CA THR A 326 3.33 10.41 41.04
C THR A 326 3.82 9.35 40.07
N SER A 327 2.88 8.64 39.45
CA SER A 327 3.23 7.67 38.44
C SER A 327 3.56 8.31 37.11
N LEU A 328 3.50 9.64 37.02
CA LEU A 328 3.52 10.31 35.73
C LEU A 328 4.72 11.22 35.64
N LEU A 329 5.46 11.10 34.55
CA LEU A 329 6.50 12.08 34.26
C LEU A 329 5.88 13.43 33.92
N TYR A 330 4.81 13.43 33.14
CA TYR A 330 4.19 14.64 32.61
C TYR A 330 2.68 14.67 32.87
N ASN A 331 2.15 15.88 32.85
CA ASN A 331 0.72 16.04 33.08
C ASN A 331 -0.08 15.30 32.01
N GLU A 332 -1.33 14.97 32.36
CA GLU A 332 -2.31 14.66 31.34
C GLU A 332 -3.66 15.12 31.85
N TYR A 333 -4.60 15.31 30.93
CA TYR A 333 -5.93 15.82 31.21
C TYR A 333 -6.96 14.94 30.54
N ILE A 334 -8.01 14.61 31.29
CA ILE A 334 -9.07 13.72 30.81
C ILE A 334 -10.42 14.38 31.06
N VAL A 335 -11.29 14.34 30.05
CA VAL A 335 -12.71 14.68 30.20
C VAL A 335 -13.57 13.50 29.78
N TYR A 336 -14.76 13.42 30.36
CA TYR A 336 -15.61 12.24 30.24
C TYR A 336 -16.89 12.55 29.47
N ASP A 337 -16.97 13.73 28.87
CA ASP A 337 -18.10 14.15 28.06
C ASP A 337 -17.48 14.74 26.80
N ILE A 338 -17.82 14.16 25.65
CA ILE A 338 -17.25 14.58 24.37
C ILE A 338 -17.57 16.04 24.05
N ALA A 339 -18.61 16.61 24.66
CA ALA A 339 -19.00 17.98 24.39
C ALA A 339 -18.07 18.99 25.03
N GLN A 340 -17.16 18.56 25.88
CA GLN A 340 -16.21 19.45 26.55
C GLN A 340 -14.99 19.77 25.71
N VAL A 341 -15.00 19.36 24.44
CA VAL A 341 -13.86 19.52 23.55
C VAL A 341 -14.34 20.31 22.34
N ASN A 342 -13.61 21.37 22.01
CA ASN A 342 -13.78 22.10 20.77
C ASN A 342 -12.43 22.05 20.06
N LEU A 343 -12.36 21.30 18.97
CA LEU A 343 -11.10 21.19 18.24
C LEU A 343 -10.82 22.51 17.53
N LYS A 344 -9.57 22.97 17.61
CA LYS A 344 -9.17 24.27 17.09
C LYS A 344 -8.19 24.16 15.93
N TYR A 345 -7.08 23.42 16.09
CA TYR A 345 -6.07 23.33 15.05
C TYR A 345 -5.67 21.88 14.80
N LEU A 346 -5.26 21.62 13.56
CA LEU A 346 -4.67 20.34 13.18
C LEU A 346 -3.30 20.66 12.63
N LEU A 347 -2.28 20.03 13.21
CA LEU A 347 -0.90 20.28 12.81
C LEU A 347 -0.39 19.09 12.03
N LYS A 348 0.22 19.37 10.89
CA LYS A 348 1.03 18.40 10.17
C LYS A 348 2.48 18.56 10.63
N LEU A 349 3.02 17.53 11.25
CA LEU A 349 4.34 17.58 11.85
C LEU A 349 5.30 16.66 11.11
N LYS A 350 6.55 17.11 10.96
CA LYS A 350 7.64 16.26 10.51
C LYS A 350 8.41 15.78 11.73
N PHE A 351 8.60 14.48 11.83
CA PHE A 351 9.43 13.86 12.86
C PHE A 351 10.80 13.56 12.25
N ASN A 352 11.85 14.11 12.84
CA ASN A 352 13.21 13.91 12.37
C ASN A 352 13.86 13.02 13.43
N PHE A 353 13.96 11.72 13.12
CA PHE A 353 14.35 10.74 14.11
C PHE A 353 15.87 10.70 14.31
N LYS A 354 16.26 10.13 15.45
CA LYS A 354 17.66 9.98 15.85
C LYS A 354 18.55 9.40 14.75
N LYS B 6 13.25 -24.62 22.56
CA LYS B 6 13.96 -23.38 22.28
C LYS B 6 15.11 -23.69 21.31
N SER B 7 15.34 -22.80 20.34
CA SER B 7 16.38 -23.06 19.35
C SER B 7 17.75 -22.98 20.00
N LYS B 8 18.65 -23.85 19.55
CA LYS B 8 20.06 -23.69 19.88
C LYS B 8 20.83 -22.87 18.84
N LEU B 9 20.16 -22.36 17.79
CA LEU B 9 20.85 -21.55 16.81
C LEU B 9 21.29 -20.21 17.42
N PRO B 10 22.43 -19.68 17.00
CA PRO B 10 22.83 -18.35 17.47
C PRO B 10 21.75 -17.33 17.13
N LYS B 11 21.60 -16.33 18.00
CA LYS B 11 20.53 -15.34 17.79
C LYS B 11 20.58 -14.68 16.41
N PRO B 12 21.73 -14.24 15.89
CA PRO B 12 21.69 -13.63 14.53
C PRO B 12 21.10 -14.57 13.49
N VAL B 13 21.38 -15.87 13.60
CA VAL B 13 20.79 -16.83 12.67
C VAL B 13 19.28 -16.92 12.89
N GLN B 14 18.84 -16.85 14.14
CA GLN B 14 17.41 -16.85 14.43
C GLN B 14 16.75 -15.60 13.87
N ASP B 15 17.38 -14.44 14.08
CA ASP B 15 16.83 -13.22 13.53
C ASP B 15 16.82 -13.24 12.00
N LEU B 16 17.80 -13.92 11.38
CA LEU B 16 17.80 -14.06 9.93
C LEU B 16 16.64 -14.93 9.46
N ILE B 17 16.39 -16.06 10.12
CA ILE B 17 15.27 -16.93 9.75
C ILE B 17 13.92 -16.24 10.00
N LYS B 18 13.82 -15.43 11.06
CA LYS B 18 12.59 -14.66 11.23
C LYS B 18 12.41 -13.68 10.08
N MET B 19 13.47 -12.97 9.69
CA MET B 19 13.28 -11.96 8.65
C MET B 19 12.97 -12.59 7.28
N ILE B 20 13.52 -13.77 6.96
CA ILE B 20 13.21 -14.24 5.61
C ILE B 20 11.87 -14.95 5.58
N PHE B 21 11.34 -15.40 6.70
CA PHE B 21 10.02 -16.01 6.73
C PHE B 21 8.97 -15.06 7.31
N ASP B 22 9.23 -13.77 7.21
CA ASP B 22 8.37 -12.73 7.77
C ASP B 22 7.13 -12.59 6.91
N VAL B 23 6.00 -13.12 7.38
CA VAL B 23 4.80 -13.10 6.55
C VAL B 23 4.29 -11.67 6.38
N GLU B 24 4.50 -10.83 7.38
CA GLU B 24 4.10 -9.43 7.27
C GLU B 24 4.82 -8.72 6.13
N SER B 25 6.10 -9.02 5.92
CA SER B 25 6.82 -8.41 4.80
C SER B 25 6.23 -8.83 3.47
N MET B 26 5.84 -10.10 3.34
CA MET B 26 5.20 -10.56 2.12
C MET B 26 3.94 -9.78 1.82
N LYS B 27 3.05 -9.67 2.82
CA LYS B 27 1.76 -8.99 2.62
C LYS B 27 1.95 -7.48 2.41
N LYS B 28 2.89 -6.88 3.14
CA LYS B 28 3.16 -5.45 2.91
C LYS B 28 3.64 -5.24 1.48
N ALA B 29 4.44 -6.17 0.95
CA ALA B 29 4.88 -6.02 -0.43
C ALA B 29 3.72 -6.15 -1.41
N MET B 30 2.80 -7.08 -1.15
CA MET B 30 1.64 -7.23 -2.02
C MET B 30 0.77 -5.98 -2.03
N VAL B 31 0.57 -5.35 -0.86
CA VAL B 31 -0.21 -4.11 -0.80
C VAL B 31 0.49 -3.02 -1.60
N GLU B 32 1.80 -2.91 -1.46
CA GLU B 32 2.53 -1.89 -2.21
C GLU B 32 2.46 -2.15 -3.70
N TYR B 33 2.46 -3.42 -4.14
CA TYR B 33 2.25 -3.70 -5.56
C TYR B 33 0.79 -3.53 -5.95
N GLU B 34 -0.10 -3.30 -4.99
CA GLU B 34 -1.54 -3.17 -5.21
C GLU B 34 -2.15 -4.45 -5.75
N ILE B 35 -1.70 -5.60 -5.25
CA ILE B 35 -2.32 -6.86 -5.62
C ILE B 35 -3.59 -7.04 -4.81
N ASP B 36 -4.60 -7.70 -5.39
CA ASP B 36 -5.78 -8.06 -4.62
C ASP B 36 -5.44 -9.28 -3.78
N LEU B 37 -5.30 -9.07 -2.47
CA LEU B 37 -4.97 -10.16 -1.56
C LEU B 37 -6.08 -11.19 -1.41
N GLN B 38 -7.32 -10.87 -1.79
CA GLN B 38 -8.37 -11.89 -1.75
C GLN B 38 -8.34 -12.76 -2.98
N LYS B 39 -8.13 -12.15 -4.15
CA LYS B 39 -8.09 -12.85 -5.42
C LYS B 39 -6.73 -13.45 -5.76
N MET B 40 -5.68 -13.09 -5.03
CA MET B 40 -4.35 -13.70 -5.19
C MET B 40 -3.92 -14.06 -3.79
N PRO B 41 -4.47 -15.14 -3.23
CA PRO B 41 -4.15 -15.49 -1.84
C PRO B 41 -2.80 -16.22 -1.79
N LEU B 42 -1.96 -15.76 -0.88
CA LEU B 42 -0.69 -16.42 -0.61
C LEU B 42 -0.94 -17.89 -0.33
N GLY B 43 -0.07 -18.74 -0.88
CA GLY B 43 -0.16 -20.17 -0.72
C GLY B 43 -1.13 -20.83 -1.68
N LYS B 44 -1.94 -20.05 -2.39
CA LYS B 44 -2.86 -20.57 -3.38
C LYS B 44 -2.62 -19.94 -4.76
N LEU B 45 -1.36 -19.63 -5.07
CA LEU B 45 -0.98 -19.07 -6.35
C LEU B 45 -0.57 -20.17 -7.33
N SER B 46 -0.86 -19.95 -8.61
CA SER B 46 -0.53 -20.95 -9.62
C SER B 46 0.65 -20.44 -10.42
N LYS B 47 1.75 -21.21 -10.38
CA LYS B 47 2.91 -20.90 -11.20
C LYS B 47 2.55 -20.93 -12.68
N ARG B 48 1.60 -21.77 -13.07
CA ARG B 48 1.14 -21.75 -14.45
C ARG B 48 0.47 -20.42 -14.79
N GLN B 49 -0.29 -19.87 -13.83
CA GLN B 49 -0.92 -18.57 -14.05
C GLN B 49 0.13 -17.48 -14.25
N ILE B 50 1.12 -17.46 -13.36
CA ILE B 50 2.14 -16.42 -13.41
C ILE B 50 2.96 -16.52 -14.68
N GLN B 51 3.28 -17.74 -15.12
CA GLN B 51 3.98 -17.88 -16.39
C GLN B 51 3.12 -17.31 -17.52
N ALA B 52 1.81 -17.53 -17.45
CA ALA B 52 0.94 -16.97 -18.47
C ALA B 52 0.94 -15.46 -18.44
N ALA B 53 0.93 -14.87 -17.24
CA ALA B 53 1.07 -13.42 -17.12
C ALA B 53 2.42 -12.95 -17.66
N TYR B 54 3.48 -13.75 -17.43
CA TYR B 54 4.77 -13.46 -18.04
C TYR B 54 4.63 -13.38 -19.56
N SER B 55 4.00 -14.40 -20.16
CA SER B 55 3.79 -14.40 -21.60
C SER B 55 2.97 -13.18 -22.04
N ILE B 56 1.90 -12.87 -21.30
CA ILE B 56 1.13 -11.69 -21.63
C ILE B 56 1.99 -10.44 -21.56
N LEU B 57 2.82 -10.32 -20.52
CA LEU B 57 3.67 -9.13 -20.38
C LEU B 57 4.63 -8.97 -21.55
N SER B 58 5.14 -10.09 -22.07
CA SER B 58 6.03 -10.01 -23.22
C SER B 58 5.30 -9.49 -24.46
N GLU B 59 4.06 -9.96 -24.68
CA GLU B 59 3.23 -9.43 -25.76
C GLU B 59 3.01 -7.93 -25.63
N VAL B 60 2.67 -7.48 -24.42
CA VAL B 60 2.53 -6.05 -24.18
C VAL B 60 3.82 -5.31 -24.53
N GLN B 61 4.98 -5.93 -24.28
CA GLN B 61 6.23 -5.27 -24.61
C GLN B 61 6.39 -5.10 -26.12
N GLN B 62 5.95 -6.10 -26.90
CA GLN B 62 6.11 -6.04 -28.35
C GLN B 62 5.30 -4.92 -28.99
N ALA B 63 4.22 -4.47 -28.36
CA ALA B 63 3.43 -3.39 -28.93
C ALA B 63 3.88 -2.04 -28.36
N GLN B 66 7.53 -2.76 -30.61
CA GLN B 66 6.85 -1.51 -30.93
C GLN B 66 5.83 -1.68 -32.07
N GLY B 67 5.17 -0.58 -32.41
CA GLY B 67 4.01 -0.59 -33.28
C GLY B 67 2.83 0.10 -32.63
N SER B 68 1.77 0.24 -33.42
CA SER B 68 0.58 0.98 -33.01
C SER B 68 -0.44 0.06 -32.32
N SER B 69 -1.32 0.69 -31.53
CA SER B 69 -2.47 0.01 -30.95
C SER B 69 -3.35 0.95 -30.13
N ASP B 70 -4.65 0.69 -30.15
CA ASP B 70 -5.55 1.15 -29.09
C ASP B 70 -6.33 -0.05 -28.57
N SER B 71 -7.29 -0.57 -29.34
CA SER B 71 -8.02 -1.78 -28.97
C SER B 71 -7.11 -2.99 -28.77
N GLN B 72 -5.85 -2.91 -29.21
CA GLN B 72 -4.92 -4.01 -29.08
C GLN B 72 -4.08 -3.90 -27.80
N ILE B 73 -3.45 -2.73 -27.58
CA ILE B 73 -2.65 -2.53 -26.37
C ILE B 73 -3.54 -2.54 -25.14
N LEU B 74 -4.75 -2.00 -25.25
CA LEU B 74 -5.67 -2.02 -24.12
C LEU B 74 -6.13 -3.45 -23.83
N ASP B 75 -6.53 -4.19 -24.88
CA ASP B 75 -7.01 -5.55 -24.67
C ASP B 75 -5.95 -6.40 -23.99
N LEU B 76 -4.67 -6.11 -24.21
CA LEU B 76 -3.60 -6.90 -23.62
C LEU B 76 -3.42 -6.57 -22.14
N SER B 77 -3.45 -5.28 -21.77
CA SER B 77 -3.32 -4.91 -20.36
C SER B 77 -4.41 -5.54 -19.50
N ASN B 78 -5.57 -5.82 -20.08
CA ASN B 78 -6.66 -6.37 -19.29
C ASN B 78 -6.55 -7.88 -19.14
N ARG B 79 -5.98 -8.56 -20.14
CA ARG B 79 -5.68 -9.97 -19.96
C ARG B 79 -4.65 -10.19 -18.86
N PHE B 80 -3.76 -9.20 -18.64
CA PHE B 80 -2.82 -9.32 -17.53
C PHE B 80 -3.54 -9.18 -16.19
N TYR B 81 -4.20 -8.03 -16.00
CA TYR B 81 -4.93 -7.79 -14.77
C TYR B 81 -6.02 -8.83 -14.53
N THR B 82 -6.46 -9.54 -15.57
CA THR B 82 -7.34 -10.67 -15.33
C THR B 82 -6.55 -11.85 -14.78
N LEU B 83 -5.35 -12.09 -15.32
CA LEU B 83 -4.53 -13.18 -14.79
C LEU B 83 -4.04 -12.86 -13.39
N ILE B 84 -3.63 -11.62 -13.17
CA ILE B 84 -3.09 -11.19 -11.87
C ILE B 84 -3.94 -10.06 -11.31
N PRO B 85 -4.96 -10.35 -10.51
CA PRO B 85 -5.90 -9.31 -10.10
C PRO B 85 -5.28 -8.28 -9.16
N HIS B 86 -5.59 -7.02 -9.43
CA HIS B 86 -5.12 -5.91 -8.63
C HIS B 86 -6.30 -5.23 -7.99
N ASP B 87 -6.01 -4.25 -7.13
CA ASP B 87 -7.02 -3.47 -6.43
C ASP B 87 -6.58 -2.02 -6.45
N PHE B 88 -7.27 -1.21 -7.25
CA PHE B 88 -6.93 0.19 -7.45
C PHE B 88 -7.93 1.14 -6.77
N LYS B 91 -9.83 3.89 -8.48
CA LYS B 91 -8.99 4.15 -9.66
C LYS B 91 -9.12 3.03 -10.69
N LYS B 92 -8.62 3.31 -11.89
CA LYS B 92 -8.67 2.42 -13.04
C LYS B 92 -7.36 1.68 -13.21
N PRO B 93 -7.35 0.56 -13.92
CA PRO B 93 -6.10 -0.19 -14.10
C PRO B 93 -5.15 0.58 -15.00
N PRO B 94 -3.98 0.96 -14.50
CA PRO B 94 -3.02 1.68 -15.36
C PRO B 94 -2.77 0.92 -16.64
N LEU B 95 -2.78 1.64 -17.76
CA LEU B 95 -2.45 1.01 -19.02
C LEU B 95 -0.99 0.57 -18.98
N LEU B 96 -0.74 -0.68 -19.35
CA LEU B 96 0.62 -1.19 -19.47
C LEU B 96 1.13 -0.71 -20.83
N ASN B 97 1.63 0.52 -20.85
CA ASN B 97 1.92 1.20 -22.11
C ASN B 97 3.41 1.27 -22.44
N ASN B 98 4.26 1.53 -21.45
CA ASN B 98 5.67 1.73 -21.71
C ASN B 98 6.49 0.59 -21.12
N ALA B 99 7.75 0.52 -21.56
CA ALA B 99 8.61 -0.57 -21.13
C ALA B 99 8.88 -0.54 -19.63
N ASP B 100 8.88 0.64 -19.01
CA ASP B 100 9.06 0.67 -17.56
C ASP B 100 7.87 0.06 -16.85
N SER B 101 6.67 0.19 -17.43
CA SER B 101 5.50 -0.41 -16.83
C SER B 101 5.56 -1.93 -16.96
N VAL B 102 6.00 -2.42 -18.12
CA VAL B 102 6.08 -3.86 -18.35
C VAL B 102 7.17 -4.50 -17.48
N GLN B 103 8.33 -3.85 -17.37
CA GLN B 103 9.42 -4.43 -16.58
C GLN B 103 9.05 -4.47 -15.09
N ALA B 104 8.41 -3.40 -14.59
CA ALA B 104 7.97 -3.39 -13.20
C ALA B 104 6.99 -4.51 -12.91
N LYS B 105 6.05 -4.78 -13.83
CA LYS B 105 5.11 -5.88 -13.61
C LYS B 105 5.82 -7.23 -13.66
N ALA B 106 6.83 -7.37 -14.52
CA ALA B 106 7.61 -8.62 -14.59
C ALA B 106 8.46 -8.81 -13.34
N GLU B 107 9.09 -7.74 -12.87
CA GLU B 107 9.84 -7.80 -11.63
C GLU B 107 8.92 -8.13 -10.45
N MET B 108 7.69 -7.60 -10.47
CA MET B 108 6.72 -7.96 -9.44
C MET B 108 6.44 -9.47 -9.45
N LEU B 109 6.20 -10.02 -10.64
CA LEU B 109 5.95 -11.46 -10.75
C LEU B 109 7.14 -12.28 -10.23
N ASP B 110 8.37 -11.81 -10.46
CA ASP B 110 9.55 -12.51 -9.95
C ASP B 110 9.55 -12.53 -8.43
N ASN B 111 9.34 -11.36 -7.83
CA ASN B 111 9.19 -11.28 -6.38
C ASN B 111 8.01 -12.13 -5.91
N LEU B 112 6.90 -12.10 -6.67
CA LEU B 112 5.72 -12.87 -6.30
C LEU B 112 6.00 -14.37 -6.28
N LEU B 113 6.70 -14.88 -7.30
CA LEU B 113 6.99 -16.31 -7.30
C LEU B 113 7.80 -16.70 -6.07
N ASP B 114 8.83 -15.90 -5.73
CA ASP B 114 9.64 -16.21 -4.57
C ASP B 114 8.87 -16.02 -3.27
N ILE B 115 7.95 -15.06 -3.21
CA ILE B 115 7.12 -14.93 -2.01
C ILE B 115 6.25 -16.17 -1.84
N GLU B 116 5.67 -16.66 -2.93
CA GLU B 116 4.92 -17.90 -2.89
C GLU B 116 5.78 -19.05 -2.42
N VAL B 117 7.03 -19.11 -2.89
CA VAL B 117 7.94 -20.15 -2.45
C VAL B 117 8.16 -20.04 -0.95
N ALA B 118 8.39 -18.82 -0.45
CA ALA B 118 8.59 -18.64 0.98
C ALA B 118 7.34 -19.02 1.77
N TYR B 119 6.17 -18.59 1.28
CA TYR B 119 4.95 -18.80 2.03
C TYR B 119 4.58 -20.29 2.01
N SER B 120 4.82 -20.95 0.88
CA SER B 120 4.52 -22.37 0.78
C SER B 120 5.51 -23.20 1.60
N LEU B 121 6.77 -22.76 1.67
CA LEU B 121 7.74 -23.42 2.55
C LEU B 121 7.32 -23.30 4.01
N LEU B 122 6.95 -22.09 4.43
CA LEU B 122 6.56 -21.85 5.81
C LEU B 122 5.33 -22.68 6.20
N ARG B 123 4.42 -22.94 5.27
CA ARG B 123 3.18 -23.62 5.61
C ARG B 123 3.27 -25.13 5.49
N GLY B 124 4.11 -25.64 4.59
CA GLY B 124 4.22 -27.07 4.41
C GLY B 124 4.89 -27.76 5.58
N GLY B 125 4.73 -29.08 5.62
CA GLY B 125 5.18 -29.86 6.77
C GLY B 125 4.07 -30.11 7.77
N LYS B 131 9.68 -29.61 17.75
CA LYS B 131 10.88 -28.77 17.65
C LYS B 131 10.47 -27.30 17.59
N ASP B 132 11.43 -26.40 17.85
CA ASP B 132 11.12 -24.98 17.76
C ASP B 132 10.75 -24.62 16.32
N PRO B 133 9.85 -23.66 16.13
CA PRO B 133 9.53 -23.26 14.74
C PRO B 133 10.72 -22.68 14.01
N ILE B 134 11.50 -21.80 14.64
CA ILE B 134 12.65 -21.21 13.94
C ILE B 134 13.60 -22.31 13.48
N ASP B 135 13.71 -23.39 14.26
CA ASP B 135 14.59 -24.49 13.91
C ASP B 135 13.99 -25.32 12.78
N VAL B 136 12.67 -25.52 12.79
CA VAL B 136 12.03 -26.32 11.75
C VAL B 136 12.06 -25.60 10.40
N ASN B 137 11.89 -24.27 10.42
CA ASN B 137 11.89 -23.50 9.19
C ASN B 137 13.32 -23.27 8.68
N TYR B 138 14.28 -23.12 9.58
CA TYR B 138 15.67 -23.06 9.16
C TYR B 138 16.03 -24.27 8.30
N GLU B 139 15.59 -25.46 8.71
CA GLU B 139 15.94 -26.65 7.95
C GLU B 139 15.29 -26.67 6.57
N LYS B 140 14.18 -25.96 6.37
CA LYS B 140 13.57 -25.91 5.05
C LYS B 140 14.44 -25.20 4.01
N LEU B 141 15.33 -24.29 4.46
CA LEU B 141 16.17 -23.57 3.50
C LEU B 141 17.24 -24.44 2.91
N LYS B 142 17.45 -25.64 3.49
CA LYS B 142 18.47 -26.59 3.05
C LYS B 142 19.82 -25.90 2.91
N THR B 143 20.10 -25.02 3.86
CA THR B 143 21.33 -24.24 3.81
C THR B 143 21.97 -24.26 5.18
N ASP B 144 23.24 -24.62 5.23
CA ASP B 144 23.98 -24.48 6.48
C ASP B 144 24.36 -23.01 6.63
N ILE B 145 24.00 -22.42 7.76
CA ILE B 145 24.26 -21.00 8.01
C ILE B 145 25.06 -20.93 9.29
N LYS B 146 26.23 -20.28 9.22
CA LYS B 146 27.09 -20.07 10.38
C LYS B 146 27.39 -18.59 10.50
N VAL B 147 27.60 -18.14 11.74
CA VAL B 147 28.01 -16.76 11.96
C VAL B 147 29.52 -16.65 11.78
N VAL B 148 29.95 -15.61 11.07
CA VAL B 148 31.36 -15.25 10.95
C VAL B 148 31.66 -14.26 12.05
N ASP B 149 32.56 -14.63 12.98
CA ASP B 149 32.88 -13.79 14.13
C ASP B 149 33.53 -12.47 13.72
N ARG B 150 33.12 -11.40 14.40
CA ARG B 150 33.60 -10.04 14.08
C ARG B 150 35.11 -9.89 14.21
N ASP B 151 35.77 -10.68 15.05
CA ASP B 151 37.21 -10.57 15.24
C ASP B 151 38.02 -11.32 14.19
N SER B 152 37.37 -12.05 13.28
CA SER B 152 38.11 -12.90 12.35
C SER B 152 38.67 -12.11 11.19
N GLU B 153 39.67 -12.70 10.52
CA GLU B 153 40.20 -12.12 9.30
C GLU B 153 39.19 -12.14 8.16
N GLU B 154 38.35 -13.18 8.12
CA GLU B 154 37.22 -13.25 7.18
C GLU B 154 36.37 -11.99 7.28
N ALA B 155 35.91 -11.69 8.50
CA ALA B 155 35.06 -10.52 8.72
C ALA B 155 35.75 -9.24 8.32
N GLU B 156 37.06 -9.14 8.61
CA GLU B 156 37.80 -7.92 8.29
C GLU B 156 37.90 -7.70 6.79
N ILE B 157 38.22 -8.76 6.05
CA ILE B 157 38.26 -8.67 4.60
C ILE B 157 36.89 -8.31 4.04
N ILE B 158 35.83 -8.95 4.55
CA ILE B 158 34.50 -8.67 4.03
C ILE B 158 34.07 -7.24 4.36
N ARG B 159 34.36 -6.77 5.59
CA ARG B 159 34.01 -5.39 5.90
C ARG B 159 34.77 -4.41 5.00
N LYS B 160 36.04 -4.70 4.70
CA LYS B 160 36.81 -3.84 3.80
C LYS B 160 36.23 -3.86 2.37
N TYR B 161 35.79 -5.03 1.91
CA TYR B 161 35.10 -5.12 0.63
C TYR B 161 33.88 -4.19 0.63
N VAL B 162 33.07 -4.24 1.69
CA VAL B 162 31.91 -3.35 1.80
C VAL B 162 32.37 -1.89 1.81
N LYS B 163 33.38 -1.57 2.62
CA LYS B 163 33.80 -0.17 2.80
C LYS B 163 34.38 0.42 1.52
N ASN B 164 35.22 -0.34 0.82
CA ASN B 164 36.01 0.20 -0.27
C ASN B 164 35.22 0.32 -1.57
N THR B 165 34.11 -0.40 -1.72
CA THR B 165 33.43 -0.49 -3.02
C THR B 165 32.04 0.16 -3.01
N HIS B 166 31.77 1.00 -2.02
CA HIS B 166 30.60 1.85 -2.12
C HIS B 166 30.88 2.93 -3.16
N ALA B 167 30.00 3.05 -4.15
CA ALA B 167 30.27 3.96 -5.24
C ALA B 167 29.98 5.39 -4.83
N THR B 168 30.80 6.32 -5.37
CA THR B 168 30.61 7.74 -5.11
C THR B 168 29.28 8.25 -5.66
N THR B 169 28.81 7.64 -6.76
CA THR B 169 27.54 7.98 -7.36
C THR B 169 26.34 7.55 -6.53
N HIS B 170 26.49 6.55 -5.65
CA HIS B 170 25.36 6.02 -4.89
C HIS B 170 25.32 6.66 -3.51
N ASN B 171 24.97 7.95 -3.49
CA ASN B 171 25.10 8.79 -2.32
C ASN B 171 23.89 8.75 -1.38
N ALA B 172 22.81 8.06 -1.74
CA ALA B 172 21.57 8.13 -1.00
C ALA B 172 21.63 7.45 0.37
N TYR B 173 22.64 6.63 0.63
CA TYR B 173 22.71 5.89 1.89
C TYR B 173 24.15 5.50 2.12
N ASP B 174 24.47 5.23 3.38
CA ASP B 174 25.71 4.56 3.72
C ASP B 174 25.35 3.17 4.25
N LEU B 175 26.31 2.26 4.25
CA LEU B 175 26.06 0.89 4.60
C LEU B 175 26.84 0.53 5.85
N GLU B 176 26.19 -0.27 6.70
CA GLU B 176 26.78 -0.76 7.94
C GLU B 176 26.53 -2.26 8.01
N VAL B 177 27.61 -3.02 8.14
CA VAL B 177 27.49 -4.46 8.29
C VAL B 177 26.97 -4.75 9.69
N ILE B 178 25.88 -5.50 9.79
CA ILE B 178 25.37 -5.97 11.07
C ILE B 178 25.87 -7.38 11.39
N ASP B 179 25.58 -8.34 10.49
CA ASP B 179 25.97 -9.74 10.63
C ASP B 179 26.59 -10.22 9.33
N ILE B 180 27.59 -11.08 9.46
CA ILE B 180 28.18 -11.80 8.34
C ILE B 180 27.94 -13.28 8.58
N PHE B 181 27.26 -13.93 7.64
CA PHE B 181 27.01 -15.35 7.71
C PHE B 181 27.82 -16.07 6.64
N LYS B 182 28.29 -17.26 6.97
CA LYS B 182 28.86 -18.20 6.02
C LYS B 182 27.79 -19.24 5.71
N ILE B 183 27.55 -19.50 4.43
CA ILE B 183 26.42 -20.34 4.03
C ILE B 183 26.90 -21.46 3.10
N GLU B 184 26.21 -22.58 3.15
CA GLU B 184 26.48 -23.72 2.28
C GLU B 184 25.12 -24.27 1.83
N ARG B 185 24.74 -24.03 0.59
CA ARG B 185 23.51 -24.58 0.06
C ARG B 185 23.65 -26.08 -0.19
N GLU B 186 22.63 -26.82 0.20
CA GLU B 186 22.60 -28.26 0.01
C GLU B 186 22.77 -28.60 -1.47
N GLY B 187 23.71 -29.50 -1.78
CA GLY B 187 23.87 -29.91 -3.15
C GLY B 187 24.60 -28.95 -4.07
N GLU B 188 25.02 -27.78 -3.57
CA GLU B 188 25.67 -26.82 -4.45
C GLU B 188 27.15 -27.15 -4.68
N CYS B 189 27.83 -27.75 -3.69
CA CYS B 189 29.22 -28.20 -3.90
C CYS B 189 29.30 -29.13 -5.10
N GLN B 190 28.44 -30.13 -5.15
CA GLN B 190 28.43 -31.09 -6.25
C GLN B 190 28.13 -30.42 -7.57
N ARG B 191 27.14 -29.51 -7.59
CA ARG B 191 26.77 -28.82 -8.82
C ARG B 191 27.88 -27.93 -9.33
N TYR B 192 28.65 -27.32 -8.43
CA TYR B 192 29.73 -26.40 -8.81
C TYR B 192 31.00 -27.12 -9.29
N LYS B 193 31.14 -28.43 -8.99
CA LYS B 193 32.36 -29.20 -9.25
C LYS B 193 32.94 -29.01 -10.65
N PRO B 194 32.18 -29.12 -11.75
CA PRO B 194 32.79 -28.88 -13.07
C PRO B 194 33.48 -27.54 -13.20
N PHE B 195 33.05 -26.52 -12.46
CA PHE B 195 33.65 -25.21 -12.57
C PHE B 195 34.62 -24.90 -11.44
N LYS B 196 34.77 -25.83 -10.47
CA LYS B 196 35.62 -25.54 -9.32
C LYS B 196 37.07 -25.26 -9.69
N GLN B 197 37.55 -25.78 -10.82
CA GLN B 197 38.93 -25.53 -11.23
C GLN B 197 39.04 -24.62 -12.45
N LEU B 198 37.91 -24.10 -12.96
CA LEU B 198 38.00 -23.08 -14.00
C LEU B 198 38.83 -21.92 -13.48
N HIS B 199 39.52 -21.27 -14.39
CA HIS B 199 40.30 -20.11 -14.00
C HIS B 199 39.37 -18.93 -13.80
N ASN B 200 39.90 -17.87 -13.19
CA ASN B 200 39.20 -16.60 -13.09
C ASN B 200 37.95 -16.73 -12.20
N ARG B 201 38.15 -17.22 -10.98
CA ARG B 201 37.05 -17.32 -10.03
C ARG B 201 37.06 -16.09 -9.13
N ARG B 202 35.89 -15.45 -8.98
CA ARG B 202 35.83 -14.15 -8.32
C ARG B 202 34.75 -14.17 -7.26
N LEU B 203 35.00 -13.49 -6.14
CA LEU B 203 34.03 -13.33 -5.07
C LEU B 203 33.27 -12.02 -5.31
N LEU B 204 31.96 -12.12 -5.58
CA LEU B 204 31.17 -11.02 -6.14
C LEU B 204 29.86 -10.86 -5.39
N TRP B 205 29.31 -9.64 -5.49
CA TRP B 205 28.07 -9.22 -4.82
C TRP B 205 26.85 -9.59 -5.66
N HIS B 206 25.77 -9.95 -4.97
CA HIS B 206 24.45 -10.06 -5.58
C HIS B 206 23.43 -9.65 -4.55
N GLY B 207 22.69 -8.57 -4.83
CA GLY B 207 21.61 -8.13 -3.98
C GLY B 207 20.26 -8.58 -4.51
N SER B 208 19.28 -8.67 -3.61
CA SER B 208 17.91 -9.03 -3.97
C SER B 208 17.02 -8.60 -2.81
N ARG B 209 15.71 -8.53 -3.06
CA ARG B 209 14.75 -8.18 -2.01
C ARG B 209 14.78 -9.22 -0.88
N THR B 210 14.58 -8.75 0.35
CA THR B 210 14.63 -9.66 1.50
C THR B 210 13.61 -10.79 1.34
N THR B 211 12.43 -10.49 0.79
CA THR B 211 11.35 -11.46 0.58
C THR B 211 11.68 -12.53 -0.44
N ASN B 212 12.78 -12.39 -1.18
CA ASN B 212 13.22 -13.42 -2.11
C ASN B 212 14.19 -14.44 -1.50
N PHE B 213 14.71 -14.21 -0.29
CA PHE B 213 15.85 -15.02 0.14
C PHE B 213 15.47 -16.43 0.54
N ALA B 214 14.22 -16.67 0.92
CA ALA B 214 13.79 -18.06 1.11
C ALA B 214 13.92 -18.84 -0.19
N GLY B 215 13.53 -18.22 -1.31
CA GLY B 215 13.68 -18.87 -2.60
C GLY B 215 15.13 -19.02 -2.99
N ILE B 216 15.92 -17.96 -2.79
CA ILE B 216 17.33 -17.98 -3.17
C ILE B 216 18.09 -19.04 -2.38
N LEU B 217 17.86 -19.12 -1.07
CA LEU B 217 18.64 -20.09 -0.29
C LEU B 217 18.22 -21.52 -0.61
N SER B 218 16.92 -21.78 -0.75
CA SER B 218 16.51 -23.17 -0.97
C SER B 218 16.70 -23.62 -2.40
N GLN B 219 16.70 -22.69 -3.38
CA GLN B 219 16.85 -23.04 -4.78
C GLN B 219 18.09 -22.45 -5.45
N GLY B 220 18.84 -21.58 -4.79
CA GLY B 220 19.97 -20.93 -5.43
C GLY B 220 19.57 -19.78 -6.34
N LEU B 221 20.57 -18.99 -6.73
CA LEU B 221 20.32 -17.98 -7.76
C LEU B 221 19.92 -18.64 -9.08
N ARG B 222 18.81 -18.16 -9.65
CA ARG B 222 18.19 -18.72 -10.85
C ARG B 222 18.13 -17.67 -11.95
N ILE B 223 17.91 -18.16 -13.16
CA ILE B 223 17.81 -17.32 -14.36
C ILE B 223 16.35 -17.11 -14.73
N ALA B 224 16.03 -15.90 -15.20
CA ALA B 224 14.64 -15.60 -15.56
C ALA B 224 14.12 -16.60 -16.59
N PRO B 225 12.88 -17.03 -16.49
CA PRO B 225 12.35 -18.04 -17.42
C PRO B 225 12.21 -17.47 -18.82
N PRO B 226 12.11 -18.33 -19.85
CA PRO B 226 11.98 -17.80 -21.22
C PRO B 226 10.72 -16.98 -21.47
N GLU B 227 9.64 -17.19 -20.73
CA GLU B 227 8.43 -16.39 -20.91
C GLU B 227 8.60 -14.95 -20.45
N ALA B 228 9.61 -14.66 -19.64
CA ALA B 228 9.63 -13.32 -19.10
C ALA B 228 10.09 -12.33 -20.17
N PRO B 229 9.59 -11.10 -20.12
CA PRO B 229 10.02 -10.09 -21.09
C PRO B 229 11.52 -9.87 -21.04
N VAL B 230 12.12 -9.75 -22.22
CA VAL B 230 13.55 -9.47 -22.32
C VAL B 230 13.88 -8.04 -21.91
N THR B 231 12.89 -7.13 -21.84
CA THR B 231 13.21 -5.75 -21.54
C THR B 231 13.86 -5.66 -20.17
N GLY B 232 14.86 -4.80 -20.05
CA GLY B 232 15.55 -4.57 -18.80
C GLY B 232 16.76 -5.47 -18.53
N TYR B 233 16.99 -6.52 -19.32
CA TYR B 233 18.18 -7.39 -19.12
C TYR B 233 19.23 -6.92 -20.12
N MET B 234 20.08 -6.01 -19.64
CA MET B 234 21.11 -5.38 -20.46
C MET B 234 22.01 -6.42 -21.14
N PHE B 235 22.28 -7.55 -20.50
CA PHE B 235 23.11 -8.58 -21.13
C PHE B 235 22.37 -9.90 -21.24
N GLY B 236 21.05 -9.82 -21.40
CA GLY B 236 20.27 -11.01 -21.57
C GLY B 236 19.97 -11.66 -20.23
N LYS B 237 19.37 -12.83 -20.30
CA LYS B 237 18.92 -13.55 -19.12
C LYS B 237 20.08 -14.36 -18.52
N GLY B 238 20.60 -13.89 -17.39
CA GLY B 238 21.63 -14.61 -16.67
C GLY B 238 21.59 -14.30 -15.19
N ILE B 239 22.64 -14.65 -14.46
CA ILE B 239 22.78 -14.26 -13.08
C ILE B 239 23.79 -13.14 -13.05
N TYR B 240 23.42 -12.01 -12.46
CA TYR B 240 24.19 -10.78 -12.47
C TYR B 240 24.91 -10.55 -11.13
N PHE B 241 26.14 -10.05 -11.20
CA PHE B 241 26.94 -9.74 -10.00
C PHE B 241 27.66 -8.40 -10.18
N ALA B 242 28.00 -7.76 -9.08
CA ALA B 242 28.81 -6.55 -9.12
C ALA B 242 30.11 -6.75 -8.34
N ASP B 243 31.10 -5.93 -8.63
CA ASP B 243 32.26 -5.82 -7.76
C ASP B 243 32.20 -4.58 -6.89
N MET B 244 31.13 -3.79 -7.01
CA MET B 244 30.87 -2.66 -6.12
C MET B 244 29.64 -2.99 -5.28
N VAL B 245 29.81 -2.97 -3.97
CA VAL B 245 28.74 -3.40 -3.07
C VAL B 245 27.49 -2.57 -3.29
N SER B 246 27.66 -1.26 -3.57
CA SER B 246 26.46 -0.42 -3.70
C SER B 246 25.70 -0.73 -4.97
N LYS B 247 26.38 -1.16 -6.03
CA LYS B 247 25.64 -1.50 -7.24
C LYS B 247 24.69 -2.66 -6.98
N SER B 248 25.14 -3.68 -6.23
CA SER B 248 24.25 -4.77 -5.88
C SER B 248 23.27 -4.37 -4.78
N ALA B 249 23.70 -3.54 -3.84
CA ALA B 249 22.85 -3.17 -2.71
C ALA B 249 21.61 -2.41 -3.16
N ASN B 250 21.71 -1.67 -4.26
CA ASN B 250 20.53 -1.04 -4.83
C ASN B 250 19.46 -2.05 -5.18
N TYR B 251 19.83 -3.30 -5.47
CA TYR B 251 18.84 -4.29 -5.83
C TYR B 251 18.19 -4.96 -4.61
N CYS B 252 18.55 -4.55 -3.40
CA CYS B 252 17.79 -4.98 -2.23
C CYS B 252 16.45 -4.25 -2.16
N HIS B 253 16.31 -3.15 -2.90
CA HIS B 253 15.12 -2.31 -2.86
C HIS B 253 14.73 -1.98 -1.42
N THR B 254 15.73 -1.61 -0.62
CA THR B 254 15.46 -1.16 0.73
C THR B 254 15.05 0.31 0.70
N SER B 255 14.33 0.72 1.73
CA SER B 255 13.83 2.09 1.87
C SER B 255 14.04 2.51 3.32
N GLN B 256 13.68 3.76 3.63
CA GLN B 256 13.75 4.20 5.02
C GLN B 256 12.78 3.42 5.91
N GLY B 257 11.69 2.92 5.35
CA GLY B 257 10.75 2.16 6.14
C GLY B 257 11.31 0.84 6.61
N ASP B 258 11.99 0.11 5.70
CA ASP B 258 12.74 -1.08 6.06
C ASP B 258 14.17 -0.89 5.56
N PRO B 259 15.06 -0.41 6.42
CA PRO B 259 16.42 -0.10 5.96
C PRO B 259 17.41 -1.25 6.17
N ILE B 260 16.91 -2.46 6.39
CA ILE B 260 17.75 -3.64 6.58
C ILE B 260 17.64 -4.50 5.32
N GLY B 261 18.80 -4.88 4.77
CA GLY B 261 18.83 -5.65 3.56
C GLY B 261 19.76 -6.84 3.67
N LEU B 262 19.60 -7.75 2.71
CA LEU B 262 20.41 -8.95 2.60
C LEU B 262 21.12 -8.92 1.25
N ILE B 263 22.42 -9.22 1.26
CA ILE B 263 23.23 -9.22 0.06
C ILE B 263 24.17 -10.43 0.10
N LEU B 264 24.37 -11.07 -1.04
CA LEU B 264 25.16 -12.30 -1.08
C LEU B 264 26.56 -12.03 -1.58
N LEU B 265 27.51 -12.79 -1.08
CA LEU B 265 28.81 -12.90 -1.71
C LEU B 265 28.87 -14.29 -2.33
N GLY B 266 29.03 -14.34 -3.64
CA GLY B 266 29.08 -15.60 -4.38
C GLY B 266 30.45 -15.80 -4.99
N GLU B 267 30.92 -17.06 -5.00
CA GLU B 267 32.07 -17.40 -5.81
C GLU B 267 31.56 -17.67 -7.23
N VAL B 268 32.03 -16.91 -8.21
CA VAL B 268 31.50 -17.02 -9.57
C VAL B 268 32.64 -17.49 -10.48
N ALA B 269 32.43 -18.63 -11.17
CA ALA B 269 33.45 -19.17 -12.05
C ALA B 269 33.36 -18.43 -13.37
N LEU B 270 34.15 -17.36 -13.51
CA LEU B 270 34.03 -16.51 -14.68
C LEU B 270 34.80 -17.03 -15.88
N GLY B 271 35.99 -17.62 -15.68
CA GLY B 271 36.77 -18.12 -16.80
C GLY B 271 37.12 -17.03 -17.81
N ASN B 272 36.97 -17.36 -19.10
CA ASN B 272 37.20 -16.42 -20.20
C ASN B 272 35.99 -15.51 -20.34
N MET B 273 36.18 -14.22 -20.05
CA MET B 273 35.12 -13.22 -20.02
C MET B 273 34.91 -12.60 -21.39
N TYR B 274 33.66 -12.61 -21.87
CA TYR B 274 33.20 -11.85 -23.04
C TYR B 274 33.00 -10.40 -22.59
N GLU B 275 33.97 -9.54 -22.91
CA GLU B 275 33.99 -8.17 -22.41
C GLU B 275 33.15 -7.27 -23.30
N LEU B 276 32.21 -6.53 -22.70
CA LEU B 276 31.29 -5.71 -23.46
C LEU B 276 31.15 -4.33 -22.85
N LYS B 277 31.07 -3.34 -23.73
CA LYS B 277 30.89 -1.96 -23.31
C LYS B 277 29.45 -1.50 -23.43
N HIS B 278 28.59 -2.26 -24.11
CA HIS B 278 27.21 -1.83 -24.30
C HIS B 278 26.27 -3.04 -24.28
N ALA B 279 24.97 -2.75 -24.11
CA ALA B 279 23.95 -3.79 -24.03
C ALA B 279 24.05 -4.81 -25.15
N SER B 280 24.04 -6.09 -24.77
CA SER B 280 23.94 -7.18 -25.74
C SER B 280 23.11 -8.29 -25.10
N HIS B 281 22.11 -8.80 -25.79
CA HIS B 281 21.21 -9.77 -25.19
C HIS B 281 21.73 -11.16 -25.54
N ILE B 282 22.62 -11.66 -24.69
CA ILE B 282 23.25 -12.94 -24.93
C ILE B 282 22.19 -14.04 -24.98
N SER B 283 22.11 -14.73 -26.11
CA SER B 283 21.39 -15.99 -26.14
C SER B 283 22.32 -17.18 -26.22
N LYS B 284 23.59 -16.97 -26.58
CA LYS B 284 24.64 -17.97 -26.47
C LYS B 284 25.98 -17.26 -26.49
N LEU B 285 26.93 -17.73 -25.70
CA LEU B 285 28.19 -17.02 -25.60
C LEU B 285 29.12 -17.48 -26.71
N PRO B 286 30.05 -16.61 -27.16
CA PRO B 286 31.06 -17.09 -28.09
C PRO B 286 31.72 -18.35 -27.56
N LYS B 287 32.01 -19.27 -28.48
CA LYS B 287 32.69 -20.51 -28.08
C LYS B 287 33.96 -20.17 -27.35
N GLY B 288 34.18 -20.85 -26.21
CA GLY B 288 35.35 -20.58 -25.40
C GLY B 288 35.14 -19.54 -24.32
N LYS B 289 33.99 -18.88 -24.28
CA LYS B 289 33.66 -17.89 -23.26
C LYS B 289 32.74 -18.47 -22.19
N HIS B 290 32.95 -18.06 -20.94
CA HIS B 290 32.14 -18.55 -19.85
C HIS B 290 31.30 -17.49 -19.18
N SER B 291 31.54 -16.22 -19.50
CA SER B 291 30.80 -15.16 -18.85
C SER B 291 30.93 -13.88 -19.67
N VAL B 292 30.08 -12.91 -19.33
CA VAL B 292 30.18 -11.55 -19.84
C VAL B 292 30.67 -10.68 -18.71
N LYS B 293 31.60 -9.80 -19.02
CA LYS B 293 31.95 -8.71 -18.14
C LYS B 293 31.53 -7.42 -18.82
N GLY B 294 30.59 -6.71 -18.21
CA GLY B 294 30.27 -5.36 -18.63
C GLY B 294 31.30 -4.43 -18.05
N LEU B 295 31.98 -3.65 -18.89
CA LEU B 295 33.10 -2.85 -18.46
C LEU B 295 32.61 -1.49 -17.97
N GLY B 296 32.89 -1.16 -16.71
CA GLY B 296 32.56 0.14 -16.18
C GLY B 296 33.72 1.14 -16.33
N LYS B 297 33.38 2.43 -16.17
CA LYS B 297 34.39 3.49 -16.13
C LYS B 297 35.22 3.45 -14.86
N THR B 298 34.70 2.89 -13.78
CA THR B 298 35.42 2.75 -12.53
C THR B 298 35.53 1.26 -12.21
N THR B 299 36.72 0.83 -11.81
CA THR B 299 36.96 -0.57 -11.53
C THR B 299 37.81 -0.65 -10.26
N PRO B 300 37.66 -1.72 -9.49
CA PRO B 300 38.52 -1.86 -8.30
C PRO B 300 39.99 -1.90 -8.66
N ASP B 301 40.80 -1.22 -7.83
CA ASP B 301 42.22 -1.09 -8.09
C ASP B 301 42.87 -2.46 -8.09
N PRO B 302 43.34 -2.94 -9.25
CA PRO B 302 43.89 -4.30 -9.33
C PRO B 302 45.07 -4.54 -8.38
N SER B 303 45.77 -3.48 -7.97
CA SER B 303 46.85 -3.64 -7.00
C SER B 303 46.34 -4.21 -5.69
N ALA B 304 45.10 -3.91 -5.32
CA ALA B 304 44.56 -4.27 -4.02
C ALA B 304 43.85 -5.63 -4.01
N ASN B 305 43.98 -6.40 -5.09
CA ASN B 305 43.34 -7.71 -5.12
C ASN B 305 43.91 -8.61 -4.02
N ILE B 306 43.03 -9.29 -3.28
CA ILE B 306 43.46 -10.25 -2.27
C ILE B 306 42.71 -11.55 -2.48
N SER B 307 43.25 -12.62 -1.93
CA SER B 307 42.71 -13.96 -2.09
C SER B 307 42.13 -14.45 -0.78
N LEU B 308 40.94 -15.02 -0.86
CA LEU B 308 40.26 -15.56 0.30
C LEU B 308 39.94 -16.97 -0.15
N ASP B 309 40.72 -17.91 0.39
CA ASP B 309 40.63 -19.32 0.03
C ASP B 309 40.78 -19.53 -1.47
N GLY B 310 41.76 -18.84 -2.05
CA GLY B 310 42.04 -19.01 -3.47
C GLY B 310 41.06 -18.42 -4.43
N VAL B 311 40.22 -17.48 -4.01
CA VAL B 311 39.27 -16.77 -4.87
C VAL B 311 39.62 -15.29 -4.84
N ASP B 312 39.57 -14.64 -6.01
CA ASP B 312 39.84 -13.21 -6.07
C ASP B 312 38.76 -12.43 -5.33
N VAL B 313 39.18 -11.52 -4.46
CA VAL B 313 38.29 -10.54 -3.85
C VAL B 313 38.73 -9.16 -4.31
N PRO B 314 38.06 -8.58 -5.31
CA PRO B 314 38.51 -7.27 -5.80
C PRO B 314 38.03 -6.15 -4.88
N LEU B 315 38.64 -6.05 -3.72
CA LEU B 315 38.20 -5.13 -2.69
C LEU B 315 38.86 -3.76 -2.76
N GLY B 316 39.64 -3.50 -3.81
CA GLY B 316 40.32 -2.22 -3.90
C GLY B 316 39.37 -1.07 -4.19
N THR B 317 39.76 0.12 -3.73
CA THR B 317 39.00 1.33 -4.03
C THR B 317 38.97 1.60 -5.54
N GLY B 318 37.92 2.30 -5.95
CA GLY B 318 37.74 2.63 -7.34
C GLY B 318 38.81 3.50 -7.95
N ILE B 319 39.37 3.04 -9.06
CA ILE B 319 40.25 3.85 -9.88
C ILE B 319 39.62 3.87 -11.26
N SER B 320 40.01 4.86 -12.05
CA SER B 320 39.56 4.91 -13.43
C SER B 320 39.99 3.64 -14.14
N SER B 321 39.15 3.17 -15.05
CA SER B 321 39.47 1.96 -15.81
C SER B 321 40.08 2.25 -17.17
N GLY B 322 40.10 3.51 -17.61
CA GLY B 322 40.55 3.82 -18.96
C GLY B 322 39.58 3.50 -20.07
N VAL B 323 38.39 3.00 -19.74
CA VAL B 323 37.31 2.79 -20.69
C VAL B 323 36.42 4.02 -20.64
N ASN B 324 36.46 4.85 -21.68
CA ASN B 324 35.55 6.01 -21.77
C ASN B 324 34.33 5.74 -22.63
N ASP B 325 34.42 4.81 -23.59
CA ASP B 325 33.32 4.54 -24.51
C ASP B 325 32.43 3.42 -23.98
N THR B 326 31.88 3.59 -22.77
CA THR B 326 31.04 2.57 -22.17
C THR B 326 29.75 3.12 -21.59
N SER B 327 28.71 2.29 -21.64
CA SER B 327 27.42 2.65 -21.05
C SER B 327 27.36 2.46 -19.54
N LEU B 328 28.41 1.97 -18.90
CA LEU B 328 28.32 1.54 -17.50
C LEU B 328 29.28 2.35 -16.67
N LEU B 329 28.80 2.87 -15.53
CA LEU B 329 29.69 3.43 -14.53
C LEU B 329 30.54 2.35 -13.85
N TYR B 330 29.96 1.19 -13.58
CA TYR B 330 30.65 0.15 -12.82
C TYR B 330 30.54 -1.19 -13.55
N ASN B 331 31.50 -2.07 -13.26
CA ASN B 331 31.51 -3.40 -13.88
C ASN B 331 30.23 -4.17 -13.50
N GLU B 332 29.88 -5.14 -14.33
CA GLU B 332 28.97 -6.19 -13.87
C GLU B 332 29.36 -7.50 -14.55
N TYR B 333 28.95 -8.61 -13.94
CA TYR B 333 29.35 -9.92 -14.43
C TYR B 333 28.13 -10.81 -14.52
N ILE B 334 28.04 -11.56 -15.62
CA ILE B 334 26.87 -12.40 -15.86
C ILE B 334 27.37 -13.77 -16.28
N VAL B 335 26.75 -14.83 -15.72
CA VAL B 335 26.94 -16.19 -16.18
C VAL B 335 25.58 -16.72 -16.59
N TYR B 336 25.58 -17.69 -17.52
CA TYR B 336 24.35 -18.15 -18.16
C TYR B 336 24.08 -19.59 -17.82
N ASP B 337 24.79 -20.11 -16.83
CA ASP B 337 24.60 -21.45 -16.31
C ASP B 337 24.58 -21.33 -14.81
N ILE B 338 23.46 -21.72 -14.19
CA ILE B 338 23.31 -21.56 -12.76
C ILE B 338 24.39 -22.30 -11.96
N ALA B 339 24.99 -23.35 -12.55
CA ALA B 339 25.98 -24.15 -11.83
C ALA B 339 27.32 -23.46 -11.65
N GLN B 340 27.51 -22.28 -12.29
CA GLN B 340 28.77 -21.55 -12.21
C GLN B 340 28.88 -20.66 -10.98
N VAL B 341 27.93 -20.77 -10.06
CA VAL B 341 27.88 -19.93 -8.87
C VAL B 341 27.94 -20.83 -7.64
N ASN B 342 28.84 -20.53 -6.73
CA ASN B 342 28.86 -21.17 -5.42
C ASN B 342 28.69 -20.07 -4.38
N LEU B 343 27.53 -20.04 -3.72
CA LEU B 343 27.25 -19.03 -2.70
C LEU B 343 28.12 -19.26 -1.46
N LYS B 344 28.69 -18.16 -0.93
CA LYS B 344 29.67 -18.22 0.15
C LYS B 344 29.23 -17.49 1.41
N TYR B 345 28.79 -16.22 1.29
CA TYR B 345 28.41 -15.42 2.45
C TYR B 345 27.08 -14.73 2.23
N LEU B 346 26.37 -14.49 3.32
CA LEU B 346 25.15 -13.70 3.34
C LEU B 346 25.39 -12.61 4.35
N LEU B 347 25.25 -11.36 3.94
CA LEU B 347 25.49 -10.25 4.84
C LEU B 347 24.17 -9.57 5.15
N LYS B 348 23.91 -9.34 6.42
CA LYS B 348 22.79 -8.49 6.84
C LYS B 348 23.31 -7.07 7.02
N LEU B 349 22.81 -6.15 6.18
CA LEU B 349 23.27 -4.77 6.09
C LEU B 349 22.20 -3.80 6.55
N LYS B 350 22.60 -2.76 7.27
CA LYS B 350 21.74 -1.63 7.57
C LYS B 350 22.06 -0.50 6.60
N PHE B 351 21.02 0.05 5.98
CA PHE B 351 21.11 1.21 5.10
C PHE B 351 20.76 2.46 5.91
N ASN B 352 21.66 3.44 5.93
CA ASN B 352 21.42 4.69 6.64
C ASN B 352 21.18 5.75 5.58
N PHE B 353 19.92 6.08 5.34
CA PHE B 353 19.57 6.97 4.24
C PHE B 353 19.78 8.41 4.65
N LYS B 354 20.32 9.20 3.73
CA LYS B 354 20.62 10.60 3.96
C LYS B 354 19.33 11.40 4.12
N LYS C 6 -26.50 4.66 -9.45
CA LYS C 6 -27.38 4.49 -10.61
C LYS C 6 -28.43 3.39 -10.38
N SER C 7 -28.07 2.35 -9.61
CA SER C 7 -29.06 1.34 -9.24
C SER C 7 -30.14 1.98 -8.38
N LYS C 8 -31.39 1.94 -8.86
CA LYS C 8 -32.52 2.42 -8.09
C LYS C 8 -33.02 1.40 -7.07
N LEU C 9 -32.40 0.22 -7.00
CA LEU C 9 -32.81 -0.78 -6.04
C LEU C 9 -32.61 -0.27 -4.63
N PRO C 10 -33.50 -0.62 -3.70
CA PRO C 10 -33.28 -0.27 -2.28
C PRO C 10 -31.98 -0.85 -1.77
N LYS C 11 -31.36 -0.14 -0.83
CA LYS C 11 -30.09 -0.59 -0.26
C LYS C 11 -30.13 -2.01 0.27
N PRO C 12 -31.16 -2.46 1.00
CA PRO C 12 -31.16 -3.86 1.44
C PRO C 12 -31.12 -4.84 0.27
N VAL C 13 -31.85 -4.56 -0.80
CA VAL C 13 -31.88 -5.46 -1.94
C VAL C 13 -30.52 -5.54 -2.61
N GLN C 14 -29.85 -4.40 -2.74
CA GLN C 14 -28.52 -4.40 -3.35
C GLN C 14 -27.54 -5.22 -2.51
N ASP C 15 -27.61 -5.09 -1.19
CA ASP C 15 -26.75 -5.88 -0.32
C ASP C 15 -27.08 -7.36 -0.39
N LEU C 16 -28.36 -7.71 -0.58
CA LEU C 16 -28.71 -9.11 -0.75
C LEU C 16 -28.07 -9.64 -2.03
N ILE C 17 -28.16 -8.86 -3.11
CA ILE C 17 -27.61 -9.28 -4.39
C ILE C 17 -26.10 -9.42 -4.30
N LYS C 18 -25.44 -8.50 -3.58
CA LYS C 18 -24.00 -8.61 -3.36
C LYS C 18 -23.66 -9.87 -2.59
N MET C 19 -24.43 -10.18 -1.55
CA MET C 19 -24.17 -11.33 -0.69
C MET C 19 -24.36 -12.66 -1.43
N ILE C 20 -25.33 -12.70 -2.33
CA ILE C 20 -25.67 -13.96 -3.00
C ILE C 20 -24.65 -14.27 -4.09
N PHE C 21 -24.03 -13.24 -4.66
CA PHE C 21 -23.05 -13.39 -5.73
C PHE C 21 -21.61 -13.14 -5.27
N ASP C 22 -21.35 -13.27 -3.97
CA ASP C 22 -20.02 -13.01 -3.43
C ASP C 22 -19.08 -14.17 -3.76
N VAL C 23 -18.15 -13.95 -4.69
CA VAL C 23 -17.27 -15.05 -5.09
C VAL C 23 -16.31 -15.45 -3.95
N GLU C 24 -15.96 -14.54 -3.04
CA GLU C 24 -15.16 -14.96 -1.90
C GLU C 24 -15.92 -15.97 -1.05
N SER C 25 -17.23 -15.78 -0.88
CA SER C 25 -18.02 -16.78 -0.17
C SER C 25 -18.01 -18.11 -0.93
N MET C 26 -18.05 -18.05 -2.25
CA MET C 26 -17.94 -19.27 -3.03
C MET C 26 -16.61 -19.97 -2.78
N LYS C 27 -15.50 -19.23 -2.88
CA LYS C 27 -14.19 -19.83 -2.67
C LYS C 27 -14.03 -20.29 -1.22
N LYS C 28 -14.51 -19.50 -0.26
CA LYS C 28 -14.36 -19.86 1.14
C LYS C 28 -15.06 -21.18 1.46
N ALA C 29 -16.23 -21.43 0.86
CA ALA C 29 -16.94 -22.69 1.08
C ALA C 29 -16.21 -23.87 0.45
N MET C 30 -15.62 -23.65 -0.73
CA MET C 30 -14.89 -24.71 -1.42
C MET C 30 -13.68 -25.17 -0.61
N VAL C 31 -12.94 -24.23 -0.05
CA VAL C 31 -11.77 -24.56 0.78
C VAL C 31 -12.20 -25.28 2.05
N GLU C 32 -13.30 -24.85 2.66
CA GLU C 32 -13.76 -25.49 3.88
C GLU C 32 -14.11 -26.96 3.64
N TYR C 33 -14.53 -27.29 2.42
CA TYR C 33 -14.75 -28.68 2.01
C TYR C 33 -13.43 -29.39 1.74
N GLU C 34 -12.31 -28.66 1.83
CA GLU C 34 -10.96 -29.17 1.55
C GLU C 34 -10.82 -29.55 0.08
N ILE C 35 -11.36 -28.71 -0.80
CA ILE C 35 -11.18 -28.86 -2.23
C ILE C 35 -9.88 -28.17 -2.61
N ASP C 36 -9.17 -28.70 -3.60
CA ASP C 36 -7.86 -28.15 -3.97
C ASP C 36 -8.11 -26.89 -4.80
N LEU C 37 -8.11 -25.74 -4.12
CA LEU C 37 -8.43 -24.49 -4.79
C LEU C 37 -7.24 -23.96 -5.60
N GLN C 38 -6.00 -24.19 -5.13
CA GLN C 38 -4.86 -23.92 -5.99
C GLN C 38 -4.87 -24.83 -7.22
N LYS C 39 -5.42 -26.04 -7.08
CA LYS C 39 -5.43 -27.01 -8.17
C LYS C 39 -6.65 -26.88 -9.06
N MET C 40 -7.74 -26.31 -8.57
CA MET C 40 -8.94 -26.14 -9.38
C MET C 40 -9.45 -24.71 -9.27
N PRO C 41 -9.75 -24.06 -10.40
CA PRO C 41 -10.37 -22.74 -10.34
C PRO C 41 -11.88 -22.86 -10.26
N LEU C 42 -12.50 -21.83 -9.66
CA LEU C 42 -13.95 -21.73 -9.67
C LEU C 42 -14.48 -21.83 -11.09
N GLY C 43 -13.75 -21.28 -12.06
CA GLY C 43 -14.12 -21.30 -13.47
C GLY C 43 -14.11 -22.67 -14.12
N LYS C 44 -13.72 -23.73 -13.42
CA LYS C 44 -13.65 -25.05 -14.03
C LYS C 44 -14.65 -26.03 -13.44
N LEU C 45 -15.83 -25.55 -13.04
CA LEU C 45 -16.90 -26.45 -12.64
C LEU C 45 -17.82 -26.69 -13.82
N SER C 46 -18.15 -27.95 -14.08
CA SER C 46 -19.01 -28.33 -15.19
C SER C 46 -20.25 -29.01 -14.61
N LYS C 47 -21.42 -28.56 -15.03
CA LYS C 47 -22.63 -29.27 -14.62
C LYS C 47 -22.56 -30.73 -15.07
N ARG C 48 -21.94 -31.00 -16.23
CA ARG C 48 -21.74 -32.38 -16.68
C ARG C 48 -20.69 -33.11 -15.83
N GLN C 49 -19.59 -32.43 -15.47
CA GLN C 49 -18.57 -33.06 -14.62
C GLN C 49 -19.15 -33.45 -13.26
N ILE C 50 -19.83 -32.50 -12.61
CA ILE C 50 -20.36 -32.76 -11.28
C ILE C 50 -21.43 -33.85 -11.34
N GLN C 51 -22.26 -33.84 -12.39
CA GLN C 51 -23.27 -34.89 -12.52
C GLN C 51 -22.61 -36.26 -12.68
N ALA C 52 -21.50 -36.34 -13.42
CA ALA C 52 -20.80 -37.61 -13.54
C ALA C 52 -20.18 -38.03 -12.21
N ALA C 53 -19.58 -37.09 -11.49
CA ALA C 53 -19.04 -37.38 -10.17
C ALA C 53 -20.14 -37.84 -9.23
N TYR C 54 -21.34 -37.29 -9.38
CA TYR C 54 -22.49 -37.85 -8.67
C TYR C 54 -22.66 -39.32 -8.98
N SER C 55 -22.62 -39.69 -10.27
CA SER C 55 -22.78 -41.08 -10.64
C SER C 55 -21.71 -41.95 -10.00
N ILE C 56 -20.47 -41.46 -9.97
CA ILE C 56 -19.38 -42.18 -9.32
C ILE C 56 -19.73 -42.46 -7.87
N LEU C 57 -20.32 -41.48 -7.16
CA LEU C 57 -20.71 -41.68 -5.77
C LEU C 57 -21.77 -42.75 -5.61
N SER C 58 -22.80 -42.74 -6.47
CA SER C 58 -23.87 -43.73 -6.30
C SER C 58 -23.37 -45.15 -6.60
N GLU C 59 -22.44 -45.29 -7.55
CA GLU C 59 -21.78 -46.59 -7.75
C GLU C 59 -21.11 -47.08 -6.46
N VAL C 60 -20.33 -46.20 -5.82
CA VAL C 60 -19.70 -46.48 -4.55
C VAL C 60 -20.71 -46.90 -3.48
N GLN C 61 -21.89 -46.29 -3.49
CA GLN C 61 -22.89 -46.57 -2.45
C GLN C 61 -23.40 -48.01 -2.49
N GLN C 62 -23.61 -48.56 -3.70
CA GLN C 62 -24.13 -49.91 -3.85
C GLN C 62 -23.11 -50.98 -3.48
N ALA C 63 -21.80 -50.66 -3.51
CA ALA C 63 -20.79 -51.66 -3.22
C ALA C 63 -20.54 -51.77 -1.73
N VAL C 64 -20.63 -50.66 -1.00
CA VAL C 64 -20.58 -50.71 0.46
C VAL C 64 -21.89 -51.27 1.02
N LEU C 76 -12.75 -46.54 -7.89
CA LEU C 76 -13.80 -45.52 -8.04
C LEU C 76 -13.40 -44.26 -7.27
N SER C 77 -12.87 -44.44 -6.05
CA SER C 77 -12.40 -43.28 -5.30
C SER C 77 -11.31 -42.52 -6.03
N ASN C 78 -10.60 -43.17 -6.95
CA ASN C 78 -9.56 -42.46 -7.67
C ASN C 78 -10.15 -41.65 -8.82
N ARG C 79 -11.21 -42.15 -9.44
CA ARG C 79 -11.92 -41.36 -10.43
C ARG C 79 -12.54 -40.11 -9.78
N PHE C 80 -12.84 -40.17 -8.48
CA PHE C 80 -13.50 -39.06 -7.82
C PHE C 80 -12.51 -37.95 -7.46
N TYR C 81 -11.46 -38.29 -6.71
CA TYR C 81 -10.53 -37.26 -6.29
C TYR C 81 -9.74 -36.68 -7.45
N THR C 82 -9.72 -37.37 -8.60
CA THR C 82 -9.16 -36.78 -9.82
C THR C 82 -10.11 -35.75 -10.42
N LEU C 83 -11.41 -36.05 -10.44
CA LEU C 83 -12.39 -35.08 -10.92
C LEU C 83 -12.49 -33.90 -9.96
N ILE C 84 -12.57 -34.16 -8.66
CA ILE C 84 -12.69 -33.11 -7.68
C ILE C 84 -11.46 -33.11 -6.79
N PRO C 85 -10.43 -32.35 -7.14
CA PRO C 85 -9.16 -32.41 -6.40
C PRO C 85 -9.28 -31.86 -5.00
N HIS C 86 -8.67 -32.57 -4.06
CA HIS C 86 -8.65 -32.13 -2.67
C HIS C 86 -7.21 -31.87 -2.24
N ASP C 87 -7.06 -31.27 -1.07
CA ASP C 87 -5.75 -31.01 -0.50
C ASP C 87 -5.79 -31.17 1.01
N PRO C 93 -7.35 -37.59 0.48
CA PRO C 93 -7.08 -39.02 0.74
C PRO C 93 -8.18 -39.90 1.38
N PRO C 94 -9.20 -39.39 2.08
CA PRO C 94 -10.19 -40.30 2.69
C PRO C 94 -10.80 -41.24 1.65
N LEU C 95 -10.75 -42.53 1.95
CA LEU C 95 -11.38 -43.52 1.08
C LEU C 95 -12.90 -43.44 1.14
N LEU C 96 -13.55 -43.52 -0.03
CA LEU C 96 -15.00 -43.51 -0.11
C LEU C 96 -15.49 -44.90 0.23
N ASN C 97 -15.58 -45.15 1.54
CA ASN C 97 -15.80 -46.47 2.13
C ASN C 97 -17.13 -46.64 2.83
N ASN C 98 -17.61 -45.61 3.52
CA ASN C 98 -18.76 -45.72 4.38
C ASN C 98 -19.96 -45.01 3.77
N ALA C 99 -21.14 -45.33 4.30
CA ALA C 99 -22.29 -44.50 4.03
C ALA C 99 -22.02 -43.06 4.45
N ASP C 100 -21.47 -42.87 5.66
CA ASP C 100 -21.18 -41.51 6.08
C ASP C 100 -20.19 -40.84 5.14
N SER C 101 -19.29 -41.62 4.54
CA SER C 101 -18.30 -41.03 3.64
C SER C 101 -18.92 -40.63 2.31
N VAL C 102 -19.82 -41.46 1.76
CA VAL C 102 -20.45 -41.11 0.49
C VAL C 102 -21.43 -39.95 0.66
N GLN C 103 -22.17 -39.94 1.77
CA GLN C 103 -23.17 -38.90 1.99
C GLN C 103 -22.51 -37.53 2.13
N ALA C 104 -21.38 -37.45 2.85
CA ALA C 104 -20.70 -36.17 3.03
C ALA C 104 -20.28 -35.57 1.69
N LYS C 105 -19.75 -36.39 0.79
CA LYS C 105 -19.36 -35.92 -0.53
C LYS C 105 -20.57 -35.55 -1.38
N ALA C 106 -21.69 -36.24 -1.19
CA ALA C 106 -22.90 -35.92 -1.95
C ALA C 106 -23.44 -34.56 -1.55
N GLU C 107 -23.46 -34.28 -0.23
CA GLU C 107 -23.86 -32.95 0.24
C GLU C 107 -22.92 -31.89 -0.30
N MET C 108 -21.62 -32.19 -0.35
CA MET C 108 -20.64 -31.26 -0.91
C MET C 108 -20.94 -30.96 -2.38
N LEU C 109 -21.23 -32.01 -3.17
CA LEU C 109 -21.60 -31.81 -4.57
C LEU C 109 -22.89 -30.99 -4.71
N ASP C 110 -23.84 -31.15 -3.79
CA ASP C 110 -25.04 -30.33 -3.83
C ASP C 110 -24.66 -28.86 -3.71
N ASN C 111 -23.81 -28.53 -2.74
CA ASN C 111 -23.33 -27.17 -2.57
C ASN C 111 -22.50 -26.72 -3.77
N LEU C 112 -21.64 -27.60 -4.30
CA LEU C 112 -20.82 -27.25 -5.45
C LEU C 112 -21.67 -26.94 -6.67
N LEU C 113 -22.72 -27.73 -6.89
CA LEU C 113 -23.54 -27.54 -8.08
C LEU C 113 -24.16 -26.15 -8.09
N ASP C 114 -24.70 -25.69 -6.96
CA ASP C 114 -25.30 -24.36 -6.89
C ASP C 114 -24.25 -23.26 -6.99
N ILE C 115 -23.03 -23.53 -6.49
CA ILE C 115 -21.93 -22.58 -6.67
C ILE C 115 -21.58 -22.44 -8.15
N GLU C 116 -21.63 -23.55 -8.90
CA GLU C 116 -21.48 -23.45 -10.35
C GLU C 116 -22.60 -22.61 -10.94
N VAL C 117 -23.83 -22.80 -10.45
CA VAL C 117 -24.96 -22.01 -10.92
C VAL C 117 -24.74 -20.53 -10.60
N ALA C 118 -24.32 -20.23 -9.37
CA ALA C 118 -24.12 -18.83 -9.00
C ALA C 118 -23.02 -18.19 -9.83
N TYR C 119 -21.91 -18.89 -10.01
CA TYR C 119 -20.77 -18.31 -10.69
C TYR C 119 -21.00 -18.19 -12.20
N SER C 120 -21.65 -19.19 -12.81
CA SER C 120 -21.86 -19.07 -14.24
C SER C 120 -22.87 -18.00 -14.56
N LEU C 121 -23.86 -17.82 -13.67
CA LEU C 121 -24.80 -16.72 -13.82
C LEU C 121 -24.07 -15.39 -13.78
N LEU C 122 -23.19 -15.22 -12.80
CA LEU C 122 -22.49 -13.95 -12.59
C LEU C 122 -21.66 -13.56 -13.81
N ARG C 123 -21.02 -14.52 -14.46
CA ARG C 123 -20.16 -14.26 -15.60
C ARG C 123 -20.82 -14.53 -16.94
N GLY C 124 -22.16 -14.62 -16.99
CA GLY C 124 -22.83 -14.92 -18.24
C GLY C 124 -23.57 -13.75 -18.85
N SER C 129 -25.16 -3.03 -21.53
CA SER C 129 -23.90 -2.60 -20.93
C SER C 129 -24.05 -1.21 -20.29
N SER C 130 -25.12 -0.50 -20.64
CA SER C 130 -25.38 0.77 -20.00
C SER C 130 -25.96 0.62 -18.59
N LYS C 131 -26.46 -0.57 -18.24
CA LYS C 131 -27.13 -0.72 -16.96
C LYS C 131 -26.12 -0.97 -15.83
N ASP C 132 -26.57 -0.71 -14.61
CA ASP C 132 -25.74 -0.88 -13.43
C ASP C 132 -25.37 -2.36 -13.25
N PRO C 133 -24.22 -2.66 -12.65
CA PRO C 133 -23.88 -4.08 -12.40
C PRO C 133 -24.89 -4.75 -11.47
N ILE C 134 -25.17 -4.12 -10.32
CA ILE C 134 -26.11 -4.71 -9.36
C ILE C 134 -27.45 -4.95 -10.02
N ASP C 135 -27.84 -4.10 -10.97
CA ASP C 135 -29.13 -4.23 -11.62
C ASP C 135 -29.11 -5.38 -12.62
N VAL C 136 -28.00 -5.55 -13.33
CA VAL C 136 -27.93 -6.65 -14.28
C VAL C 136 -27.93 -7.99 -13.53
N ASN C 137 -27.27 -8.02 -12.37
CA ASN C 137 -27.22 -9.28 -11.63
C ASN C 137 -28.50 -9.52 -10.87
N TYR C 138 -29.16 -8.47 -10.39
CA TYR C 138 -30.50 -8.64 -9.83
C TYR C 138 -31.41 -9.31 -10.85
N GLU C 139 -31.30 -8.90 -12.11
CA GLU C 139 -32.17 -9.46 -13.14
C GLU C 139 -31.86 -10.93 -13.38
N LYS C 140 -30.63 -11.35 -13.10
CA LYS C 140 -30.24 -12.74 -13.33
C LYS C 140 -31.01 -13.70 -12.44
N LEU C 141 -31.46 -13.25 -11.26
CA LEU C 141 -32.20 -14.12 -10.34
C LEU C 141 -33.64 -14.41 -10.81
N LYS C 142 -34.17 -13.66 -11.77
CA LYS C 142 -35.55 -13.83 -12.25
C LYS C 142 -36.55 -13.84 -11.10
N THR C 143 -36.32 -12.97 -10.13
CA THR C 143 -37.16 -12.91 -8.95
C THR C 143 -37.45 -11.44 -8.62
N ASP C 144 -38.73 -11.13 -8.40
CA ASP C 144 -39.08 -9.83 -7.87
C ASP C 144 -38.82 -9.81 -6.36
N ILE C 145 -38.00 -8.88 -5.91
CA ILE C 145 -37.62 -8.78 -4.51
C ILE C 145 -38.00 -7.40 -4.01
N LYS C 146 -38.80 -7.34 -2.94
CA LYS C 146 -39.19 -6.09 -2.30
C LYS C 146 -38.88 -6.15 -0.81
N VAL C 147 -38.58 -5.01 -0.23
CA VAL C 147 -38.37 -4.93 1.21
C VAL C 147 -39.72 -4.80 1.91
N VAL C 148 -39.90 -5.54 3.00
CA VAL C 148 -41.08 -5.46 3.84
C VAL C 148 -40.83 -4.44 4.93
N ASP C 149 -41.71 -3.43 5.04
CA ASP C 149 -41.51 -2.41 6.06
C ASP C 149 -41.52 -3.04 7.45
N ARG C 150 -40.47 -2.72 8.22
CA ARG C 150 -40.34 -3.26 9.58
C ARG C 150 -41.51 -2.83 10.46
N ASP C 151 -42.13 -1.69 10.16
CA ASP C 151 -43.25 -1.18 10.92
C ASP C 151 -44.57 -1.82 10.53
N SER C 152 -44.56 -2.79 9.60
CA SER C 152 -45.77 -3.42 9.09
C SER C 152 -46.24 -4.53 10.03
N GLU C 153 -47.54 -4.87 9.91
CA GLU C 153 -48.05 -6.07 10.56
C GLU C 153 -47.52 -7.33 9.89
N GLU C 154 -47.26 -7.27 8.58
CA GLU C 154 -46.56 -8.35 7.88
C GLU C 154 -45.26 -8.69 8.59
N ALA C 155 -44.41 -7.68 8.77
CA ALA C 155 -43.12 -7.89 9.42
C ALA C 155 -43.27 -8.38 10.85
N GLU C 156 -44.25 -7.82 11.59
CA GLU C 156 -44.39 -8.19 12.99
C GLU C 156 -44.76 -9.66 13.12
N ILE C 157 -45.68 -10.13 12.27
CA ILE C 157 -46.02 -11.55 12.29
C ILE C 157 -44.79 -12.41 11.99
N ILE C 158 -43.97 -12.00 11.00
CA ILE C 158 -42.78 -12.78 10.66
C ILE C 158 -41.77 -12.76 11.81
N ARG C 159 -41.58 -11.60 12.45
CA ARG C 159 -40.68 -11.57 13.60
C ARG C 159 -41.21 -12.40 14.76
N LYS C 160 -42.54 -12.42 14.95
CA LYS C 160 -43.13 -13.27 15.97
C LYS C 160 -42.91 -14.75 15.66
N TYR C 161 -42.97 -15.13 14.37
CA TYR C 161 -42.61 -16.49 13.96
C TYR C 161 -41.17 -16.81 14.35
N VAL C 162 -40.24 -15.91 14.03
CA VAL C 162 -38.83 -16.11 14.40
C VAL C 162 -38.67 -16.23 15.90
N LYS C 163 -39.26 -15.31 16.67
CA LYS C 163 -39.06 -15.31 18.12
C LYS C 163 -39.66 -16.55 18.77
N ASN C 164 -40.88 -16.92 18.39
CA ASN C 164 -41.59 -17.93 19.18
C ASN C 164 -41.18 -19.37 18.89
N THR C 165 -40.52 -19.65 17.76
CA THR C 165 -40.29 -21.04 17.38
C THR C 165 -38.82 -21.43 17.43
N HIS C 166 -38.01 -20.66 18.15
CA HIS C 166 -36.66 -21.11 18.45
C HIS C 166 -36.71 -22.26 19.45
N ALA C 167 -35.98 -23.33 19.16
CA ALA C 167 -36.03 -24.56 19.93
C ALA C 167 -35.23 -24.46 21.23
N THR C 168 -35.70 -25.19 22.24
CA THR C 168 -34.97 -25.25 23.52
C THR C 168 -33.62 -25.96 23.35
N THR C 169 -33.56 -26.98 22.48
CA THR C 169 -32.33 -27.71 22.23
C THR C 169 -31.29 -26.90 21.46
N HIS C 170 -31.71 -25.86 20.74
CA HIS C 170 -30.79 -25.07 19.91
C HIS C 170 -30.34 -23.81 20.65
N ASN C 171 -29.47 -24.03 21.65
CA ASN C 171 -29.03 -22.97 22.55
C ASN C 171 -27.78 -22.22 22.07
N ALA C 172 -27.18 -22.61 20.95
CA ALA C 172 -25.87 -22.06 20.57
C ALA C 172 -25.91 -20.62 20.07
N TYR C 173 -27.08 -20.07 19.75
CA TYR C 173 -27.17 -18.73 19.20
C TYR C 173 -28.57 -18.19 19.43
N ASP C 174 -28.69 -16.87 19.30
CA ASP C 174 -29.96 -16.16 19.21
C ASP C 174 -30.10 -15.60 17.79
N LEU C 175 -31.33 -15.31 17.38
CA LEU C 175 -31.58 -14.84 16.02
C LEU C 175 -32.28 -13.49 16.03
N GLU C 176 -31.86 -12.61 15.12
CA GLU C 176 -32.46 -11.30 14.93
C GLU C 176 -32.65 -11.09 13.43
N VAL C 177 -33.89 -10.82 13.01
CA VAL C 177 -34.18 -10.53 11.62
C VAL C 177 -33.61 -9.15 11.28
N ILE C 178 -32.75 -9.10 10.26
CA ILE C 178 -32.20 -7.84 9.77
C ILE C 178 -33.10 -7.27 8.68
N ASP C 179 -33.36 -8.05 7.64
CA ASP C 179 -34.23 -7.64 6.54
C ASP C 179 -35.23 -8.75 6.23
N ILE C 180 -36.45 -8.33 5.91
CA ILE C 180 -37.49 -9.23 5.44
C ILE C 180 -37.82 -8.85 4.00
N PHE C 181 -37.59 -9.79 3.08
CA PHE C 181 -37.90 -9.59 1.68
C PHE C 181 -39.10 -10.43 1.27
N LYS C 182 -39.95 -9.85 0.41
CA LYS C 182 -41.03 -10.59 -0.26
C LYS C 182 -40.56 -10.93 -1.67
N ILE C 183 -40.66 -12.21 -2.04
CA ILE C 183 -40.05 -12.65 -3.27
C ILE C 183 -41.10 -13.36 -4.12
N GLU C 184 -40.96 -13.21 -5.43
CA GLU C 184 -41.83 -13.88 -6.39
C GLU C 184 -40.93 -14.34 -7.53
N ARG C 185 -40.64 -15.64 -7.57
CA ARG C 185 -39.85 -16.21 -8.65
C ARG C 185 -40.67 -16.21 -9.94
N GLU C 186 -40.04 -15.91 -11.07
CA GLU C 186 -40.76 -15.94 -12.33
C GLU C 186 -41.35 -17.32 -12.61
N GLY C 187 -42.65 -17.35 -12.97
CA GLY C 187 -43.31 -18.60 -13.29
C GLY C 187 -43.69 -19.48 -12.11
N GLU C 188 -43.32 -19.10 -10.88
CA GLU C 188 -43.62 -20.01 -9.77
C GLU C 188 -45.09 -19.96 -9.35
N CYS C 189 -45.75 -18.81 -9.48
CA CYS C 189 -47.20 -18.76 -9.24
C CYS C 189 -47.93 -19.75 -10.15
N GLN C 190 -47.61 -19.71 -11.45
CA GLN C 190 -48.24 -20.60 -12.42
C GLN C 190 -47.93 -22.07 -12.14
N ARG C 191 -46.67 -22.37 -11.78
CA ARG C 191 -46.28 -23.73 -11.46
C ARG C 191 -46.98 -24.26 -10.22
N TYR C 192 -47.16 -23.40 -9.22
CA TYR C 192 -47.79 -23.81 -7.97
C TYR C 192 -49.31 -23.92 -8.09
N LYS C 193 -49.90 -23.18 -9.05
CA LYS C 193 -51.36 -23.05 -9.16
C LYS C 193 -52.10 -24.38 -9.03
N PRO C 194 -51.74 -25.45 -9.73
CA PRO C 194 -52.43 -26.73 -9.50
C PRO C 194 -52.42 -27.20 -8.03
N PHE C 195 -51.41 -26.83 -7.26
CA PHE C 195 -51.36 -27.30 -5.88
C PHE C 195 -52.02 -26.35 -4.90
N LYS C 196 -52.49 -25.18 -5.35
CA LYS C 196 -53.27 -24.35 -4.45
C LYS C 196 -54.60 -25.01 -4.09
N GLN C 197 -55.06 -25.98 -4.87
CA GLN C 197 -56.32 -26.59 -4.50
C GLN C 197 -56.13 -27.70 -3.47
N LEU C 198 -54.89 -28.11 -3.22
CA LEU C 198 -54.60 -28.99 -2.11
C LEU C 198 -54.98 -28.29 -0.81
N HIS C 199 -55.46 -29.08 0.14
CA HIS C 199 -55.68 -28.55 1.46
C HIS C 199 -54.35 -28.51 2.23
N ASN C 200 -54.39 -27.88 3.40
CA ASN C 200 -53.31 -27.96 4.34
C ASN C 200 -52.05 -27.26 3.78
N ARG C 201 -52.21 -26.01 3.38
CA ARG C 201 -51.11 -25.20 2.90
C ARG C 201 -50.51 -24.44 4.07
N ARG C 202 -49.18 -24.53 4.21
CA ARG C 202 -48.46 -24.08 5.40
C ARG C 202 -47.25 -23.21 5.06
N LEU C 203 -47.01 -22.18 5.88
CA LEU C 203 -45.83 -21.32 5.73
C LEU C 203 -44.72 -21.86 6.63
N LEU C 204 -43.64 -22.31 6.01
CA LEU C 204 -42.64 -23.13 6.68
C LEU C 204 -41.26 -22.63 6.35
N TRP C 205 -40.30 -22.98 7.21
CA TRP C 205 -38.92 -22.52 7.10
C TRP C 205 -38.11 -23.44 6.20
N HIS C 206 -37.17 -22.86 5.46
CA HIS C 206 -36.15 -23.65 4.80
C HIS C 206 -34.87 -22.85 4.83
N GLY C 207 -33.87 -23.38 5.53
CA GLY C 207 -32.56 -22.76 5.58
C GLY C 207 -31.61 -23.41 4.60
N SER C 208 -30.61 -22.62 4.20
CA SER C 208 -29.61 -23.12 3.27
C SER C 208 -28.43 -22.17 3.28
N ARG C 209 -27.30 -22.66 2.76
CA ARG C 209 -26.09 -21.85 2.64
C ARG C 209 -26.30 -20.66 1.71
N THR C 210 -25.64 -19.54 2.05
CA THR C 210 -25.72 -18.31 1.26
C THR C 210 -25.33 -18.57 -0.18
N THR C 211 -24.31 -19.39 -0.39
CA THR C 211 -23.82 -19.71 -1.73
C THR C 211 -24.83 -20.50 -2.57
N ASN C 212 -25.93 -20.95 -1.98
CA ASN C 212 -26.97 -21.63 -2.75
C ASN C 212 -28.05 -20.70 -3.27
N PHE C 213 -28.10 -19.43 -2.84
CA PHE C 213 -29.29 -18.64 -3.07
C PHE C 213 -29.41 -18.09 -4.50
N ALA C 214 -28.31 -17.94 -5.22
CA ALA C 214 -28.43 -17.64 -6.65
C ALA C 214 -29.15 -18.78 -7.36
N GLY C 215 -28.79 -20.02 -7.04
CA GLY C 215 -29.49 -21.15 -7.64
C GLY C 215 -30.92 -21.25 -7.15
N ILE C 216 -31.13 -21.07 -5.85
CA ILE C 216 -32.48 -21.19 -5.28
C ILE C 216 -33.40 -20.12 -5.87
N LEU C 217 -32.93 -18.88 -5.97
CA LEU C 217 -33.84 -17.86 -6.48
C LEU C 217 -34.09 -18.04 -7.98
N SER C 218 -33.05 -18.35 -8.76
CA SER C 218 -33.31 -18.51 -10.19
C SER C 218 -33.95 -19.86 -10.53
N GLN C 219 -33.71 -20.91 -9.74
CA GLN C 219 -34.26 -22.22 -10.09
C GLN C 219 -35.26 -22.77 -9.10
N GLY C 220 -35.43 -22.14 -7.94
CA GLY C 220 -36.33 -22.67 -6.93
C GLY C 220 -35.69 -23.80 -6.15
N LEU C 221 -36.31 -24.15 -5.05
CA LEU C 221 -35.90 -25.31 -4.30
C LEU C 221 -36.03 -26.57 -5.15
N ARG C 222 -34.98 -27.39 -5.14
CA ARG C 222 -34.91 -28.57 -5.96
C ARG C 222 -34.69 -29.81 -5.10
N ILE C 223 -34.91 -30.96 -5.71
CA ILE C 223 -34.71 -32.26 -5.09
C ILE C 223 -33.39 -32.83 -5.56
N ALA C 224 -32.72 -33.58 -4.67
CA ALA C 224 -31.44 -34.20 -4.99
C ALA C 224 -31.56 -35.01 -6.28
N PRO C 225 -30.53 -35.01 -7.12
CA PRO C 225 -30.65 -35.64 -8.44
C PRO C 225 -30.75 -37.15 -8.35
N PRO C 226 -31.30 -37.79 -9.39
CA PRO C 226 -31.45 -39.25 -9.36
C PRO C 226 -30.13 -40.00 -9.28
N GLU C 227 -29.06 -39.36 -9.76
CA GLU C 227 -27.69 -39.87 -9.67
C GLU C 227 -27.16 -39.93 -8.24
N ALA C 228 -27.81 -39.25 -7.30
CA ALA C 228 -27.37 -39.07 -5.92
C ALA C 228 -27.62 -40.31 -5.07
N PRO C 229 -26.84 -40.50 -4.01
CA PRO C 229 -27.08 -41.64 -3.11
C PRO C 229 -28.49 -41.58 -2.53
N VAL C 230 -29.17 -42.72 -2.55
CA VAL C 230 -30.47 -42.84 -1.90
C VAL C 230 -30.32 -42.86 -0.40
N THR C 231 -29.10 -43.15 0.06
CA THR C 231 -28.70 -43.14 1.46
C THR C 231 -28.62 -41.71 2.01
N GLY C 232 -28.83 -41.57 3.32
CA GLY C 232 -28.55 -40.32 4.00
C GLY C 232 -29.71 -39.34 4.12
N TYR C 233 -30.85 -39.61 3.51
CA TYR C 233 -32.04 -38.78 3.65
C TYR C 233 -33.04 -39.46 4.57
N MET C 234 -33.38 -38.78 5.66
CA MET C 234 -34.29 -39.37 6.63
C MET C 234 -35.62 -39.76 6.00
N PHE C 235 -36.14 -38.94 5.07
CA PHE C 235 -37.42 -39.21 4.42
C PHE C 235 -37.29 -39.16 2.91
N GLY C 236 -36.14 -39.61 2.40
CA GLY C 236 -35.94 -39.74 0.98
C GLY C 236 -35.56 -38.44 0.32
N LYS C 237 -35.50 -38.49 -1.00
CA LYS C 237 -35.11 -37.32 -1.76
C LYS C 237 -36.35 -36.46 -1.96
N GLY C 238 -36.46 -35.39 -1.17
CA GLY C 238 -37.53 -34.42 -1.29
C GLY C 238 -37.07 -33.03 -0.91
N ILE C 239 -38.00 -32.10 -0.71
CA ILE C 239 -37.68 -30.77 -0.20
C ILE C 239 -38.12 -30.71 1.23
N TYR C 240 -37.21 -30.34 2.12
CA TYR C 240 -37.45 -30.40 3.56
C TYR C 240 -37.72 -29.02 4.16
N PHE C 241 -38.67 -28.97 5.09
CA PHE C 241 -39.05 -27.73 5.74
C PHE C 241 -39.23 -27.99 7.24
N ALA C 242 -39.06 -26.93 8.04
CA ALA C 242 -39.33 -26.98 9.46
C ALA C 242 -40.42 -25.96 9.81
N ASP C 243 -41.09 -26.20 10.95
CA ASP C 243 -41.96 -25.20 11.55
C ASP C 243 -41.29 -24.50 12.73
N MET C 244 -40.02 -24.83 13.02
CA MET C 244 -39.21 -24.15 14.02
C MET C 244 -38.04 -23.44 13.33
N VAL C 245 -37.94 -22.12 13.50
CA VAL C 245 -36.92 -21.39 12.76
C VAL C 245 -35.51 -21.93 13.03
N SER C 246 -35.24 -22.40 14.26
CA SER C 246 -33.88 -22.83 14.54
C SER C 246 -33.55 -24.17 13.88
N LYS C 247 -34.56 -25.03 13.67
CA LYS C 247 -34.26 -26.27 12.96
C LYS C 247 -33.81 -25.96 11.53
N SER C 248 -34.44 -24.97 10.87
CA SER C 248 -33.93 -24.59 9.56
C SER C 248 -32.69 -23.71 9.64
N ALA C 249 -32.59 -22.86 10.66
CA ALA C 249 -31.43 -21.96 10.71
C ALA C 249 -30.14 -22.74 10.86
N ASN C 250 -30.19 -23.91 11.49
CA ASN C 250 -29.02 -24.78 11.57
C ASN C 250 -28.47 -25.14 10.20
N TYR C 251 -29.32 -25.15 9.18
CA TYR C 251 -28.89 -25.51 7.84
C TYR C 251 -28.34 -24.32 7.06
N CYS C 252 -28.27 -23.13 7.67
CA CYS C 252 -27.61 -22.00 7.02
C CYS C 252 -26.09 -22.11 7.02
N HIS C 253 -25.53 -22.98 7.88
CA HIS C 253 -24.09 -23.13 8.05
C HIS C 253 -23.41 -21.79 8.32
N THR C 254 -23.99 -21.01 9.21
CA THR C 254 -23.32 -19.78 9.65
C THR C 254 -22.37 -20.10 10.80
N SER C 255 -21.41 -19.20 11.01
CA SER C 255 -20.40 -19.35 12.06
C SER C 255 -20.22 -18.01 12.76
N GLN C 256 -19.36 -17.99 13.77
CA GLN C 256 -19.02 -16.72 14.39
C GLN C 256 -18.25 -15.82 13.42
N GLY C 257 -17.51 -16.41 12.50
CA GLY C 257 -16.77 -15.59 11.54
C GLY C 257 -17.70 -14.81 10.61
N ASP C 258 -18.74 -15.46 10.10
CA ASP C 258 -19.81 -14.82 9.34
C ASP C 258 -21.15 -15.22 9.97
N PRO C 259 -21.71 -14.38 10.84
CA PRO C 259 -22.92 -14.77 11.57
C PRO C 259 -24.21 -14.31 10.90
N ILE C 260 -24.15 -14.02 9.61
CA ILE C 260 -25.31 -13.61 8.84
C ILE C 260 -25.70 -14.73 7.90
N GLY C 261 -26.98 -15.11 7.94
CA GLY C 261 -27.48 -16.18 7.10
C GLY C 261 -28.78 -15.76 6.43
N LEU C 262 -29.17 -16.57 5.45
CA LEU C 262 -30.41 -16.39 4.69
C LEU C 262 -31.32 -17.59 4.91
N ILE C 263 -32.59 -17.31 5.16
CA ILE C 263 -33.56 -18.36 5.42
C ILE C 263 -34.84 -18.05 4.63
N LEU C 264 -35.50 -19.08 4.11
CA LEU C 264 -36.70 -18.90 3.32
C LEU C 264 -37.94 -19.19 4.13
N LEU C 265 -39.00 -18.42 3.87
CA LEU C 265 -40.35 -18.85 4.24
C LEU C 265 -41.05 -19.26 2.95
N GLY C 266 -41.47 -20.51 2.89
CA GLY C 266 -42.19 -21.03 1.72
C GLY C 266 -43.58 -21.46 2.11
N GLU C 267 -44.54 -21.20 1.22
CA GLU C 267 -45.86 -21.81 1.32
C GLU C 267 -45.78 -23.20 0.71
N VAL C 268 -46.14 -24.21 1.49
CA VAL C 268 -46.01 -25.60 1.08
C VAL C 268 -47.40 -26.24 1.06
N ALA C 269 -47.77 -26.83 -0.08
CA ALA C 269 -49.05 -27.50 -0.19
C ALA C 269 -48.87 -28.92 0.33
N LEU C 270 -49.16 -29.13 1.61
CA LEU C 270 -48.91 -30.43 2.24
C LEU C 270 -50.01 -31.45 1.95
N GLY C 271 -51.26 -31.03 1.82
CA GLY C 271 -52.34 -31.99 1.59
C GLY C 271 -52.50 -32.98 2.74
N ASN C 272 -52.75 -34.24 2.38
CA ASN C 272 -52.85 -35.30 3.38
C ASN C 272 -51.44 -35.76 3.75
N MET C 273 -51.05 -35.51 5.00
CA MET C 273 -49.70 -35.78 5.46
C MET C 273 -49.55 -37.24 5.89
N TYR C 274 -48.55 -37.91 5.32
CA TYR C 274 -48.13 -39.24 5.74
C TYR C 274 -47.30 -39.04 7.00
N GLU C 275 -47.89 -39.26 8.17
CA GLU C 275 -47.21 -38.91 9.41
C GLU C 275 -46.31 -40.06 9.81
N LEU C 276 -45.04 -39.77 10.02
CA LEU C 276 -44.05 -40.81 10.29
C LEU C 276 -43.22 -40.40 11.49
N LYS C 277 -42.88 -41.40 12.32
CA LYS C 277 -42.06 -41.20 13.51
C LYS C 277 -40.64 -41.68 13.35
N HIS C 278 -40.32 -42.39 12.26
CA HIS C 278 -38.98 -42.92 12.08
C HIS C 278 -38.62 -42.84 10.60
N ALA C 279 -37.31 -42.89 10.32
CA ALA C 279 -36.80 -42.77 8.97
C ALA C 279 -37.58 -43.67 8.02
N SER C 280 -38.01 -43.10 6.90
CA SER C 280 -38.76 -43.79 5.85
C SER C 280 -37.84 -44.44 4.84
N HIS C 281 -38.19 -45.66 4.45
CA HIS C 281 -37.38 -46.39 3.49
C HIS C 281 -38.28 -47.11 2.46
N LYS C 284 -41.92 -43.81 -3.34
CA LYS C 284 -43.30 -43.44 -3.61
C LYS C 284 -44.12 -43.32 -2.32
N LEU C 285 -45.11 -42.38 -2.32
CA LEU C 285 -46.06 -42.07 -1.25
C LEU C 285 -47.32 -42.89 -1.45
N PRO C 286 -47.99 -43.24 -0.35
CA PRO C 286 -49.33 -43.84 -0.46
C PRO C 286 -50.28 -43.00 -1.31
N LYS C 287 -51.16 -43.70 -2.05
CA LYS C 287 -52.23 -43.02 -2.75
C LYS C 287 -52.98 -42.16 -1.74
N GLY C 288 -53.24 -40.91 -2.12
CA GLY C 288 -53.92 -40.01 -1.24
C GLY C 288 -53.02 -39.20 -0.33
N LYS C 289 -51.72 -39.50 -0.29
CA LYS C 289 -50.77 -38.71 0.49
C LYS C 289 -49.96 -37.80 -0.42
N HIS C 290 -49.75 -36.57 0.02
CA HIS C 290 -49.06 -35.59 -0.79
C HIS C 290 -47.78 -35.07 -0.16
N SER C 291 -47.50 -35.45 1.09
CA SER C 291 -46.30 -35.04 1.79
C SER C 291 -46.01 -36.02 2.91
N VAL C 292 -44.82 -35.90 3.47
CA VAL C 292 -44.48 -36.60 4.71
C VAL C 292 -44.33 -35.55 5.80
N LYS C 293 -44.89 -35.83 6.95
CA LYS C 293 -44.58 -35.09 8.17
C LYS C 293 -43.82 -35.99 9.11
N GLY C 294 -42.58 -35.62 9.42
CA GLY C 294 -41.85 -36.24 10.49
C GLY C 294 -42.34 -35.72 11.82
N LEU C 295 -42.76 -36.61 12.72
CA LEU C 295 -43.43 -36.22 13.97
C LEU C 295 -42.37 -35.96 15.03
N GLY C 296 -42.35 -34.74 15.54
CA GLY C 296 -41.44 -34.40 16.60
C GLY C 296 -42.03 -34.55 17.99
N LYS C 297 -41.13 -34.56 18.97
CA LYS C 297 -41.58 -34.52 20.36
C LYS C 297 -42.08 -33.13 20.75
N THR C 298 -41.57 -32.08 20.11
CA THR C 298 -42.01 -30.72 20.36
C THR C 298 -42.58 -30.13 19.08
N THR C 299 -43.72 -29.47 19.19
CA THR C 299 -44.43 -28.89 18.06
C THR C 299 -44.89 -27.50 18.43
N PRO C 300 -44.97 -26.56 17.47
CA PRO C 300 -45.53 -25.25 17.79
C PRO C 300 -46.95 -25.39 18.29
N ASP C 301 -47.29 -24.57 19.28
CA ASP C 301 -48.55 -24.67 19.99
C ASP C 301 -49.71 -24.49 19.01
N PRO C 302 -50.51 -25.54 18.78
CA PRO C 302 -51.60 -25.42 17.81
C PRO C 302 -52.57 -24.33 18.15
N SER C 303 -52.68 -24.00 19.45
CA SER C 303 -53.57 -22.94 19.89
C SER C 303 -53.20 -21.61 19.29
N ALA C 304 -51.91 -21.37 19.05
CA ALA C 304 -51.47 -20.09 18.56
C ALA C 304 -51.32 -20.06 17.04
N ASN C 305 -51.70 -21.12 16.33
CA ASN C 305 -51.66 -21.09 14.87
C ASN C 305 -52.66 -20.06 14.34
N ILE C 306 -52.26 -19.33 13.29
CA ILE C 306 -53.16 -18.38 12.65
C ILE C 306 -53.25 -18.66 11.16
N SER C 307 -54.37 -18.30 10.55
CA SER C 307 -54.63 -18.54 9.14
C SER C 307 -54.63 -17.22 8.39
N LEU C 308 -53.80 -17.15 7.36
CA LEU C 308 -53.48 -15.93 6.63
C LEU C 308 -53.63 -16.23 5.14
N ASP C 309 -54.67 -15.68 4.51
CA ASP C 309 -54.92 -15.97 3.10
C ASP C 309 -55.07 -17.48 2.87
N GLY C 310 -55.78 -18.14 3.78
CA GLY C 310 -55.97 -19.57 3.67
C GLY C 310 -54.72 -20.38 3.91
N VAL C 311 -53.68 -19.79 4.49
CA VAL C 311 -52.42 -20.47 4.77
C VAL C 311 -52.14 -20.45 6.25
N ASP C 312 -51.77 -21.60 6.80
CA ASP C 312 -51.40 -21.73 8.21
C ASP C 312 -50.01 -21.18 8.49
N VAL C 313 -49.91 -20.37 9.53
CA VAL C 313 -48.64 -19.92 10.07
C VAL C 313 -48.52 -20.43 11.49
N PRO C 314 -47.75 -21.50 11.72
CA PRO C 314 -47.63 -22.18 13.02
C PRO C 314 -46.77 -21.35 13.97
N LEU C 315 -47.43 -20.38 14.57
CA LEU C 315 -46.75 -19.34 15.32
C LEU C 315 -46.51 -19.67 16.78
N GLY C 316 -47.03 -20.80 17.26
CA GLY C 316 -47.00 -21.07 18.69
C GLY C 316 -45.61 -21.40 19.21
N THR C 317 -45.40 -21.07 20.48
CA THR C 317 -44.20 -21.57 21.15
C THR C 317 -44.22 -23.09 21.20
N GLY C 318 -43.03 -23.68 21.18
CA GLY C 318 -42.92 -25.12 21.22
C GLY C 318 -43.54 -25.66 22.49
N ILE C 319 -44.47 -26.60 22.32
CA ILE C 319 -45.07 -27.34 23.41
C ILE C 319 -44.86 -28.81 23.12
N SER C 320 -45.01 -29.64 24.15
CA SER C 320 -44.95 -31.08 23.99
C SER C 320 -46.04 -31.55 23.03
N SER C 321 -45.72 -32.55 22.23
CA SER C 321 -46.67 -33.13 21.29
C SER C 321 -47.30 -34.41 21.81
N GLY C 322 -46.80 -34.99 22.89
CA GLY C 322 -47.32 -36.28 23.29
C GLY C 322 -46.90 -37.42 22.39
N VAL C 323 -46.06 -37.18 21.39
CA VAL C 323 -45.55 -38.25 20.54
C VAL C 323 -44.24 -38.73 21.14
N ASN C 324 -44.30 -39.87 21.82
CA ASN C 324 -43.12 -40.53 22.36
C ASN C 324 -42.72 -41.65 21.40
N ASP C 325 -41.47 -42.06 21.50
CA ASP C 325 -40.91 -43.08 20.61
C ASP C 325 -40.86 -42.56 19.17
N THR C 326 -40.17 -41.45 18.99
CA THR C 326 -39.88 -40.89 17.67
C THR C 326 -38.41 -40.53 17.64
N SER C 327 -37.79 -40.67 16.48
CA SER C 327 -36.40 -40.29 16.27
C SER C 327 -36.21 -38.77 16.14
N LEU C 328 -37.26 -37.97 16.28
CA LEU C 328 -37.21 -36.55 15.95
C LEU C 328 -37.54 -35.72 17.17
N LEU C 329 -36.67 -34.74 17.48
CA LEU C 329 -37.01 -33.73 18.48
C LEU C 329 -38.14 -32.82 17.98
N TYR C 330 -38.07 -32.39 16.71
CA TYR C 330 -39.00 -31.43 16.16
C TYR C 330 -39.54 -31.92 14.82
N ASN C 331 -40.69 -31.38 14.44
CA ASN C 331 -41.30 -31.75 13.18
C ASN C 331 -40.39 -31.43 12.00
N GLU C 332 -40.63 -32.13 10.89
CA GLU C 332 -40.18 -31.65 9.60
C GLU C 332 -41.17 -32.09 8.54
N TYR C 333 -41.13 -31.42 7.40
CA TYR C 333 -42.08 -31.67 6.34
C TYR C 333 -41.32 -31.82 5.03
N ILE C 334 -41.72 -32.82 4.26
CA ILE C 334 -41.07 -33.13 3.00
C ILE C 334 -42.14 -33.25 1.92
N VAL C 335 -41.89 -32.63 0.77
CA VAL C 335 -42.71 -32.82 -0.41
C VAL C 335 -41.80 -33.33 -1.51
N TYR C 336 -42.40 -34.01 -2.47
CA TYR C 336 -41.61 -34.74 -3.46
C TYR C 336 -41.83 -34.21 -4.87
N ASP C 337 -42.48 -33.08 -5.01
CA ASP C 337 -42.70 -32.42 -6.30
C ASP C 337 -42.36 -30.96 -6.10
N ILE C 338 -41.38 -30.46 -6.85
CA ILE C 338 -40.93 -29.08 -6.67
C ILE C 338 -42.07 -28.08 -6.86
N ALA C 339 -43.14 -28.46 -7.56
CA ALA C 339 -44.26 -27.55 -7.77
C ALA C 339 -45.14 -27.36 -6.54
N GLN C 340 -44.93 -28.14 -5.46
CA GLN C 340 -45.74 -28.00 -4.25
C GLN C 340 -45.25 -26.87 -3.34
N VAL C 341 -44.29 -26.07 -3.79
CA VAL C 341 -43.66 -25.01 -3.01
C VAL C 341 -43.79 -23.69 -3.73
N ASN C 342 -44.27 -22.68 -3.04
CA ASN C 342 -44.30 -21.30 -3.51
C ASN C 342 -43.48 -20.50 -2.50
N LEU C 343 -42.30 -20.03 -2.91
CA LEU C 343 -41.48 -19.24 -2.00
C LEU C 343 -42.11 -17.85 -1.78
N LYS C 344 -42.10 -17.38 -0.52
CA LYS C 344 -42.80 -16.16 -0.13
C LYS C 344 -41.86 -15.08 0.40
N TYR C 345 -41.04 -15.41 1.39
CA TYR C 345 -40.13 -14.45 1.99
C TYR C 345 -38.72 -15.03 2.05
N LEU C 346 -37.75 -14.14 2.00
CA LEU C 346 -36.36 -14.45 2.24
C LEU C 346 -35.95 -13.49 3.34
N LEU C 347 -35.40 -14.03 4.42
CA LEU C 347 -34.99 -13.24 5.58
C LEU C 347 -33.49 -13.23 5.67
N LYS C 348 -32.93 -12.04 5.88
CA LYS C 348 -31.53 -11.91 6.26
C LYS C 348 -31.48 -11.97 7.78
N LEU C 349 -30.81 -12.98 8.32
CA LEU C 349 -30.77 -13.22 9.75
C LEU C 349 -29.39 -12.96 10.32
N LYS C 350 -29.36 -12.34 11.50
CA LYS C 350 -28.15 -12.24 12.29
C LYS C 350 -28.19 -13.36 13.31
N PHE C 351 -27.15 -14.17 13.33
CA PHE C 351 -26.96 -15.18 14.34
C PHE C 351 -26.03 -14.55 15.38
N ASN C 352 -26.47 -14.48 16.62
CA ASN C 352 -25.68 -13.95 17.72
C ASN C 352 -25.31 -15.15 18.58
N PHE C 353 -24.07 -15.58 18.45
CA PHE C 353 -23.64 -16.81 19.11
C PHE C 353 -23.32 -16.55 20.57
N LYS C 354 -23.46 -17.58 21.38
CA LYS C 354 -23.41 -17.44 22.83
C LYS C 354 -22.08 -17.88 23.39
N THR C 355 -21.79 -17.37 24.60
CA THR C 355 -20.59 -17.64 25.39
C THR C 355 -19.29 -17.53 24.59
N LEU D 9 -0.26 43.36 -11.80
CA LEU D 9 0.20 42.15 -12.49
C LEU D 9 -0.70 40.98 -12.13
N PRO D 10 -0.89 40.05 -13.08
CA PRO D 10 -1.72 38.87 -12.80
C PRO D 10 -1.18 38.02 -11.66
N LYS D 11 -2.10 37.37 -10.95
CA LYS D 11 -1.73 36.49 -9.84
C LYS D 11 -0.67 35.46 -10.22
N PRO D 12 -0.75 34.78 -11.37
CA PRO D 12 0.33 33.83 -11.70
C PRO D 12 1.70 34.49 -11.79
N VAL D 13 1.78 35.69 -12.38
CA VAL D 13 3.07 36.39 -12.42
C VAL D 13 3.47 36.83 -11.03
N GLN D 14 2.49 37.30 -10.23
CA GLN D 14 2.77 37.72 -8.87
C GLN D 14 3.27 36.56 -8.03
N ASP D 15 2.61 35.40 -8.13
CA ASP D 15 3.06 34.22 -7.38
C ASP D 15 4.43 33.74 -7.85
N LEU D 16 4.75 33.91 -9.14
CA LEU D 16 6.08 33.59 -9.64
C LEU D 16 7.14 34.51 -9.05
N ILE D 17 6.85 35.82 -8.96
CA ILE D 17 7.82 36.76 -8.40
C ILE D 17 8.05 36.47 -6.92
N LYS D 18 6.98 36.15 -6.18
CA LYS D 18 7.12 35.77 -4.76
C LYS D 18 7.96 34.52 -4.64
N MET D 19 7.77 33.60 -5.56
CA MET D 19 8.48 32.34 -5.54
C MET D 19 9.96 32.52 -5.77
N ILE D 20 10.33 33.47 -6.63
CA ILE D 20 11.70 33.65 -7.06
C ILE D 20 12.52 34.43 -6.03
N PHE D 21 11.88 35.34 -5.31
CA PHE D 21 12.54 36.18 -4.32
C PHE D 21 12.26 35.72 -2.91
N ASP D 22 11.96 34.43 -2.74
CA ASP D 22 11.57 33.85 -1.46
C ASP D 22 12.83 33.72 -0.61
N VAL D 23 12.99 34.67 0.32
CA VAL D 23 14.19 34.77 1.15
C VAL D 23 14.27 33.64 2.17
N GLU D 24 13.14 33.09 2.59
CA GLU D 24 13.18 31.92 3.45
C GLU D 24 13.80 30.74 2.70
N SER D 25 13.43 30.58 1.42
CA SER D 25 14.03 29.55 0.58
C SER D 25 15.52 29.75 0.40
N MET D 26 15.97 31.01 0.29
CA MET D 26 17.40 31.27 0.27
C MET D 26 18.04 30.77 1.57
N LYS D 27 17.46 31.15 2.70
CA LYS D 27 18.01 30.72 3.98
C LYS D 27 17.89 29.20 4.12
N LYS D 28 16.80 28.62 3.66
CA LYS D 28 16.66 27.16 3.71
C LYS D 28 17.74 26.49 2.88
N ALA D 29 18.11 27.10 1.75
CA ALA D 29 19.19 26.55 0.94
C ALA D 29 20.53 26.69 1.65
N MET D 30 20.73 27.83 2.33
CA MET D 30 21.95 28.04 3.11
C MET D 30 22.04 27.05 4.27
N VAL D 31 20.93 26.84 4.98
CA VAL D 31 20.92 25.92 6.10
C VAL D 31 21.14 24.48 5.63
N GLU D 32 20.53 24.08 4.52
CA GLU D 32 20.72 22.73 4.02
C GLU D 32 22.17 22.50 3.57
N TYR D 33 22.82 23.53 3.05
CA TYR D 33 24.24 23.46 2.67
C TYR D 33 25.18 23.52 3.86
N GLU D 34 24.65 23.68 5.08
CA GLU D 34 25.43 23.76 6.32
C GLU D 34 26.24 25.05 6.41
N ILE D 35 25.56 26.20 6.30
CA ILE D 35 26.15 27.52 6.52
C ILE D 35 27.13 27.85 5.42
N LYS D 39 28.59 33.73 11.25
CA LYS D 39 28.68 32.40 10.65
C LYS D 39 27.70 32.27 9.49
N MET D 40 27.11 33.41 9.11
CA MET D 40 26.17 33.47 8.01
C MET D 40 26.40 34.69 7.14
N LEU D 42 23.08 35.72 4.68
CA LEU D 42 22.40 36.18 3.48
C LEU D 42 22.82 37.59 3.07
N GLY D 43 23.03 38.44 4.05
CA GLY D 43 23.48 39.78 3.72
C GLY D 43 24.97 39.91 3.58
N LYS D 44 25.72 38.85 3.90
CA LYS D 44 27.17 38.85 3.85
C LYS D 44 27.61 37.84 2.79
N LEU D 45 27.57 38.25 1.52
CA LEU D 45 28.07 37.42 0.43
C LEU D 45 28.81 38.32 -0.55
N SER D 46 30.00 37.89 -0.96
CA SER D 46 30.88 38.68 -1.79
C SER D 46 31.13 38.02 -3.14
N LYS D 47 30.96 38.80 -4.22
CA LYS D 47 31.38 38.33 -5.53
C LYS D 47 32.87 38.00 -5.53
N ARG D 48 33.66 38.78 -4.77
CA ARG D 48 35.09 38.51 -4.64
C ARG D 48 35.34 37.21 -3.87
N GLN D 49 34.55 36.95 -2.82
CA GLN D 49 34.70 35.71 -2.07
C GLN D 49 34.46 34.50 -2.96
N ILE D 50 33.41 34.55 -3.80
CA ILE D 50 33.07 33.41 -4.64
C ILE D 50 34.18 33.13 -5.65
N GLN D 51 34.70 34.17 -6.29
CA GLN D 51 35.79 33.95 -7.26
C GLN D 51 37.02 33.37 -6.57
N ALA D 52 37.35 33.85 -5.37
CA ALA D 52 38.48 33.30 -4.64
C ALA D 52 38.22 31.88 -4.17
N ALA D 53 37.02 31.63 -3.62
CA ALA D 53 36.66 30.29 -3.17
C ALA D 53 36.59 29.31 -4.34
N TYR D 54 36.09 29.75 -5.49
CA TYR D 54 36.09 28.91 -6.69
C TYR D 54 37.49 28.46 -7.07
N SER D 55 38.44 29.39 -7.17
CA SER D 55 39.78 29.08 -7.66
C SER D 55 40.49 28.06 -6.77
N ILE D 56 40.33 28.20 -5.45
CA ILE D 56 40.94 27.27 -4.50
C ILE D 56 40.55 25.84 -4.86
N LEU D 57 39.30 25.64 -5.26
CA LEU D 57 38.82 24.33 -5.67
C LEU D 57 39.61 23.87 -6.90
N GLU D 59 42.70 24.90 -7.73
CA GLU D 59 43.91 24.52 -7.00
C GLU D 59 43.73 23.17 -6.31
N VAL D 60 42.61 22.99 -5.61
CA VAL D 60 42.31 21.68 -5.03
C VAL D 60 42.25 20.64 -6.14
N GLN D 61 41.67 20.99 -7.28
CA GLN D 61 41.66 20.12 -8.44
C GLN D 61 43.03 20.05 -9.10
N GLN D 62 43.72 21.20 -9.20
CA GLN D 62 45.02 21.25 -9.85
C GLN D 62 46.10 20.52 -9.06
N ALA D 63 45.94 20.41 -7.74
CA ALA D 63 46.87 19.68 -6.88
C ALA D 63 46.44 18.26 -6.56
N VAL D 64 45.21 17.87 -6.87
CA VAL D 64 44.74 16.51 -6.58
C VAL D 64 44.84 15.62 -7.83
N ASP D 70 50.26 14.54 1.03
CA ASP D 70 48.92 14.60 1.59
C ASP D 70 48.78 15.80 2.53
N SER D 71 49.81 16.65 2.57
CA SER D 71 49.86 17.78 3.49
C SER D 71 49.52 19.12 2.86
N GLN D 72 49.80 19.28 1.56
CA GLN D 72 49.38 20.50 0.88
C GLN D 72 47.86 20.55 0.70
N ILE D 73 47.23 19.38 0.48
CA ILE D 73 45.78 19.33 0.31
C ILE D 73 45.06 19.76 1.58
N LEU D 74 45.66 19.53 2.75
CA LEU D 74 45.03 19.94 4.00
C LEU D 74 44.95 21.46 4.10
N ASP D 75 46.10 22.15 3.98
CA ASP D 75 46.12 23.60 4.12
C ASP D 75 45.31 24.30 3.04
N LEU D 76 44.87 23.59 2.00
CA LEU D 76 43.89 24.13 1.08
C LEU D 76 42.47 23.88 1.55
N SER D 77 42.16 22.67 2.04
CA SER D 77 40.83 22.41 2.58
C SER D 77 40.50 23.34 3.75
N ASN D 78 41.53 23.89 4.40
CA ASN D 78 41.31 24.83 5.50
C ASN D 78 41.15 26.27 5.03
N ARG D 79 41.83 26.67 3.95
CA ARG D 79 41.66 28.00 3.38
C ARG D 79 40.24 28.20 2.85
N TYR D 81 37.33 26.18 3.22
CA TYR D 81 36.30 26.07 4.25
C TYR D 81 36.36 27.30 5.16
N THR D 82 37.48 28.02 5.11
CA THR D 82 37.57 29.29 5.81
C THR D 82 36.77 30.38 5.10
N LEU D 83 36.78 30.36 3.77
CA LEU D 83 36.03 31.35 3.02
C LEU D 83 34.52 31.20 3.23
N ILE D 84 34.02 29.97 3.24
CA ILE D 84 32.59 29.72 3.39
C ILE D 84 32.36 28.95 4.69
N PRO D 85 32.03 29.64 5.79
CA PRO D 85 31.98 28.98 7.11
C PRO D 85 30.85 27.97 7.22
N HIS D 86 31.18 26.83 7.81
CA HIS D 86 30.26 25.73 8.05
C HIS D 86 30.11 25.48 9.54
N ASP D 87 29.20 24.58 9.91
CA ASP D 87 29.02 24.21 11.31
C ASP D 87 28.77 22.71 11.44
N PRO D 93 33.29 17.60 9.07
CA PRO D 93 33.82 18.43 7.98
C PRO D 93 34.76 17.63 7.09
N PRO D 94 34.20 16.78 6.22
CA PRO D 94 35.05 15.93 5.37
C PRO D 94 36.11 16.73 4.64
N LEU D 95 37.33 16.16 4.59
CA LEU D 95 38.43 16.82 3.91
C LEU D 95 38.14 16.97 2.43
N LEU D 96 38.40 18.18 1.90
CA LEU D 96 38.21 18.42 0.46
C LEU D 96 39.44 17.93 -0.30
N ASN D 97 39.56 16.62 -0.39
CA ASN D 97 40.72 16.02 -1.04
C ASN D 97 40.35 15.22 -2.27
N ASN D 98 39.15 14.63 -2.28
CA ASN D 98 38.74 13.75 -3.36
C ASN D 98 38.67 14.54 -4.64
N ASP D 100 32.55 12.69 -7.38
CA ASP D 100 32.10 13.54 -6.27
C ASP D 100 33.29 14.36 -5.77
N SER D 101 34.37 14.34 -6.54
CA SER D 101 35.62 15.02 -6.20
C SER D 101 35.53 16.55 -6.24
N VAL D 102 35.22 17.18 -5.09
CA VAL D 102 35.19 18.63 -4.90
C VAL D 102 34.02 19.27 -5.66
N GLN D 103 33.30 18.48 -6.45
CA GLN D 103 32.21 19.03 -7.27
C GLN D 103 31.11 19.64 -6.41
N ALA D 104 30.85 19.06 -5.25
CA ALA D 104 29.80 19.56 -4.37
C ALA D 104 30.03 21.01 -3.95
N LYS D 105 31.28 21.36 -3.59
CA LYS D 105 31.53 22.73 -3.19
C LYS D 105 31.39 23.70 -4.35
N ALA D 106 31.78 23.26 -5.56
CA ALA D 106 31.62 24.11 -6.74
C ALA D 106 30.16 24.26 -7.12
N GLU D 107 29.41 23.15 -7.12
CA GLU D 107 27.98 23.24 -7.35
C GLU D 107 27.32 24.05 -6.26
N MET D 108 27.71 23.84 -5.00
CA MET D 108 27.08 24.63 -3.96
C MET D 108 27.42 26.10 -4.12
N LEU D 109 28.68 26.43 -4.45
CA LEU D 109 29.06 27.81 -4.74
C LEU D 109 28.24 28.39 -5.90
N ASP D 110 27.93 27.59 -6.92
CA ASP D 110 27.17 28.13 -8.04
C ASP D 110 25.78 28.57 -7.60
N ASN D 111 25.06 27.69 -6.87
CA ASN D 111 23.76 28.08 -6.34
C ASN D 111 23.88 29.30 -5.45
N LEU D 112 24.98 29.39 -4.70
CA LEU D 112 25.21 30.54 -3.81
C LEU D 112 25.37 31.83 -4.59
N LEU D 113 26.13 31.81 -5.69
CA LEU D 113 26.37 33.05 -6.41
C LEU D 113 25.08 33.67 -6.91
N ASP D 114 24.16 32.85 -7.44
CA ASP D 114 22.89 33.37 -7.93
C ASP D 114 22.00 33.83 -6.77
N ILE D 115 22.10 33.19 -5.61
CA ILE D 115 21.37 33.63 -4.41
C ILE D 115 21.86 35.01 -3.99
N GLU D 116 23.15 35.30 -4.14
CA GLU D 116 23.64 36.66 -3.90
C GLU D 116 22.98 37.65 -4.85
N VAL D 117 22.85 37.27 -6.13
CA VAL D 117 22.18 38.14 -7.11
C VAL D 117 20.73 38.35 -6.70
N ALA D 118 20.04 37.28 -6.31
CA ALA D 118 18.65 37.38 -5.90
C ALA D 118 18.51 38.28 -4.68
N TYR D 119 19.44 38.17 -3.73
CA TYR D 119 19.37 38.99 -2.53
C TYR D 119 19.80 40.44 -2.77
N SER D 120 20.82 40.67 -3.61
CA SER D 120 21.29 42.03 -3.83
C SER D 120 20.37 42.86 -4.74
N LEU D 121 19.73 42.23 -5.73
CA LEU D 121 18.77 42.95 -6.55
C LEU D 121 17.58 43.39 -5.72
N LEU D 122 17.03 42.48 -4.91
CA LEU D 122 15.88 42.82 -4.08
C LEU D 122 16.23 43.92 -3.10
N ARG D 123 17.44 43.91 -2.55
CA ARG D 123 17.93 44.97 -1.68
C ARG D 123 18.88 45.87 -2.46
N GLY D 124 18.30 46.66 -3.37
CA GLY D 124 19.10 47.54 -4.21
C GLY D 124 18.34 48.71 -4.82
N SER D 129 9.74 54.20 -3.56
CA SER D 129 8.79 53.58 -2.62
C SER D 129 7.37 54.06 -2.87
N SER D 130 6.98 54.16 -4.14
CA SER D 130 5.63 54.55 -4.54
C SER D 130 4.80 53.38 -5.05
N LYS D 131 5.43 52.44 -5.79
CA LYS D 131 4.76 51.31 -6.41
C LYS D 131 4.50 50.19 -5.39
N ASP D 132 3.63 49.24 -5.78
CA ASP D 132 3.29 48.11 -4.94
C ASP D 132 4.52 47.26 -4.66
N PRO D 133 4.49 46.45 -3.58
CA PRO D 133 5.66 45.64 -3.25
C PRO D 133 6.06 44.62 -4.32
N ILE D 134 5.14 43.73 -4.72
CA ILE D 134 5.44 42.71 -5.72
C ILE D 134 5.82 43.33 -7.07
N ASP D 135 5.29 44.53 -7.37
CA ASP D 135 5.50 45.13 -8.69
C ASP D 135 6.92 45.68 -8.86
N VAL D 136 7.51 46.23 -7.79
CA VAL D 136 8.85 46.79 -7.94
C VAL D 136 9.89 45.70 -8.20
N ASN D 137 9.69 44.50 -7.64
CA ASN D 137 10.68 43.44 -7.81
C ASN D 137 10.55 42.75 -9.18
N TYR D 138 9.33 42.63 -9.71
CA TYR D 138 9.15 42.13 -11.07
C TYR D 138 9.98 42.93 -12.08
N GLU D 139 9.99 44.26 -11.95
CA GLU D 139 10.76 45.08 -12.88
C GLU D 139 12.25 44.87 -12.73
N LYS D 140 12.71 44.41 -11.57
CA LYS D 140 14.14 44.18 -11.36
C LYS D 140 14.66 43.02 -12.21
N LEU D 141 13.79 42.09 -12.63
CA LEU D 141 14.19 40.94 -13.43
C LEU D 141 14.51 41.30 -14.87
N LYS D 142 14.12 42.50 -15.32
CA LYS D 142 14.32 42.99 -16.69
C LYS D 142 13.81 42.02 -17.75
N THR D 143 12.69 41.36 -17.46
CA THR D 143 12.10 40.37 -18.36
C THR D 143 10.60 40.59 -18.47
N ASP D 144 10.10 40.71 -19.70
CA ASP D 144 8.66 40.79 -19.92
C ASP D 144 8.07 39.40 -19.74
N ILE D 145 7.12 39.26 -18.81
CA ILE D 145 6.55 37.96 -18.48
C ILE D 145 5.04 38.04 -18.68
N LYS D 146 4.51 37.16 -19.54
CA LYS D 146 3.09 37.08 -19.83
C LYS D 146 2.61 35.67 -19.58
N VAL D 147 1.35 35.54 -19.14
CA VAL D 147 0.75 34.24 -18.93
C VAL D 147 0.26 33.72 -20.26
N VAL D 148 0.45 32.43 -20.50
CA VAL D 148 -0.08 31.78 -21.70
C VAL D 148 -1.45 31.20 -21.36
N ASP D 149 -2.48 31.67 -22.06
CA ASP D 149 -3.84 31.21 -21.79
C ASP D 149 -3.93 29.69 -22.00
N ARG D 150 -4.56 29.01 -21.04
CA ARG D 150 -4.65 27.55 -21.10
C ARG D 150 -5.37 27.04 -22.34
N ASP D 151 -6.28 27.85 -22.90
CA ASP D 151 -7.06 27.44 -24.08
C ASP D 151 -6.29 27.64 -25.38
N SER D 152 -5.03 28.07 -25.30
CA SER D 152 -4.26 28.40 -26.49
C SER D 152 -3.66 27.16 -27.14
N GLU D 153 -3.33 27.30 -28.43
CA GLU D 153 -2.52 26.31 -29.11
C GLU D 153 -1.10 26.28 -28.55
N GLU D 154 -0.61 27.44 -28.07
CA GLU D 154 0.64 27.50 -27.33
C GLU D 154 0.67 26.53 -26.16
N ALA D 155 -0.33 26.63 -25.27
CA ALA D 155 -0.43 25.75 -24.10
C ALA D 155 -0.53 24.27 -24.47
N GLU D 156 -1.24 23.96 -25.56
CA GLU D 156 -1.42 22.55 -25.93
C GLU D 156 -0.11 21.90 -26.36
N ILE D 157 0.69 22.58 -27.19
CA ILE D 157 1.98 22.01 -27.57
C ILE D 157 2.85 21.84 -26.32
N ILE D 158 2.88 22.84 -25.46
CA ILE D 158 3.73 22.80 -24.29
C ILE D 158 3.30 21.70 -23.32
N ARG D 159 2.00 21.53 -23.11
CA ARG D 159 1.55 20.46 -22.22
C ARG D 159 1.89 19.09 -22.81
N LYS D 160 1.68 18.93 -24.12
CA LYS D 160 2.01 17.66 -24.76
C LYS D 160 3.51 17.41 -24.69
N TYR D 161 4.31 18.47 -24.79
CA TYR D 161 5.76 18.40 -24.59
C TYR D 161 6.10 17.84 -23.22
N VAL D 162 5.49 18.40 -22.17
CA VAL D 162 5.71 17.86 -20.83
C VAL D 162 5.25 16.41 -20.76
N LYS D 163 4.04 16.14 -21.26
CA LYS D 163 3.45 14.81 -21.11
C LYS D 163 4.25 13.73 -21.83
N ASN D 164 4.67 14.01 -23.06
CA ASN D 164 5.23 12.97 -23.92
C ASN D 164 6.71 12.68 -23.66
N THR D 165 7.44 13.56 -22.97
CA THR D 165 8.88 13.44 -22.86
C THR D 165 9.36 13.19 -21.43
N HIS D 166 8.48 12.77 -20.53
CA HIS D 166 8.94 12.24 -19.26
C HIS D 166 9.54 10.85 -19.49
N ALA D 167 10.73 10.62 -18.95
CA ALA D 167 11.51 9.44 -19.29
C ALA D 167 11.07 8.19 -18.51
N THR D 168 11.21 7.03 -19.18
CA THR D 168 10.85 5.77 -18.54
C THR D 168 11.72 5.48 -17.32
N THR D 169 13.02 5.82 -17.40
CA THR D 169 13.91 5.60 -16.26
C THR D 169 13.68 6.62 -15.15
N HIS D 170 13.10 7.78 -15.46
CA HIS D 170 12.90 8.80 -14.44
C HIS D 170 11.57 8.50 -13.76
N ASN D 171 11.60 7.43 -12.96
CA ASN D 171 10.44 6.84 -12.33
C ASN D 171 10.08 7.51 -11.00
N ALA D 172 10.87 8.46 -10.53
CA ALA D 172 10.65 9.00 -9.20
C ALA D 172 9.45 9.94 -9.11
N TYR D 173 8.93 10.45 -10.24
CA TYR D 173 7.88 11.45 -10.16
C TYR D 173 7.11 11.56 -11.47
N ASP D 174 5.94 12.17 -11.36
CA ASP D 174 5.16 12.70 -12.47
C ASP D 174 5.10 14.22 -12.36
N LEU D 175 4.84 14.89 -13.48
CA LEU D 175 4.81 16.34 -13.51
C LEU D 175 3.49 16.90 -13.99
N GLU D 176 3.09 18.02 -13.39
CA GLU D 176 1.90 18.76 -13.79
C GLU D 176 2.28 20.24 -13.92
N VAL D 177 2.04 20.80 -15.10
CA VAL D 177 2.34 22.21 -15.36
C VAL D 177 1.32 23.07 -14.62
N ILE D 178 1.82 23.98 -13.80
CA ILE D 178 0.91 24.88 -13.09
C ILE D 178 0.66 26.16 -13.88
N ASP D 179 1.74 26.86 -14.22
CA ASP D 179 1.62 28.08 -15.01
C ASP D 179 2.61 28.00 -16.16
N ILE D 180 2.20 28.50 -17.32
CA ILE D 180 3.08 28.63 -18.48
C ILE D 180 3.24 30.11 -18.79
N PHE D 181 4.45 30.62 -18.66
CA PHE D 181 4.76 32.01 -18.96
C PHE D 181 5.56 32.12 -20.24
N LYS D 182 5.29 33.19 -20.99
CA LYS D 182 6.13 33.59 -22.11
C LYS D 182 7.03 34.73 -21.66
N ILE D 183 8.32 34.62 -21.94
CA ILE D 183 9.29 35.56 -21.40
C ILE D 183 10.08 36.17 -22.54
N GLU D 184 10.54 37.41 -22.33
CA GLU D 184 11.42 38.10 -23.28
C GLU D 184 12.47 38.82 -22.45
N ARG D 185 13.68 38.29 -22.44
CA ARG D 185 14.76 38.97 -21.73
C ARG D 185 15.19 40.22 -22.49
N GLU D 186 15.41 41.30 -21.75
CA GLU D 186 15.88 42.54 -22.34
C GLU D 186 17.22 42.32 -23.02
N GLY D 187 17.34 42.77 -24.26
CA GLY D 187 18.57 42.67 -25.01
C GLY D 187 18.85 41.30 -25.60
N GLU D 188 18.04 40.28 -25.29
CA GLU D 188 18.33 38.93 -25.80
C GLU D 188 17.94 38.77 -27.26
N CYS D 189 16.91 39.48 -27.73
CA CYS D 189 16.62 39.47 -29.17
C CYS D 189 17.82 39.96 -29.94
N GLN D 190 18.37 41.12 -29.54
CA GLN D 190 19.54 41.67 -30.23
C GLN D 190 20.74 40.73 -30.12
N ARG D 191 20.99 40.20 -28.91
CA ARG D 191 22.10 39.27 -28.72
C ARG D 191 21.95 38.01 -29.56
N TYR D 192 20.70 37.55 -29.75
CA TYR D 192 20.44 36.34 -30.51
C TYR D 192 20.51 36.57 -32.01
N LYS D 193 20.39 37.81 -32.47
CA LYS D 193 20.23 38.13 -33.91
C LYS D 193 21.17 37.40 -34.85
N PRO D 194 22.50 37.36 -34.64
CA PRO D 194 23.37 36.62 -35.57
C PRO D 194 23.00 35.14 -35.75
N PHE D 195 22.38 34.51 -34.74
CA PHE D 195 22.05 33.09 -34.84
C PHE D 195 20.60 32.83 -35.22
N LYS D 196 19.77 33.88 -35.33
CA LYS D 196 18.37 33.66 -35.62
C LYS D 196 18.16 32.97 -36.95
N GLN D 197 19.11 33.06 -37.87
CA GLN D 197 19.07 32.45 -39.19
C GLN D 197 19.89 31.17 -39.31
N LEU D 198 20.57 30.75 -38.25
CA LEU D 198 21.13 29.41 -38.26
C LEU D 198 20.07 28.37 -38.52
N HIS D 199 20.45 27.28 -39.17
CA HIS D 199 19.54 26.18 -39.33
C HIS D 199 19.49 25.37 -38.02
N ASN D 200 18.52 24.46 -37.91
CA ASN D 200 18.43 23.50 -36.82
C ASN D 200 18.21 24.19 -35.47
N ARG D 201 17.20 25.04 -35.40
CA ARG D 201 16.86 25.70 -34.16
C ARG D 201 15.78 24.90 -33.45
N ARG D 202 16.00 24.64 -32.16
CA ARG D 202 15.17 23.69 -31.45
C ARG D 202 14.71 24.32 -30.15
N LEU D 203 13.49 23.99 -29.77
CA LEU D 203 12.94 24.41 -28.49
C LEU D 203 13.24 23.33 -27.46
N LEU D 204 14.06 23.66 -26.48
CA LEU D 204 14.65 22.67 -25.59
C LEU D 204 14.52 23.10 -24.13
N TRP D 205 14.55 22.09 -23.26
CA TRP D 205 14.39 22.26 -21.81
C TRP D 205 15.69 22.64 -21.15
N HIS D 206 15.59 23.48 -20.11
CA HIS D 206 16.72 23.71 -19.21
C HIS D 206 16.19 23.88 -17.78
N GLY D 207 16.59 22.98 -16.89
CA GLY D 207 16.19 23.02 -15.51
C GLY D 207 17.23 23.64 -14.60
N SER D 208 16.75 24.16 -13.47
CA SER D 208 17.63 24.78 -12.48
C SER D 208 16.89 24.88 -11.16
N ARG D 209 17.64 25.10 -10.09
CA ARG D 209 17.02 25.36 -8.80
C ARG D 209 16.27 26.69 -8.83
N THR D 210 15.13 26.72 -8.14
CA THR D 210 14.30 27.93 -8.12
C THR D 210 15.07 29.15 -7.67
N THR D 211 15.97 28.97 -6.69
CA THR D 211 16.76 30.06 -6.15
C THR D 211 17.73 30.65 -7.17
N ASN D 212 17.86 30.06 -8.36
CA ASN D 212 18.72 30.62 -9.40
C ASN D 212 18.00 31.53 -10.39
N PHE D 213 16.67 31.51 -10.42
CA PHE D 213 15.96 32.06 -11.58
C PHE D 213 15.94 33.58 -11.60
N ALA D 214 16.07 34.23 -10.45
CA ALA D 214 16.29 35.68 -10.46
C ALA D 214 17.58 36.02 -11.21
N GLY D 215 18.62 35.22 -11.00
CA GLY D 215 19.85 35.43 -11.75
C GLY D 215 19.70 35.07 -13.21
N ILE D 216 19.04 33.94 -13.49
CA ILE D 216 18.86 33.49 -14.87
C ILE D 216 18.07 34.51 -15.68
N LEU D 217 16.94 34.99 -15.14
CA LEU D 217 16.12 35.89 -15.94
C LEU D 217 16.81 37.24 -16.13
N SER D 218 17.51 37.74 -15.10
CA SER D 218 18.18 39.03 -15.27
C SER D 218 19.48 38.93 -16.06
N GLN D 219 20.13 37.76 -16.07
CA GLN D 219 21.40 37.63 -16.76
C GLN D 219 21.42 36.62 -17.90
N GLY D 220 20.38 35.84 -18.09
CA GLY D 220 20.39 34.81 -19.09
C GLY D 220 21.14 33.58 -18.60
N LEU D 221 21.00 32.50 -19.36
CA LEU D 221 21.81 31.33 -19.11
C LEU D 221 23.28 31.66 -19.30
N ARG D 222 24.09 31.30 -18.32
CA ARG D 222 25.49 31.65 -18.34
C ARG D 222 26.32 30.38 -18.35
N ILE D 223 27.59 30.55 -18.74
CA ILE D 223 28.58 29.48 -18.80
C ILE D 223 29.43 29.53 -17.53
N ALA D 224 29.84 28.35 -17.07
CA ALA D 224 30.68 28.25 -15.88
C ALA D 224 31.97 29.06 -16.04
N PRO D 225 32.39 29.79 -15.00
CA PRO D 225 33.62 30.60 -15.08
C PRO D 225 34.84 29.72 -15.10
N PRO D 226 35.98 30.24 -15.56
CA PRO D 226 37.19 29.40 -15.63
C PRO D 226 37.68 28.89 -14.28
N GLU D 227 37.32 29.56 -13.17
CA GLU D 227 37.71 29.07 -11.86
C GLU D 227 37.02 27.78 -11.46
N ALA D 228 35.90 27.44 -12.09
CA ALA D 228 35.20 26.27 -11.60
C ALA D 228 35.89 24.99 -12.09
N PRO D 229 35.81 23.94 -11.29
CA PRO D 229 36.39 22.64 -11.71
C PRO D 229 35.79 22.14 -13.01
N VAL D 230 36.66 21.61 -13.87
CA VAL D 230 36.20 21.04 -15.12
C VAL D 230 35.43 19.75 -14.88
N THR D 231 35.59 19.15 -13.70
CA THR D 231 34.92 17.88 -13.41
C THR D 231 33.41 18.13 -13.41
N GLY D 232 32.66 17.13 -13.87
CA GLY D 232 31.21 17.24 -13.85
C GLY D 232 30.60 17.85 -15.09
N TYR D 233 31.40 18.36 -16.04
CA TYR D 233 30.87 18.84 -17.32
C TYR D 233 31.20 17.76 -18.36
N MET D 234 30.20 16.97 -18.72
CA MET D 234 30.42 15.85 -19.62
C MET D 234 30.97 16.34 -20.97
N PHE D 235 30.52 17.50 -21.42
CA PHE D 235 30.93 18.02 -22.72
C PHE D 235 31.57 19.39 -22.59
N GLY D 236 32.24 19.63 -21.45
CA GLY D 236 32.90 20.89 -21.20
C GLY D 236 31.94 21.97 -20.72
N LYS D 237 32.46 23.18 -20.62
CA LYS D 237 31.72 24.33 -20.11
C LYS D 237 30.86 24.96 -21.21
N GLY D 238 29.56 24.72 -21.14
CA GLY D 238 28.58 25.31 -22.03
C GLY D 238 27.22 25.44 -21.38
N ILE D 239 26.18 25.69 -22.16
CA ILE D 239 24.80 25.69 -21.68
C ILE D 239 24.14 24.40 -22.13
N TYR D 240 23.57 23.66 -21.20
CA TYR D 240 23.06 22.32 -21.45
C TYR D 240 21.53 22.31 -21.55
N PHE D 241 21.00 21.52 -22.49
CA PHE D 241 19.57 21.41 -22.69
C PHE D 241 19.21 19.94 -22.92
N ALA D 242 17.97 19.60 -22.59
CA ALA D 242 17.40 18.29 -22.86
C ALA D 242 16.20 18.39 -23.79
N ASP D 243 15.89 17.30 -24.49
CA ASP D 243 14.61 17.18 -25.19
C ASP D 243 13.61 16.32 -24.43
N MET D 244 14.00 15.84 -23.25
CA MET D 244 13.12 15.13 -22.30
C MET D 244 12.95 16.03 -21.09
N VAL D 245 11.69 16.35 -20.76
CA VAL D 245 11.42 17.32 -19.70
C VAL D 245 12.01 16.85 -18.36
N SER D 246 11.97 15.55 -18.09
CA SER D 246 12.40 15.09 -16.76
C SER D 246 13.93 15.13 -16.60
N LYS D 247 14.69 14.97 -17.69
CA LYS D 247 16.14 15.13 -17.59
C LYS D 247 16.50 16.55 -17.15
N SER D 248 15.79 17.55 -17.66
CA SER D 248 15.98 18.92 -17.17
C SER D 248 15.30 19.11 -15.83
N ALA D 249 14.14 18.48 -15.64
CA ALA D 249 13.43 18.64 -14.39
C ALA D 249 14.20 18.06 -13.22
N ASN D 250 15.03 17.04 -13.47
CA ASN D 250 15.94 16.53 -12.43
C ASN D 250 16.86 17.61 -11.90
N TYR D 251 17.16 18.63 -12.71
CA TYR D 251 18.04 19.71 -12.27
C TYR D 251 17.30 20.79 -11.50
N CYS D 252 15.98 20.64 -11.31
CA CYS D 252 15.28 21.56 -10.42
C CYS D 252 15.61 21.30 -8.95
N HIS D 253 16.12 20.11 -8.61
CA HIS D 253 16.42 19.74 -7.24
C HIS D 253 15.24 19.99 -6.31
N THR D 254 14.06 19.52 -6.73
CA THR D 254 12.87 19.54 -5.92
C THR D 254 12.78 18.31 -5.03
N SER D 255 11.91 18.39 -4.02
CA SER D 255 11.70 17.33 -3.04
C SER D 255 10.21 17.13 -2.85
N GLN D 256 9.83 16.18 -1.98
CA GLN D 256 8.44 16.12 -1.57
C GLN D 256 8.10 17.32 -0.70
N GLY D 257 9.10 17.85 0.02
CA GLY D 257 8.89 19.03 0.84
C GLY D 257 8.64 20.30 0.04
N ASP D 258 9.40 20.49 -1.03
CA ASP D 258 9.16 21.56 -2.00
C ASP D 258 9.00 20.89 -3.36
N PRO D 259 7.76 20.57 -3.75
CA PRO D 259 7.56 19.82 -4.99
C PRO D 259 7.23 20.70 -6.19
N ILE D 260 7.48 22.00 -6.09
CA ILE D 260 7.30 22.96 -7.18
C ILE D 260 8.66 23.47 -7.62
N GLY D 261 8.88 23.40 -8.93
CA GLY D 261 10.10 23.85 -9.54
C GLY D 261 9.74 24.68 -10.76
N LEU D 262 10.78 25.32 -11.30
CA LEU D 262 10.71 26.17 -12.47
C LEU D 262 11.62 25.60 -13.55
N ILE D 263 11.11 25.58 -14.78
CA ILE D 263 11.86 25.05 -15.91
C ILE D 263 11.71 25.97 -17.12
N LEU D 264 12.80 26.10 -17.89
CA LEU D 264 12.82 26.99 -19.03
C LEU D 264 12.60 26.24 -20.33
N LEU D 265 11.92 26.90 -21.27
CA LEU D 265 11.94 26.49 -22.66
C LEU D 265 12.77 27.50 -23.43
N GLY D 266 13.84 27.02 -24.04
CA GLY D 266 14.75 27.89 -24.80
C GLY D 266 14.76 27.54 -26.27
N GLU D 267 14.80 28.58 -27.11
CA GLU D 267 15.15 28.38 -28.50
C GLU D 267 16.67 28.39 -28.60
N VAL D 268 17.23 27.27 -29.06
CA VAL D 268 18.66 27.06 -29.12
C VAL D 268 19.03 26.86 -30.58
N ALA D 269 19.93 27.70 -31.09
CA ALA D 269 20.39 27.59 -32.46
C ALA D 269 21.51 26.55 -32.51
N LEU D 270 21.16 25.30 -32.81
CA LEU D 270 22.14 24.21 -32.75
C LEU D 270 23.01 24.16 -34.01
N GLY D 271 22.46 24.52 -35.16
CA GLY D 271 23.24 24.45 -36.40
C GLY D 271 23.72 23.05 -36.66
N ASN D 272 24.99 22.94 -37.07
CA ASN D 272 25.65 21.66 -37.29
C ASN D 272 26.08 21.08 -35.96
N MET D 273 25.47 19.96 -35.57
CA MET D 273 25.68 19.36 -34.27
C MET D 273 26.89 18.43 -34.30
N TYR D 274 27.84 18.66 -33.39
CA TYR D 274 28.95 17.73 -33.15
C TYR D 274 28.40 16.57 -32.33
N GLU D 275 28.14 15.45 -32.99
CA GLU D 275 27.43 14.33 -32.38
C GLU D 275 28.42 13.42 -31.67
N LEU D 276 28.16 13.18 -30.38
CA LEU D 276 29.05 12.42 -29.52
C LEU D 276 28.25 11.44 -28.66
N LYS D 277 28.85 10.25 -28.46
CA LYS D 277 28.30 9.21 -27.64
C LYS D 277 28.99 9.08 -26.28
N HIS D 278 30.12 9.78 -26.07
CA HIS D 278 30.82 9.71 -24.80
C HIS D 278 31.44 11.07 -24.46
N ALA D 279 31.75 11.25 -23.18
CA ALA D 279 32.28 12.51 -22.67
C ALA D 279 33.48 13.02 -23.46
N SER D 280 33.43 14.30 -23.80
CA SER D 280 34.56 15.01 -24.41
C SER D 280 34.56 16.42 -23.85
N HIS D 281 35.69 16.91 -23.37
CA HIS D 281 35.69 18.25 -22.76
C HIS D 281 35.99 19.28 -23.84
N ILE D 282 34.93 19.78 -24.47
CA ILE D 282 35.03 20.69 -25.60
C ILE D 282 35.63 22.01 -25.12
N SER D 283 36.80 22.36 -25.64
CA SER D 283 37.34 23.71 -25.51
C SER D 283 36.94 24.57 -26.70
N LYS D 284 37.09 24.06 -27.91
CA LYS D 284 36.58 24.71 -29.10
C LYS D 284 35.98 23.63 -29.98
N LEU D 285 34.91 23.95 -30.66
CA LEU D 285 34.22 22.97 -31.47
C LEU D 285 34.98 22.79 -32.79
N PRO D 286 34.82 21.65 -33.43
CA PRO D 286 35.29 21.55 -34.82
C PRO D 286 34.71 22.71 -35.62
N LYS D 287 35.54 23.30 -36.47
CA LYS D 287 35.08 24.36 -37.37
C LYS D 287 33.91 23.86 -38.20
N GLY D 288 32.89 24.70 -38.32
CA GLY D 288 31.67 24.38 -39.02
C GLY D 288 30.58 23.77 -38.18
N LYS D 289 30.87 23.38 -36.95
CA LYS D 289 29.90 22.84 -36.01
C LYS D 289 29.52 23.94 -35.02
N HIS D 290 28.25 23.98 -34.63
CA HIS D 290 27.78 25.04 -33.74
C HIS D 290 27.31 24.57 -32.38
N SER D 291 27.17 23.26 -32.19
CA SER D 291 26.68 22.70 -30.94
C SER D 291 27.18 21.26 -30.84
N VAL D 292 27.03 20.70 -29.64
CA VAL D 292 27.25 19.28 -29.40
C VAL D 292 25.88 18.64 -29.14
N LYS D 293 25.63 17.50 -29.75
CA LYS D 293 24.51 16.67 -29.36
C LYS D 293 25.09 15.41 -28.72
N GLY D 294 24.87 15.25 -27.42
CA GLY D 294 25.16 13.99 -26.76
C GLY D 294 24.06 13.01 -27.11
N LEU D 295 24.42 11.87 -27.67
CA LEU D 295 23.45 10.96 -28.26
C LEU D 295 22.91 10.00 -27.20
N GLY D 296 21.60 10.04 -26.99
CA GLY D 296 20.99 9.13 -26.04
C GLY D 296 20.57 7.82 -26.67
N LYS D 297 20.32 6.82 -25.80
CA LYS D 297 19.78 5.56 -26.30
C LYS D 297 18.33 5.70 -26.71
N THR D 298 17.64 6.67 -26.14
CA THR D 298 16.25 7.00 -26.46
C THR D 298 16.18 8.43 -26.96
N THR D 299 15.38 8.66 -28.02
CA THR D 299 15.20 9.95 -28.66
C THR D 299 13.72 10.18 -28.89
N PRO D 300 13.27 11.44 -28.87
CA PRO D 300 11.86 11.71 -29.18
C PRO D 300 11.49 11.26 -30.58
N ASP D 301 10.28 10.72 -30.71
CA ASP D 301 9.82 10.16 -31.97
C ASP D 301 9.77 11.23 -33.07
N PRO D 302 10.63 11.15 -34.09
CA PRO D 302 10.59 12.17 -35.15
C PRO D 302 9.26 12.24 -35.84
N SER D 303 8.45 11.17 -35.76
CA SER D 303 7.12 11.19 -36.38
C SER D 303 6.25 12.29 -35.78
N ALA D 304 6.41 12.59 -34.49
CA ALA D 304 5.57 13.57 -33.81
C ALA D 304 6.20 14.96 -33.75
N ASN D 305 7.32 15.20 -34.43
CA ASN D 305 7.92 16.53 -34.40
C ASN D 305 6.98 17.54 -35.07
N ILE D 306 6.84 18.71 -34.44
CA ILE D 306 6.02 19.79 -34.97
C ILE D 306 6.87 21.05 -34.99
N SER D 307 6.47 21.99 -35.82
CA SER D 307 7.16 23.27 -35.97
C SER D 307 6.30 24.37 -35.38
N LEU D 308 6.88 25.16 -34.50
CA LEU D 308 6.20 26.21 -33.76
C LEU D 308 6.95 27.51 -34.00
N ASP D 309 6.38 28.39 -34.82
CA ASP D 309 7.05 29.62 -35.23
C ASP D 309 8.40 29.30 -35.85
N GLY D 310 8.42 28.27 -36.71
CA GLY D 310 9.65 27.89 -37.38
C GLY D 310 10.71 27.30 -36.48
N VAL D 311 10.34 26.86 -35.28
CA VAL D 311 11.27 26.23 -34.34
C VAL D 311 10.78 24.81 -34.09
N ASP D 312 11.72 23.86 -34.15
CA ASP D 312 11.38 22.46 -33.92
C ASP D 312 11.05 22.23 -32.45
N VAL D 313 9.95 21.53 -32.20
CA VAL D 313 9.55 21.08 -30.87
C VAL D 313 9.52 19.55 -30.88
N PRO D 314 10.56 18.89 -30.33
CA PRO D 314 10.61 17.41 -30.38
C PRO D 314 9.62 16.76 -29.43
N LEU D 315 8.35 16.71 -29.87
CA LEU D 315 7.22 16.32 -29.01
C LEU D 315 7.00 14.82 -28.92
N GLY D 316 7.72 14.01 -29.69
CA GLY D 316 7.43 12.60 -29.72
C GLY D 316 7.89 11.86 -28.46
N THR D 317 7.14 10.78 -28.17
CA THR D 317 7.52 9.80 -27.15
C THR D 317 8.82 9.11 -27.53
N GLY D 318 9.52 8.63 -26.52
CA GLY D 318 10.77 7.94 -26.74
C GLY D 318 10.70 6.67 -27.55
N ILE D 319 11.52 6.60 -28.60
CA ILE D 319 11.71 5.40 -29.40
C ILE D 319 13.18 5.07 -29.39
N SER D 320 13.50 3.82 -29.75
CA SER D 320 14.89 3.44 -29.87
C SER D 320 15.56 4.37 -30.86
N SER D 321 16.79 4.75 -30.57
CA SER D 321 17.52 5.64 -31.46
C SER D 321 18.39 4.89 -32.44
N GLY D 322 18.51 3.56 -32.28
CA GLY D 322 19.45 2.78 -33.06
C GLY D 322 20.89 2.94 -32.64
N VAL D 323 21.15 3.73 -31.61
CA VAL D 323 22.47 3.87 -30.99
C VAL D 323 22.41 3.20 -29.63
N ASN D 324 23.03 2.03 -29.49
CA ASN D 324 23.13 1.36 -28.20
C ASN D 324 24.46 1.63 -27.50
N ASP D 325 25.49 2.04 -28.24
CA ASP D 325 26.84 2.26 -27.72
C ASP D 325 27.05 3.69 -27.22
N THR D 326 26.21 4.11 -26.27
CA THR D 326 26.32 5.46 -25.73
C THR D 326 26.30 5.44 -24.21
N SER D 327 27.01 6.41 -23.63
CA SER D 327 27.02 6.65 -22.20
C SER D 327 25.76 7.36 -21.71
N LEU D 328 24.79 7.60 -22.58
CA LEU D 328 23.65 8.45 -22.22
C LEU D 328 22.34 7.70 -22.42
N LEU D 329 21.48 7.78 -21.40
CA LEU D 329 20.11 7.29 -21.56
C LEU D 329 19.34 8.18 -22.54
N TYR D 330 19.50 9.50 -22.41
CA TYR D 330 18.72 10.46 -23.19
C TYR D 330 19.65 11.49 -23.82
N ASN D 331 19.17 12.12 -24.91
CA ASN D 331 19.97 13.15 -25.59
C ASN D 331 20.27 14.33 -24.66
N GLU D 332 21.32 15.07 -24.99
CA GLU D 332 21.48 16.40 -24.44
C GLU D 332 22.17 17.30 -25.46
N TYR D 333 22.00 18.60 -25.28
CA TYR D 333 22.52 19.54 -26.26
C TYR D 333 23.26 20.66 -25.55
N ILE D 334 24.40 21.05 -26.11
CA ILE D 334 25.26 22.05 -25.51
C ILE D 334 25.63 23.07 -26.57
N VAL D 335 25.61 24.35 -26.20
CA VAL D 335 26.19 25.41 -27.02
C VAL D 335 27.23 26.14 -26.18
N TYR D 336 28.20 26.72 -26.87
CA TYR D 336 29.37 27.27 -26.20
C TYR D 336 29.43 28.79 -26.31
N ASP D 337 28.35 29.40 -26.75
CA ASP D 337 28.21 30.85 -26.85
C ASP D 337 26.86 31.22 -26.27
N ILE D 338 26.83 32.08 -25.24
CA ILE D 338 25.57 32.39 -24.59
C ILE D 338 24.57 33.03 -25.55
N ALA D 339 25.06 33.65 -26.63
CA ALA D 339 24.20 34.30 -27.61
C ALA D 339 23.44 33.32 -28.49
N GLN D 340 23.71 32.01 -28.37
CA GLN D 340 23.00 31.03 -29.16
C GLN D 340 21.70 30.58 -28.51
N VAL D 341 21.31 31.20 -27.40
CA VAL D 341 20.13 30.80 -26.66
C VAL D 341 19.17 31.99 -26.62
N ASN D 342 17.93 31.78 -27.03
CA ASN D 342 16.86 32.76 -26.87
C ASN D 342 15.73 32.16 -26.04
N LEU D 343 15.59 32.61 -24.80
CA LEU D 343 14.58 32.06 -23.90
C LEU D 343 13.17 32.43 -24.35
N LYS D 344 12.26 31.44 -24.32
CA LYS D 344 10.89 31.60 -24.84
C LYS D 344 9.83 31.43 -23.78
N TYR D 345 9.87 30.35 -23.01
CA TYR D 345 8.85 30.06 -22.02
C TYR D 345 9.47 29.71 -20.69
N LEU D 346 8.72 29.99 -19.62
CA LEU D 346 9.07 29.59 -18.27
C LEU D 346 7.88 28.82 -17.69
N LEU D 347 8.13 27.60 -17.21
CA LEU D 347 7.06 26.76 -16.67
C LEU D 347 7.23 26.55 -15.16
N LYS D 348 6.15 26.75 -14.41
CA LYS D 348 6.06 26.33 -13.02
C LYS D 348 5.47 24.91 -13.00
N LEU D 349 6.25 23.95 -12.48
CA LEU D 349 5.89 22.54 -12.53
C LEU D 349 5.61 21.99 -11.13
N LYS D 350 4.64 21.09 -11.02
CA LYS D 350 4.42 20.31 -9.81
C LYS D 350 5.01 18.92 -9.97
N PHE D 351 5.80 18.50 -8.98
CA PHE D 351 6.32 17.14 -8.94
C PHE D 351 5.47 16.33 -7.97
N ASN D 352 4.87 15.25 -8.44
CA ASN D 352 4.08 14.37 -7.60
C ASN D 352 4.79 13.01 -7.59
N PHE D 353 5.52 12.73 -6.53
CA PHE D 353 6.33 11.51 -6.47
C PHE D 353 5.49 10.30 -6.05
#